data_1VCY
# 
_entry.id   1VCY 
# 
_audit_conform.dict_name       mmcif_pdbx.dic 
_audit_conform.dict_version    5.380 
_audit_conform.dict_location   http://mmcif.pdb.org/dictionaries/ascii/mmcif_pdbx.dic 
# 
loop_
_database_2.database_id 
_database_2.database_code 
_database_2.pdbx_database_accession 
_database_2.pdbx_DOI 
PDB   1VCY         pdb_00001vcy 10.2210/pdb1vcy/pdb 
RCSB  RCSB006476   ?            ?                   
WWPDB D_1000006476 ?            ?                   
# 
loop_
_pdbx_database_related.db_name 
_pdbx_database_related.db_id 
_pdbx_database_related.details 
_pdbx_database_related.content_type 
PDB 1PP0 'VVA2 (ingot crystal form)'   unspecified 
PDB 1PP6 'VVA2 (strip crystal form)'   unspecified 
PDB 1VGF 'VVA2 (diamond crystal form)' unspecified 
# 
_pdbx_database_status.entry_id                        1VCY 
_pdbx_database_status.deposit_site                    PDBJ 
_pdbx_database_status.process_site                    PDBJ 
_pdbx_database_status.recvd_initial_deposition_date   2004-03-17 
_pdbx_database_status.status_code                     REL 
_pdbx_database_status.status_code_sf                  REL 
_pdbx_database_status.SG_entry                        . 
_pdbx_database_status.pdb_format_compatible           Y 
_pdbx_database_status.status_code_mr                  ? 
_pdbx_database_status.status_code_cs                  ? 
_pdbx_database_status.methods_development_category    ? 
_pdbx_database_status.status_code_nmr_data            ? 
# 
loop_
_audit_author.name 
_audit_author.pdbx_ordinal 
'Lin, S.-C.'  1 
'Lo, Y.-C.'   2 
'Lin, J.-Y.'  3 
'Liaw, Y.-C.' 4 
# 
_citation.id                        primary 
_citation.title                     'Crystal structures and electron micrographs of fungal volvatoxin A2' 
_citation.journal_abbrev            J.Mol.Biol. 
_citation.journal_volume            343 
_citation.page_first                477 
_citation.page_last                 491 
_citation.year                      2004 
_citation.journal_id_ASTM           JMOBAK 
_citation.country                   UK 
_citation.journal_id_ISSN           0022-2836 
_citation.journal_id_CSD            0070 
_citation.book_publisher            ? 
_citation.pdbx_database_id_PubMed   15451675 
_citation.pdbx_database_id_DOI      10.1016/j.jmb.2004.08.045 
# 
loop_
_citation_author.citation_id 
_citation_author.name 
_citation_author.ordinal 
_citation_author.identifier_ORCID 
primary 'Lin, S.-C.'  1 ? 
primary 'Lo, Y.-C.'   2 ? 
primary 'Lin, J.-Y.'  3 ? 
primary 'Liaw, Y.-C.' 4 ? 
# 
_cell.entry_id           1VCY 
_cell.length_a           56.107 
_cell.length_b           56.107 
_cell.length_c           132.427 
_cell.angle_alpha        90.00 
_cell.angle_beta         90.00 
_cell.angle_gamma        90.00 
_cell.pdbx_unique_axis   ? 
_cell.Z_PDB              8 
# 
_symmetry.entry_id                         1VCY 
_symmetry.space_group_name_H-M             'P 42 2 2' 
_symmetry.pdbx_full_space_group_name_H-M   ? 
_symmetry.Int_Tables_number                93 
_symmetry.cell_setting                     ? 
_symmetry.space_group_name_Hall            ? 
# 
loop_
_entity.id 
_entity.type 
_entity.src_method 
_entity.pdbx_description 
_entity.formula_weight 
_entity.pdbx_number_of_molecules 
_entity.pdbx_ec 
_entity.pdbx_mutation 
_entity.pdbx_fragment 
_entity.details 
1 polymer     nat 'volvatoxin A2' 23968.783 1  ? ? ? isoform 
2 non-polymer syn 'MALONATE ION'  102.046   5  ? ? ? ?       
3 water       nat water           18.015    17 ? ? ? ?       
# 
_entity_poly.entity_id                      1 
_entity_poly.type                           'polypeptide(L)' 
_entity_poly.nstd_linkage                   no 
_entity_poly.nstd_monomer                   no 
_entity_poly.pdbx_seq_one_letter_code       
;MSESELKVNQAVAAASDDNVFQPVDQLPEDLIPSSIQVLKFSGKYLKLEQNKAYFDWPEFKTAIDNYTGEDLSFDKYDQS
TINQREQEVGSMVDKIAKFLRDAFSAVVDLSKLGAIILNTFTNLEEESSSGFLQFSTNNVKKNSSWEYRVLFSVPFGDNA
PSYFYSLVTTILITADIEEKTGWWGLTSSTKKNFAVQIDALELVVKKGFKAPN
;
_entity_poly.pdbx_seq_one_letter_code_can   
;MSESELKVNQAVAAASDDNVFQPVDQLPEDLIPSSIQVLKFSGKYLKLEQNKAYFDWPEFKTAIDNYTGEDLSFDKYDQS
TINQREQEVGSMVDKIAKFLRDAFSAVVDLSKLGAIILNTFTNLEEESSSGFLQFSTNNVKKNSSWEYRVLFSVPFGDNA
PSYFYSLVTTILITADIEEKTGWWGLTSSTKKNFAVQIDALELVVKKGFKAPN
;
_entity_poly.pdbx_strand_id                 A 
_entity_poly.pdbx_target_identifier         ? 
# 
loop_
_entity_poly_seq.entity_id 
_entity_poly_seq.num 
_entity_poly_seq.mon_id 
_entity_poly_seq.hetero 
1 1   MET n 
1 2   SER n 
1 3   GLU n 
1 4   SER n 
1 5   GLU n 
1 6   LEU n 
1 7   LYS n 
1 8   VAL n 
1 9   ASN n 
1 10  GLN n 
1 11  ALA n 
1 12  VAL n 
1 13  ALA n 
1 14  ALA n 
1 15  ALA n 
1 16  SER n 
1 17  ASP n 
1 18  ASP n 
1 19  ASN n 
1 20  VAL n 
1 21  PHE n 
1 22  GLN n 
1 23  PRO n 
1 24  VAL n 
1 25  ASP n 
1 26  GLN n 
1 27  LEU n 
1 28  PRO n 
1 29  GLU n 
1 30  ASP n 
1 31  LEU n 
1 32  ILE n 
1 33  PRO n 
1 34  SER n 
1 35  SER n 
1 36  ILE n 
1 37  GLN n 
1 38  VAL n 
1 39  LEU n 
1 40  LYS n 
1 41  PHE n 
1 42  SER n 
1 43  GLY n 
1 44  LYS n 
1 45  TYR n 
1 46  LEU n 
1 47  LYS n 
1 48  LEU n 
1 49  GLU n 
1 50  GLN n 
1 51  ASN n 
1 52  LYS n 
1 53  ALA n 
1 54  TYR n 
1 55  PHE n 
1 56  ASP n 
1 57  TRP n 
1 58  PRO n 
1 59  GLU n 
1 60  PHE n 
1 61  LYS n 
1 62  THR n 
1 63  ALA n 
1 64  ILE n 
1 65  ASP n 
1 66  ASN n 
1 67  TYR n 
1 68  THR n 
1 69  GLY n 
1 70  GLU n 
1 71  ASP n 
1 72  LEU n 
1 73  SER n 
1 74  PHE n 
1 75  ASP n 
1 76  LYS n 
1 77  TYR n 
1 78  ASP n 
1 79  GLN n 
1 80  SER n 
1 81  THR n 
1 82  ILE n 
1 83  ASN n 
1 84  GLN n 
1 85  ARG n 
1 86  GLU n 
1 87  GLN n 
1 88  GLU n 
1 89  VAL n 
1 90  GLY n 
1 91  SER n 
1 92  MET n 
1 93  VAL n 
1 94  ASP n 
1 95  LYS n 
1 96  ILE n 
1 97  ALA n 
1 98  LYS n 
1 99  PHE n 
1 100 LEU n 
1 101 ARG n 
1 102 ASP n 
1 103 ALA n 
1 104 PHE n 
1 105 SER n 
1 106 ALA n 
1 107 VAL n 
1 108 VAL n 
1 109 ASP n 
1 110 LEU n 
1 111 SER n 
1 112 LYS n 
1 113 LEU n 
1 114 GLY n 
1 115 ALA n 
1 116 ILE n 
1 117 ILE n 
1 118 LEU n 
1 119 ASN n 
1 120 THR n 
1 121 PHE n 
1 122 THR n 
1 123 ASN n 
1 124 LEU n 
1 125 GLU n 
1 126 GLU n 
1 127 GLU n 
1 128 SER n 
1 129 SER n 
1 130 SER n 
1 131 GLY n 
1 132 PHE n 
1 133 LEU n 
1 134 GLN n 
1 135 PHE n 
1 136 SER n 
1 137 THR n 
1 138 ASN n 
1 139 ASN n 
1 140 VAL n 
1 141 LYS n 
1 142 LYS n 
1 143 ASN n 
1 144 SER n 
1 145 SER n 
1 146 TRP n 
1 147 GLU n 
1 148 TYR n 
1 149 ARG n 
1 150 VAL n 
1 151 LEU n 
1 152 PHE n 
1 153 SER n 
1 154 VAL n 
1 155 PRO n 
1 156 PHE n 
1 157 GLY n 
1 158 ASP n 
1 159 ASN n 
1 160 ALA n 
1 161 PRO n 
1 162 SER n 
1 163 TYR n 
1 164 PHE n 
1 165 TYR n 
1 166 SER n 
1 167 LEU n 
1 168 VAL n 
1 169 THR n 
1 170 THR n 
1 171 ILE n 
1 172 LEU n 
1 173 ILE n 
1 174 THR n 
1 175 ALA n 
1 176 ASP n 
1 177 ILE n 
1 178 GLU n 
1 179 GLU n 
1 180 LYS n 
1 181 THR n 
1 182 GLY n 
1 183 TRP n 
1 184 TRP n 
1 185 GLY n 
1 186 LEU n 
1 187 THR n 
1 188 SER n 
1 189 SER n 
1 190 THR n 
1 191 LYS n 
1 192 LYS n 
1 193 ASN n 
1 194 PHE n 
1 195 ALA n 
1 196 VAL n 
1 197 GLN n 
1 198 ILE n 
1 199 ASP n 
1 200 ALA n 
1 201 LEU n 
1 202 GLU n 
1 203 LEU n 
1 204 VAL n 
1 205 VAL n 
1 206 LYS n 
1 207 LYS n 
1 208 GLY n 
1 209 PHE n 
1 210 LYS n 
1 211 ALA n 
1 212 PRO n 
1 213 ASN n 
# 
_entity_src_nat.entity_id                  1 
_entity_src_nat.pdbx_src_id                1 
_entity_src_nat.pdbx_alt_source_flag       sample 
_entity_src_nat.pdbx_beg_seq_num           ? 
_entity_src_nat.pdbx_end_seq_num           ? 
_entity_src_nat.common_name                ? 
_entity_src_nat.pdbx_organism_scientific   'Volvariella volvacea' 
_entity_src_nat.pdbx_ncbi_taxonomy_id      36659 
_entity_src_nat.genus                      Volvariella 
_entity_src_nat.species                    ? 
_entity_src_nat.strain                     ? 
_entity_src_nat.tissue                     ? 
_entity_src_nat.tissue_fraction            ? 
_entity_src_nat.pdbx_secretion             ? 
_entity_src_nat.pdbx_fragment              ? 
_entity_src_nat.pdbx_variant               ? 
_entity_src_nat.pdbx_cell_line             ? 
_entity_src_nat.pdbx_atcc                  ? 
_entity_src_nat.pdbx_cellular_location     ? 
_entity_src_nat.pdbx_organ                 ? 
_entity_src_nat.pdbx_organelle             ? 
_entity_src_nat.pdbx_cell                  ? 
_entity_src_nat.pdbx_plasmid_name          ? 
_entity_src_nat.pdbx_plasmid_details       ? 
_entity_src_nat.details                    ? 
# 
_struct_ref.id                         1 
_struct_ref.entity_id                  1 
_struct_ref.db_name                    UNP 
_struct_ref.db_code                    Q6USC4_9AGAR 
_struct_ref.pdbx_db_accession          Q6USC4 
_struct_ref.pdbx_db_isoform            ? 
_struct_ref.pdbx_seq_one_letter_code   ? 
_struct_ref.pdbx_align_begin           ? 
# 
_struct_ref_seq.align_id                      1 
_struct_ref_seq.ref_id                        1 
_struct_ref_seq.pdbx_PDB_id_code              1VCY 
_struct_ref_seq.pdbx_strand_id                A 
_struct_ref_seq.seq_align_beg                 1 
_struct_ref_seq.pdbx_seq_align_beg_ins_code   ? 
_struct_ref_seq.seq_align_end                 213 
_struct_ref_seq.pdbx_seq_align_end_ins_code   ? 
_struct_ref_seq.pdbx_db_accession             Q6USC4 
_struct_ref_seq.db_align_beg                  1 
_struct_ref_seq.pdbx_db_align_beg_ins_code    ? 
_struct_ref_seq.db_align_end                  217 
_struct_ref_seq.pdbx_db_align_end_ins_code    ? 
_struct_ref_seq.pdbx_auth_seq_align_beg       -13 
_struct_ref_seq.pdbx_auth_seq_align_end       199 
# 
loop_
_chem_comp.id 
_chem_comp.type 
_chem_comp.mon_nstd_flag 
_chem_comp.name 
_chem_comp.pdbx_synonyms 
_chem_comp.formula 
_chem_comp.formula_weight 
ALA 'L-peptide linking' y ALANINE         ? 'C3 H7 N O2'     89.093  
ARG 'L-peptide linking' y ARGININE        ? 'C6 H15 N4 O2 1' 175.209 
ASN 'L-peptide linking' y ASPARAGINE      ? 'C4 H8 N2 O3'    132.118 
ASP 'L-peptide linking' y 'ASPARTIC ACID' ? 'C4 H7 N O4'     133.103 
GLN 'L-peptide linking' y GLUTAMINE       ? 'C5 H10 N2 O3'   146.144 
GLU 'L-peptide linking' y 'GLUTAMIC ACID' ? 'C5 H9 N O4'     147.129 
GLY 'peptide linking'   y GLYCINE         ? 'C2 H5 N O2'     75.067  
HOH non-polymer         . WATER           ? 'H2 O'           18.015  
ILE 'L-peptide linking' y ISOLEUCINE      ? 'C6 H13 N O2'    131.173 
LEU 'L-peptide linking' y LEUCINE         ? 'C6 H13 N O2'    131.173 
LYS 'L-peptide linking' y LYSINE          ? 'C6 H15 N2 O2 1' 147.195 
MET 'L-peptide linking' y METHIONINE      ? 'C5 H11 N O2 S'  149.211 
MLI non-polymer         . 'MALONATE ION'  ? 'C3 H2 O4 -2'    102.046 
PHE 'L-peptide linking' y PHENYLALANINE   ? 'C9 H11 N O2'    165.189 
PRO 'L-peptide linking' y PROLINE         ? 'C5 H9 N O2'     115.130 
SER 'L-peptide linking' y SERINE          ? 'C3 H7 N O3'     105.093 
THR 'L-peptide linking' y THREONINE       ? 'C4 H9 N O3'     119.119 
TRP 'L-peptide linking' y TRYPTOPHAN      ? 'C11 H12 N2 O2'  204.225 
TYR 'L-peptide linking' y TYROSINE        ? 'C9 H11 N O3'    181.189 
VAL 'L-peptide linking' y VALINE          ? 'C5 H11 N O2'    117.146 
# 
_exptl.entry_id          1VCY 
_exptl.crystals_number   1 
_exptl.method            'X-RAY DIFFRACTION' 
# 
_exptl_crystal.id                    1 
_exptl_crystal.density_meas          ? 
_exptl_crystal.density_percent_sol   46.65 
_exptl_crystal.density_Matthews      2.32 
_exptl_crystal.description           ? 
_exptl_crystal.F_000                 ? 
_exptl_crystal.preparation           ? 
# 
_exptl_crystal_grow.crystal_id      1 
_exptl_crystal_grow.method          'VAPOR DIFFUSION, HANGING DROP' 
_exptl_crystal_grow.pH              4.6 
_exptl_crystal_grow.temp            298 
_exptl_crystal_grow.temp_details    ? 
_exptl_crystal_grow.pdbx_details    
'ammonium sulfate, PEGMME 5000, malonic acid, pH 4.6, VAPOR DIFFUSION, HANGING DROP, temperature 298K' 
_exptl_crystal_grow.pdbx_pH_range   . 
# 
_diffrn.id                     1 
_diffrn.ambient_temp           133 
_diffrn.ambient_temp_details   ? 
_diffrn.crystal_id             1 
# 
_diffrn_detector.diffrn_id              1 
_diffrn_detector.detector               'IMAGE PLATE' 
_diffrn_detector.type                   'RIGAKU RAXIS IV' 
_diffrn_detector.pdbx_collection_date   2003-10-08 
_diffrn_detector.details                ? 
# 
_diffrn_radiation.diffrn_id                        1 
_diffrn_radiation.wavelength_id                    1 
_diffrn_radiation.pdbx_diffrn_protocol             'SINGLE WAVELENGTH' 
_diffrn_radiation.monochromator                    ? 
_diffrn_radiation.pdbx_monochromatic_or_laue_m_l   M 
_diffrn_radiation.pdbx_scattering_type             x-ray 
# 
_diffrn_radiation_wavelength.id           1 
_diffrn_radiation_wavelength.wavelength   1.5418 
_diffrn_radiation_wavelength.wt           1.0 
# 
_diffrn_source.diffrn_id                   1 
_diffrn_source.source                      'ROTATING ANODE' 
_diffrn_source.type                        'RIGAKU RU300' 
_diffrn_source.pdbx_wavelength             ? 
_diffrn_source.pdbx_wavelength_list        1.5418 
_diffrn_source.pdbx_synchrotron_site       ? 
_diffrn_source.pdbx_synchrotron_beamline   ? 
# 
_reflns.entry_id                     1VCY 
_reflns.d_resolution_high            2.60 
_reflns.d_resolution_low             29.51 
_reflns.limit_h_max                  22 
_reflns.limit_h_min                  0 
_reflns.limit_k_max                  15 
_reflns.limit_k_min                  0 
_reflns.limit_l_max                  52 
_reflns.limit_l_min                  0 
_reflns.number_all                   7054 
_reflns.observed_criterion_sigma_F   0.0 
_reflns.observed_criterion_F_max     485786.83 
_reflns.observed_criterion_F_min     0.320000 
_reflns.B_iso_Wilson_estimate        64.2 
_reflns.observed_criterion_sigma_I   -3 
_reflns.number_obs                   7022 
_reflns.percent_possible_obs         99.7 
_reflns.pdbx_Rmerge_I_obs            0.072 
_reflns.pdbx_Rsym_value              ? 
_reflns.pdbx_netI_over_sigmaI        14.1 
_reflns.pdbx_redundancy              13.5 
_reflns.R_free_details               ? 
_reflns.pdbx_chi_squared             ? 
_reflns.pdbx_scaling_rejects         ? 
_reflns.pdbx_diffrn_id               1 
_reflns.pdbx_ordinal                 1 
# 
_reflns_shell.d_res_high             2.6 
_reflns_shell.d_res_low              2.72 
_reflns_shell.percent_possible_obs   ? 
_reflns_shell.percent_possible_all   100 
_reflns_shell.Rmerge_I_obs           ? 
_reflns_shell.meanI_over_sigI_obs    ? 
_reflns_shell.pdbx_Rsym_value        ? 
_reflns_shell.pdbx_redundancy        ? 
_reflns_shell.number_unique_all      ? 
_reflns_shell.number_measured_all    ? 
_reflns_shell.number_measured_obs    ? 
_reflns_shell.number_unique_obs      ? 
_reflns_shell.pdbx_chi_squared       ? 
_reflns_shell.pdbx_diffrn_id         ? 
_reflns_shell.pdbx_ordinal           1 
# 
_refine.entry_id                                 1VCY 
_refine.ls_number_reflns_all                     7040 
_refine.ls_number_reflns_obs                     6728 
_refine.ls_percent_reflns_obs                    95.6 
_refine.ls_d_res_high                            2.60 
_refine.ls_d_res_low                             29.51 
_refine.B_iso_min                                23.32 
_refine.B_iso_max                                105.37 
_refine.B_iso_mean                               60.38 
_refine.occupancy_min                            1.00 
_refine.occupancy_max                            1.00 
_refine.aniso_B[1][1]                            8.77 
_refine.aniso_B[2][2]                            8.77 
_refine.aniso_B[3][3]                            -17.55 
_refine.aniso_B[1][2]                            0.00 
_refine.aniso_B[1][3]                            0.00 
_refine.aniso_B[2][3]                            0.00 
_refine.solvent_model_param_bsol                 48.7833 
_refine.solvent_model_param_ksol                 0.360384 
_refine.solvent_model_details                    'CNS bulk solvent model used' 
_refine.ls_R_factor_R_work                       0.225 
_refine.ls_R_factor_R_free                       0.272 
_refine.ls_R_factor_R_free_error                 0.010 
_refine.ls_number_reflns_R_free                  737 
_refine.ls_percent_reflns_R_free                 11.0 
_refine.details                                  ? 
_refine.pdbx_ls_sigma_F                          0 
_refine.pdbx_ls_sigma_I                          ? 
_refine.ls_R_factor_all                          ? 
_refine.ls_R_factor_obs                          ? 
_refine.ls_redundancy_reflns_obs                 ? 
_refine.pdbx_data_cutoff_high_absF               ? 
_refine.pdbx_data_cutoff_low_absF                ? 
_refine.ls_number_parameters                     ? 
_refine.ls_number_restraints                     ? 
_refine.ls_R_factor_R_free_error_details         ? 
_refine.pdbx_method_to_determine_struct          'MOLECULAR REPLACEMENT' 
_refine.pdbx_starting_model                      1PP0 
_refine.pdbx_ls_cross_valid_method               THROUGHOUT 
_refine.pdbx_R_Free_selection_details            random 
_refine.pdbx_stereochem_target_val_spec_case     ? 
_refine.pdbx_stereochemistry_target_values       'Engh & Huber' 
_refine.pdbx_isotropic_thermal_model             anisotropic 
_refine.correlation_coeff_Fo_to_Fc               ? 
_refine.correlation_coeff_Fo_to_Fc_free          ? 
_refine.pdbx_solvent_vdw_probe_radii             ? 
_refine.pdbx_solvent_ion_probe_radii             ? 
_refine.pdbx_solvent_shrinkage_radii             ? 
_refine.overall_SU_R_Cruickshank_DPI             ? 
_refine.overall_SU_R_free                        ? 
_refine.overall_SU_B                             ? 
_refine.overall_SU_ML                            ? 
_refine.pdbx_overall_ESU_R                       ? 
_refine.pdbx_overall_ESU_R_Free                  ? 
_refine.pdbx_data_cutoff_high_rms_absF           ? 
_refine.ls_wR_factor_R_free                      ? 
_refine.ls_wR_factor_R_work                      ? 
_refine.overall_FOM_free_R_set                   ? 
_refine.overall_FOM_work_R_set                   ? 
_refine.pdbx_refine_id                           'X-RAY DIFFRACTION' 
_refine.pdbx_diffrn_id                           1 
_refine.pdbx_TLS_residual_ADP_flag               ? 
_refine.pdbx_overall_phase_error                 ? 
_refine.pdbx_overall_SU_R_free_Cruickshank_DPI   ? 
_refine.pdbx_overall_SU_R_Blow_DPI               ? 
_refine.pdbx_overall_SU_R_free_Blow_DPI          ? 
# 
_refine_analyze.entry_id                        1VCY 
_refine_analyze.Luzzati_d_res_low_obs           5.00 
_refine_analyze.pdbx_Luzzati_d_res_high_obs     2.60 
_refine_analyze.Luzzati_coordinate_error_obs    0.36 
_refine_analyze.Luzzati_sigma_a_obs             0.45 
_refine_analyze.Luzzati_coordinate_error_free   0.44 
_refine_analyze.Luzzati_sigma_a_free            0.56 
_refine_analyze.Luzzati_d_res_low_free          ? 
_refine_analyze.number_disordered_residues      ? 
_refine_analyze.occupancy_sum_non_hydrogen      ? 
_refine_analyze.occupancy_sum_hydrogen          ? 
_refine_analyze.pdbx_refine_id                  'X-RAY DIFFRACTION' 
# 
_refine_hist.pdbx_refine_id                   'X-RAY DIFFRACTION' 
_refine_hist.cycle_id                         LAST 
_refine_hist.pdbx_number_atoms_protein        1550 
_refine_hist.pdbx_number_atoms_nucleic_acid   0 
_refine_hist.pdbx_number_atoms_ligand         35 
_refine_hist.number_atoms_solvent             17 
_refine_hist.number_atoms_total               1602 
_refine_hist.d_res_high                       2.60 
_refine_hist.d_res_low                        29.51 
# 
loop_
_refine_ls_restr.type 
_refine_ls_restr.dev_ideal 
_refine_ls_restr.dev_ideal_target 
_refine_ls_restr.number 
_refine_ls_restr.weight 
_refine_ls_restr.pdbx_refine_id 
_refine_ls_restr.pdbx_restraint_function 
c_bond_d           0.006 . ? ? 'X-RAY DIFFRACTION' ? 
c_angle_deg        1.2   . ? ? 'X-RAY DIFFRACTION' ? 
c_dihedral_angle_d 23.4  . ? ? 'X-RAY DIFFRACTION' ? 
c_improper_angle_d 0.66  . ? ? 'X-RAY DIFFRACTION' ? 
# 
loop_
_refine_ls_shell.d_res_high 
_refine_ls_shell.d_res_low 
_refine_ls_shell.number_reflns_all 
_refine_ls_shell.number_reflns_obs 
_refine_ls_shell.number_reflns_R_work 
_refine_ls_shell.percent_reflns_obs 
_refine_ls_shell.R_factor_R_work 
_refine_ls_shell.R_factor_R_free 
_refine_ls_shell.R_factor_R_free_error 
_refine_ls_shell.number_reflns_R_free 
_refine_ls_shell.percent_reflns_R_free 
_refine_ls_shell.pdbx_total_number_of_bins_used 
_refine_ls_shell.redundancy_reflns_obs 
_refine_ls_shell.pdbx_refine_id 
_refine_ls_shell.R_factor_all 
2.60 2.72  857 764 677 89.1 0.379 0.48  0.040 87  10.2 8 . 'X-RAY DIFFRACTION' . 
2.72 2.86  846 780 693 92.2 0.346 0.383 0.036 87  10.3 8 . 'X-RAY DIFFRACTION' . 
2.86 3.04  856 807 728 94.3 0.32  0.344 0.036 79  9.2  8 . 'X-RAY DIFFRACTION' . 
3.04 3.28  862 827 737 95.9 0.262 0.32  0.028 90  10.4 8 . 'X-RAY DIFFRACTION' . 
3.28 3.60  873 850 758 97.4 0.206 0.274 0.022 92  10.5 8 . 'X-RAY DIFFRACTION' . 
3.60 4.12  875 861 768 98.3 0.206 0.278 0.022 93  10.6 8 . 'X-RAY DIFFRACTION' . 
4.12 5.19  900 888 788 98.7 0.177 0.227 0.018 100 11.1 8 . 'X-RAY DIFFRACTION' . 
5.19 29.51 978 951 842 97.2 0.217 0.239 0.021 109 11.1 8 . 'X-RAY DIFFRACTION' . 
# 
_struct.entry_id                  1VCY 
_struct.title                     'VVA2 isoform' 
_struct.pdbx_model_details        ? 
_struct.pdbx_CASP_flag            ? 
_struct.pdbx_model_type_details   ? 
# 
_struct_keywords.entry_id        1VCY 
_struct_keywords.pdbx_keywords   TOXIN 
_struct_keywords.text            toxin 
# 
loop_
_struct_asym.id 
_struct_asym.pdbx_blank_PDB_chainid_flag 
_struct_asym.pdbx_modified 
_struct_asym.entity_id 
_struct_asym.details 
A N N 1 ? 
B N N 2 ? 
C N N 2 ? 
D N N 2 ? 
E N N 2 ? 
F N N 2 ? 
G N N 3 ? 
# 
_struct_biol.id                    1 
_struct_biol.pdbx_parent_biol_id   ? 
_struct_biol.details               ? 
# 
loop_
_struct_conf.conf_type_id 
_struct_conf.id 
_struct_conf.pdbx_PDB_helix_id 
_struct_conf.beg_label_comp_id 
_struct_conf.beg_label_asym_id 
_struct_conf.beg_label_seq_id 
_struct_conf.pdbx_beg_PDB_ins_code 
_struct_conf.end_label_comp_id 
_struct_conf.end_label_asym_id 
_struct_conf.end_label_seq_id 
_struct_conf.pdbx_end_PDB_ins_code 
_struct_conf.beg_auth_comp_id 
_struct_conf.beg_auth_asym_id 
_struct_conf.beg_auth_seq_id 
_struct_conf.end_auth_comp_id 
_struct_conf.end_auth_asym_id 
_struct_conf.end_auth_seq_id 
_struct_conf.pdbx_PDB_helix_class 
_struct_conf.details 
_struct_conf.pdbx_PDB_helix_length 
HELX_P HELX_P1 1 PRO A 28  ? ASP A 30  ? PRO A 14  ASP A 16  5 ? 3  
HELX_P HELX_P2 2 LEU A 31  ? LYS A 44  ? LEU A 17  LYS A 30  1 ? 14 
HELX_P HELX_P3 3 ASP A 56  ? ASN A 66  ? ASP A 42  ASN A 52  1 ? 11 
HELX_P HELX_P4 4 VAL A 89  ? PHE A 104 ? VAL A 75  PHE A 90  1 ? 16 
HELX_P HELX_P5 5 LEU A 110 ? ASN A 123 ? LEU A 96  ASN A 109 1 ? 14 
HELX_P HELX_P6 6 ASN A 123 ? SER A 128 ? ASN A 109 SER A 114 1 ? 6  
HELX_P HELX_P7 7 GLU A 179 ? TRP A 184 ? GLU A 165 TRP A 170 5 ? 6  
# 
_struct_conf_type.id          HELX_P 
_struct_conf_type.criteria    ? 
_struct_conf_type.reference   ? 
# 
loop_
_struct_sheet.id 
_struct_sheet.type 
_struct_sheet.number_strands 
_struct_sheet.details 
A ? 5 ? 
B ? 3 ? 
C ? 2 ? 
# 
loop_
_struct_sheet_order.sheet_id 
_struct_sheet_order.range_id_1 
_struct_sheet_order.range_id_2 
_struct_sheet_order.offset 
_struct_sheet_order.sense 
A 1 2 ? parallel      
A 2 3 ? anti-parallel 
A 3 4 ? anti-parallel 
A 4 5 ? anti-parallel 
B 1 2 ? parallel      
B 2 3 ? anti-parallel 
C 1 2 ? anti-parallel 
# 
loop_
_struct_sheet_range.sheet_id 
_struct_sheet_range.id 
_struct_sheet_range.beg_label_comp_id 
_struct_sheet_range.beg_label_asym_id 
_struct_sheet_range.beg_label_seq_id 
_struct_sheet_range.pdbx_beg_PDB_ins_code 
_struct_sheet_range.end_label_comp_id 
_struct_sheet_range.end_label_asym_id 
_struct_sheet_range.end_label_seq_id 
_struct_sheet_range.pdbx_end_PDB_ins_code 
_struct_sheet_range.beg_auth_comp_id 
_struct_sheet_range.beg_auth_asym_id 
_struct_sheet_range.beg_auth_seq_id 
_struct_sheet_range.end_auth_comp_id 
_struct_sheet_range.end_auth_asym_id 
_struct_sheet_range.end_auth_seq_id 
A 1 GLN A 22  ? ASP A 25  ? GLN A 8   ASP A 11  
A 2 ASN A 143 ? PRO A 155 ? ASN A 129 PRO A 141 
A 3 TYR A 163 ? ALA A 175 ? TYR A 149 ALA A 161 
A 4 LYS A 191 ? LYS A 206 ? LYS A 177 LYS A 192 
A 5 LEU A 72  ? GLU A 88  ? LEU A 58  GLU A 74  
B 1 GLN A 22  ? ASP A 25  ? GLN A 8   ASP A 11  
B 2 ASN A 143 ? PRO A 155 ? ASN A 129 PRO A 141 
B 3 LEU A 133 ? ASN A 138 ? LEU A 119 ASN A 124 
C 1 LEU A 46  ? GLU A 49  ? LEU A 32  GLU A 35  
C 2 LYS A 52  ? PHE A 55  ? LYS A 38  PHE A 41  
# 
loop_
_pdbx_struct_sheet_hbond.sheet_id 
_pdbx_struct_sheet_hbond.range_id_1 
_pdbx_struct_sheet_hbond.range_id_2 
_pdbx_struct_sheet_hbond.range_1_label_atom_id 
_pdbx_struct_sheet_hbond.range_1_label_comp_id 
_pdbx_struct_sheet_hbond.range_1_label_asym_id 
_pdbx_struct_sheet_hbond.range_1_label_seq_id 
_pdbx_struct_sheet_hbond.range_1_PDB_ins_code 
_pdbx_struct_sheet_hbond.range_1_auth_atom_id 
_pdbx_struct_sheet_hbond.range_1_auth_comp_id 
_pdbx_struct_sheet_hbond.range_1_auth_asym_id 
_pdbx_struct_sheet_hbond.range_1_auth_seq_id 
_pdbx_struct_sheet_hbond.range_2_label_atom_id 
_pdbx_struct_sheet_hbond.range_2_label_comp_id 
_pdbx_struct_sheet_hbond.range_2_label_asym_id 
_pdbx_struct_sheet_hbond.range_2_label_seq_id 
_pdbx_struct_sheet_hbond.range_2_PDB_ins_code 
_pdbx_struct_sheet_hbond.range_2_auth_atom_id 
_pdbx_struct_sheet_hbond.range_2_auth_comp_id 
_pdbx_struct_sheet_hbond.range_2_auth_asym_id 
_pdbx_struct_sheet_hbond.range_2_auth_seq_id 
A 1 2 N GLN A 22  ? N GLN A 8   O ARG A 149 ? O ARG A 135 
A 2 3 N VAL A 154 ? N VAL A 140 O TYR A 165 ? O TYR A 151 
A 3 4 N PHE A 164 ? N PHE A 150 O VAL A 205 ? O VAL A 191 
A 4 5 O VAL A 196 ? O VAL A 182 N ILE A 82  ? N ILE A 68  
B 1 2 N GLN A 22  ? N GLN A 8   O ARG A 149 ? O ARG A 135 
B 2 3 O ASN A 143 ? O ASN A 129 N ASN A 138 ? N ASN A 124 
C 1 2 N LYS A 47  ? N LYS A 33  O TYR A 54  ? O TYR A 40  
# 
loop_
_struct_site.id 
_struct_site.pdbx_evidence_code 
_struct_site.pdbx_auth_asym_id 
_struct_site.pdbx_auth_comp_id 
_struct_site.pdbx_auth_seq_id 
_struct_site.pdbx_auth_ins_code 
_struct_site.pdbx_num_residues 
_struct_site.details 
AC1 Software A MLI 1001 ? 7 'BINDING SITE FOR RESIDUE MLI A 1001' 
AC2 Software A MLI 1002 ? 2 'BINDING SITE FOR RESIDUE MLI A 1002' 
AC3 Software A MLI 1003 ? 6 'BINDING SITE FOR RESIDUE MLI A 1003' 
AC4 Software A MLI 1004 ? 5 'BINDING SITE FOR RESIDUE MLI A 1004' 
AC5 Software A MLI 1005 ? 5 'BINDING SITE FOR RESIDUE MLI A 1005' 
# 
loop_
_struct_site_gen.id 
_struct_site_gen.site_id 
_struct_site_gen.pdbx_num_res 
_struct_site_gen.label_comp_id 
_struct_site_gen.label_asym_id 
_struct_site_gen.label_seq_id 
_struct_site_gen.pdbx_auth_ins_code 
_struct_site_gen.auth_comp_id 
_struct_site_gen.auth_asym_id 
_struct_site_gen.auth_seq_id 
_struct_site_gen.label_atom_id 
_struct_site_gen.label_alt_id 
_struct_site_gen.symmetry 
_struct_site_gen.details 
1  AC1 7 ASP A 75  ? ASP A 61   . ? 1_555 ? 
2  AC1 7 LYS A 76  ? LYS A 62   . ? 1_555 ? 
3  AC1 7 ARG A 85  ? ARG A 71   . ? 2_655 ? 
4  AC1 7 ALA A 103 ? ALA A 89   . ? 1_555 ? 
5  AC1 7 PHE A 104 ? PHE A 90   . ? 1_555 ? 
6  AC1 7 SER A 105 ? SER A 91   . ? 1_555 ? 
7  AC1 7 GLU A 202 ? GLU A 188  . ? 1_555 ? 
8  AC2 2 SER A 145 ? SER A 131  . ? 1_555 ? 
9  AC2 2 LEU A 172 ? LEU A 158  . ? 1_555 ? 
10 AC3 6 LYS A 61  ? LYS A 47   . ? 1_555 ? 
11 AC3 6 ASP A 65  ? ASP A 51   . ? 1_555 ? 
12 AC3 6 TYR A 77  ? TYR A 63   . ? 1_555 ? 
13 AC3 6 THR A 81  ? THR A 67   . ? 2_655 ? 
14 AC3 6 GLN A 197 ? GLN A 183  . ? 2_655 ? 
15 AC3 6 MLI E .   ? MLI A 1004 . ? 1_555 ? 
16 AC4 5 ASP A 65  ? ASP A 51   . ? 1_555 ? 
17 AC4 5 PHE A 74  ? PHE A 60   . ? 1_555 ? 
18 AC4 5 THR A 81  ? THR A 67   . ? 2_655 ? 
19 AC4 5 ASN A 83  ? ASN A 69   . ? 2_655 ? 
20 AC4 5 MLI D .   ? MLI A 1003 . ? 1_555 ? 
21 AC5 5 ILE A 177 ? ILE A 163  . ? 1_555 ? 
22 AC5 5 GLU A 178 ? GLU A 164  . ? 1_555 ? 
23 AC5 5 GLU A 179 ? GLU A 165  . ? 1_555 ? 
24 AC5 5 GLY A 182 ? GLY A 168  . ? 1_555 ? 
25 AC5 5 LYS A 192 ? LYS A 178  . ? 1_555 ? 
# 
_atom_sites.entry_id                    1VCY 
_atom_sites.fract_transf_matrix[1][1]   0.01074545 
_atom_sites.fract_transf_matrix[1][2]   -0.01037739 
_atom_sites.fract_transf_matrix[1][3]   -0.00972134 
_atom_sites.fract_transf_matrix[2][1]   0.00760321 
_atom_sites.fract_transf_matrix[2][2]   0.01448988 
_atom_sites.fract_transf_matrix[2][3]   -0.00706356 
_atom_sites.fract_transf_matrix[3][1]   0.00509080 
_atom_sites.fract_transf_matrix[3][2]   0.00004725 
_atom_sites.fract_transf_matrix[3][3]   0.00557666 
_atom_sites.fract_transf_vector[1]      0.506451 
_atom_sites.fract_transf_vector[2]      0.247709 
_atom_sites.fract_transf_vector[3]      0.138397 
# 
loop_
_atom_type.symbol 
C 
N 
O 
S 
# 
loop_
_atom_site.group_PDB 
_atom_site.id 
_atom_site.type_symbol 
_atom_site.label_atom_id 
_atom_site.label_alt_id 
_atom_site.label_comp_id 
_atom_site.label_asym_id 
_atom_site.label_entity_id 
_atom_site.label_seq_id 
_atom_site.pdbx_PDB_ins_code 
_atom_site.Cartn_x 
_atom_site.Cartn_y 
_atom_site.Cartn_z 
_atom_site.occupancy 
_atom_site.B_iso_or_equiv 
_atom_site.pdbx_formal_charge 
_atom_site.auth_seq_id 
_atom_site.auth_comp_id 
_atom_site.auth_asym_id 
_atom_site.auth_atom_id 
_atom_site.pdbx_PDB_model_num 
ATOM   1    N N   . ASN A 1 19  ? 2.412   8.170   -10.544 1.00 68.54  ? 5    ASN A N   1 
ATOM   2    C CA  . ASN A 1 19  ? 2.489   6.775   -10.010 1.00 67.87  ? 5    ASN A CA  1 
ATOM   3    C C   . ASN A 1 19  ? 1.193   6.318   -9.320  1.00 67.10  ? 5    ASN A C   1 
ATOM   4    O O   . ASN A 1 19  ? 0.619   7.049   -8.506  1.00 67.10  ? 5    ASN A O   1 
ATOM   5    C CB  . ASN A 1 19  ? 3.646   6.661   -9.016  1.00 68.17  ? 5    ASN A CB  1 
ATOM   6    C CG  . ASN A 1 19  ? 4.998   6.678   -9.687  1.00 72.18  ? 5    ASN A CG  1 
ATOM   7    O OD1 . ASN A 1 19  ? 5.292   5.836   -10.541 1.00 73.02  ? 5    ASN A OD1 1 
ATOM   8    N ND2 . ASN A 1 19  ? 5.841   7.634   -9.301  1.00 74.74  ? 5    ASN A ND2 1 
ATOM   9    N N   . VAL A 1 20  ? 0.736   5.109   -9.640  1.00 64.60  ? 6    VAL A N   1 
ATOM   10   C CA  . VAL A 1 20  ? -0.476  4.573   -9.013  1.00 60.69  ? 6    VAL A CA  1 
ATOM   11   C C   . VAL A 1 20  ? -0.116  3.949   -7.670  1.00 58.83  ? 6    VAL A C   1 
ATOM   12   O O   . VAL A 1 20  ? -0.974  3.773   -6.805  1.00 58.38  ? 6    VAL A O   1 
ATOM   13   C CB  . VAL A 1 20  ? -1.159  3.502   -9.890  1.00 58.40  ? 6    VAL A CB  1 
ATOM   14   C CG1 . VAL A 1 20  ? -1.643  4.130   -11.181 1.00 53.51  ? 6    VAL A CG1 1 
ATOM   15   C CG2 . VAL A 1 20  ? -0.198  2.364   -10.167 1.00 58.98  ? 6    VAL A CG2 1 
ATOM   16   N N   . PHE A 1 21  ? 1.167   3.633   -7.520  1.00 57.03  ? 7    PHE A N   1 
ATOM   17   C CA  . PHE A 1 21  ? 1.729   3.040   -6.307  1.00 56.62  ? 7    PHE A CA  1 
ATOM   18   C C   . PHE A 1 21  ? 2.991   3.799   -5.920  1.00 54.92  ? 7    PHE A C   1 
ATOM   19   O O   . PHE A 1 21  ? 3.854   4.025   -6.763  1.00 53.38  ? 7    PHE A O   1 
ATOM   20   C CB  . PHE A 1 21  ? 2.136   1.588   -6.560  1.00 59.31  ? 7    PHE A CB  1 
ATOM   21   C CG  . PHE A 1 21  ? 1.066   0.588   -6.276  1.00 62.11  ? 7    PHE A CG  1 
ATOM   22   C CD1 . PHE A 1 21  ? 0.725   0.273   -4.967  1.00 62.59  ? 7    PHE A CD1 1 
ATOM   23   C CD2 . PHE A 1 21  ? 0.413   -0.062  -7.318  1.00 62.20  ? 7    PHE A CD2 1 
ATOM   24   C CE1 . PHE A 1 21  ? -0.248  -0.676  -4.701  1.00 62.91  ? 7    PHE A CE1 1 
ATOM   25   C CE2 . PHE A 1 21  ? -0.560  -1.010  -7.060  1.00 62.21  ? 7    PHE A CE2 1 
ATOM   26   C CZ  . PHE A 1 21  ? -0.893  -1.320  -5.750  1.00 62.20  ? 7    PHE A CZ  1 
ATOM   27   N N   . GLN A 1 22  ? 3.109   4.185   -4.658  1.00 54.08  ? 8    GLN A N   1 
ATOM   28   C CA  . GLN A 1 22  ? 4.314   4.871   -4.212  1.00 53.96  ? 8    GLN A CA  1 
ATOM   29   C C   . GLN A 1 22  ? 5.442   3.850   -4.092  1.00 53.17  ? 8    GLN A C   1 
ATOM   30   O O   . GLN A 1 22  ? 5.370   2.936   -3.271  1.00 53.03  ? 8    GLN A O   1 
ATOM   31   C CB  . GLN A 1 22  ? 4.105   5.516   -2.852  1.00 54.88  ? 8    GLN A CB  1 
ATOM   32   C CG  . GLN A 1 22  ? 5.352   6.201   -2.331  1.00 57.69  ? 8    GLN A CG  1 
ATOM   33   C CD  . GLN A 1 22  ? 5.147   6.818   -0.967  1.00 61.16  ? 8    GLN A CD  1 
ATOM   34   O OE1 . GLN A 1 22  ? 4.163   7.527   -0.726  1.00 60.09  ? 8    GLN A OE1 1 
ATOM   35   N NE2 . GLN A 1 22  ? 6.081   6.559   -0.061  1.00 63.47  ? 8    GLN A NE2 1 
ATOM   36   N N   . PRO A 1 23  ? 6.499   3.989   -4.910  1.00 52.47  ? 9    PRO A N   1 
ATOM   37   C CA  . PRO A 1 23  ? 7.623   3.053   -4.860  1.00 53.50  ? 9    PRO A CA  1 
ATOM   38   C C   . PRO A 1 23  ? 8.456   3.276   -3.601  1.00 56.21  ? 9    PRO A C   1 
ATOM   39   O O   . PRO A 1 23  ? 8.482   4.371   -3.044  1.00 56.53  ? 9    PRO A O   1 
ATOM   40   C CB  . PRO A 1 23  ? 8.423   3.392   -6.118  1.00 52.21  ? 9    PRO A CB  1 
ATOM   41   C CG  . PRO A 1 23  ? 7.469   4.163   -6.976  1.00 51.43  ? 9    PRO A CG  1 
ATOM   42   C CD  . PRO A 1 23  ? 6.707   4.975   -5.978  1.00 50.66  ? 9    PRO A CD  1 
ATOM   43   N N   . VAL A 1 24  ? 9.135   2.230   -3.163  1.00 58.51  ? 10   VAL A N   1 
ATOM   44   C CA  . VAL A 1 24  ? 9.989   2.285   -1.988  1.00 60.00  ? 10   VAL A CA  1 
ATOM   45   C C   . VAL A 1 24  ? 10.845  1.039   -2.056  1.00 62.32  ? 10   VAL A C   1 
ATOM   46   O O   . VAL A 1 24  ? 10.401  -0.041  -1.678  1.00 62.46  ? 10   VAL A O   1 
ATOM   47   C CB  . VAL A 1 24  ? 9.187   2.235   -0.678  1.00 60.30  ? 10   VAL A CB  1 
ATOM   48   C CG1 . VAL A 1 24  ? 10.133  2.021   0.484   1.00 59.49  ? 10   VAL A CG1 1 
ATOM   49   C CG2 . VAL A 1 24  ? 8.402   3.511   -0.481  1.00 59.86  ? 10   VAL A CG2 1 
ATOM   50   N N   . ASP A 1 25  ? 12.066  1.178   -2.545  1.00 65.57  ? 11   ASP A N   1 
ATOM   51   C CA  . ASP A 1 25  ? 12.939  0.022   -2.648  1.00 69.59  ? 11   ASP A CA  1 
ATOM   52   C C   . ASP A 1 25  ? 14.368  0.259   -2.178  1.00 71.12  ? 11   ASP A C   1 
ATOM   53   O O   . ASP A 1 25  ? 14.949  1.322   -2.394  1.00 71.01  ? 11   ASP A O   1 
ATOM   54   C CB  . ASP A 1 25  ? 12.934  -0.494  -4.088  1.00 73.11  ? 11   ASP A CB  1 
ATOM   55   C CG  . ASP A 1 25  ? 13.260  0.592   -5.102  1.00 75.59  ? 11   ASP A CG  1 
ATOM   56   O OD1 . ASP A 1 25  ? 12.872  0.439   -6.286  1.00 76.23  ? 11   ASP A OD1 1 
ATOM   57   O OD2 . ASP A 1 25  ? 13.908  1.591   -4.716  1.00 75.19  ? 11   ASP A OD2 1 
ATOM   58   N N   . GLN A 1 26  ? 14.909  -0.750  -1.511  1.00 73.11  ? 12   GLN A N   1 
ATOM   59   C CA  . GLN A 1 26  ? 16.270  -0.724  -1.010  1.00 75.32  ? 12   GLN A CA  1 
ATOM   60   C C   . GLN A 1 26  ? 16.981  -1.791  -1.834  1.00 76.82  ? 12   GLN A C   1 
ATOM   61   O O   . GLN A 1 26  ? 17.718  -2.629  -1.314  1.00 77.64  ? 12   GLN A O   1 
ATOM   62   C CB  . GLN A 1 26  ? 16.284  -1.090  0.475   1.00 75.90  ? 12   GLN A CB  1 
ATOM   63   C CG  . GLN A 1 26  ? 15.372  -0.219  1.329   1.00 78.19  ? 12   GLN A CG  1 
ATOM   64   C CD  . GLN A 1 26  ? 15.522  -0.490  2.818   1.00 80.37  ? 12   GLN A CD  1 
ATOM   65   O OE1 . GLN A 1 26  ? 15.356  -1.621  3.274   1.00 80.95  ? 12   GLN A OE1 1 
ATOM   66   N NE2 . GLN A 1 26  ? 15.835  0.554   3.585   1.00 82.46  ? 12   GLN A NE2 1 
ATOM   67   N N   . LEU A 1 27  ? 16.734  -1.743  -3.136  1.00 78.56  ? 13   LEU A N   1 
ATOM   68   C CA  . LEU A 1 27  ? 17.291  -2.706  -4.072  1.00 79.60  ? 13   LEU A CA  1 
ATOM   69   C C   . LEU A 1 27  ? 18.594  -2.270  -4.718  1.00 80.78  ? 13   LEU A C   1 
ATOM   70   O O   . LEU A 1 27  ? 18.825  -1.079  -4.935  1.00 81.25  ? 13   LEU A O   1 
ATOM   71   C CB  . LEU A 1 27  ? 16.277  -2.983  -5.187  1.00 79.25  ? 13   LEU A CB  1 
ATOM   72   C CG  . LEU A 1 27  ? 14.919  -3.564  -4.797  1.00 78.86  ? 13   LEU A CG  1 
ATOM   73   C CD1 . LEU A 1 27  ? 13.965  -3.494  -5.979  1.00 78.53  ? 13   LEU A CD1 1 
ATOM   74   C CD2 . LEU A 1 27  ? 15.106  -4.994  -4.335  1.00 78.61  ? 13   LEU A CD2 1 
ATOM   75   N N   . PRO A 1 28  ? 19.474  -3.240  -5.026  1.00 81.11  ? 14   PRO A N   1 
ATOM   76   C CA  . PRO A 1 28  ? 20.750  -2.917  -5.667  1.00 81.09  ? 14   PRO A CA  1 
ATOM   77   C C   . PRO A 1 28  ? 20.362  -2.266  -6.993  1.00 82.24  ? 14   PRO A C   1 
ATOM   78   O O   . PRO A 1 28  ? 19.191  -2.291  -7.372  1.00 84.26  ? 14   PRO A O   1 
ATOM   79   C CB  . PRO A 1 28  ? 21.383  -4.288  -5.867  1.00 79.98  ? 14   PRO A CB  1 
ATOM   80   C CG  . PRO A 1 28  ? 20.853  -5.072  -4.707  1.00 79.33  ? 14   PRO A CG  1 
ATOM   81   C CD  . PRO A 1 28  ? 19.403  -4.671  -4.689  1.00 80.48  ? 14   PRO A CD  1 
ATOM   82   N N   . GLU A 1 29  ? 21.315  -1.692  -7.710  1.00 82.29  ? 15   GLU A N   1 
ATOM   83   C CA  . GLU A 1 29  ? 20.973  -1.044  -8.972  1.00 81.93  ? 15   GLU A CA  1 
ATOM   84   C C   . GLU A 1 29  ? 20.432  -1.970  -10.067 1.00 79.77  ? 15   GLU A C   1 
ATOM   85   O O   . GLU A 1 29  ? 19.477  -1.614  -10.761 1.00 79.89  ? 15   GLU A O   1 
ATOM   86   C CB  . GLU A 1 29  ? 22.181  -0.268  -9.508  1.00 85.64  ? 15   GLU A CB  1 
ATOM   87   C CG  . GLU A 1 29  ? 22.120  1.231   -9.240  1.00 91.62  ? 15   GLU A CG  1 
ATOM   88   C CD  . GLU A 1 29  ? 20.939  1.894   -9.934  1.00 95.34  ? 15   GLU A CD  1 
ATOM   89   O OE1 . GLU A 1 29  ? 20.818  1.753   -11.171 1.00 96.72  ? 15   GLU A OE1 1 
ATOM   90   O OE2 . GLU A 1 29  ? 20.134  2.557   -9.247  1.00 96.89  ? 15   GLU A OE2 1 
ATOM   91   N N   . ASP A 1 30  ? 21.031  -3.150  -10.216 1.00 76.67  ? 16   ASP A N   1 
ATOM   92   C CA  . ASP A 1 30  ? 20.630  -4.101  -11.254 1.00 74.41  ? 16   ASP A CA  1 
ATOM   93   C C   . ASP A 1 30  ? 19.255  -4.743  -11.070 1.00 72.91  ? 16   ASP A C   1 
ATOM   94   O O   . ASP A 1 30  ? 18.869  -5.626  -11.844 1.00 72.10  ? 16   ASP A O   1 
ATOM   95   C CB  . ASP A 1 30  ? 21.678  -5.212  -11.378 1.00 75.36  ? 16   ASP A CB  1 
ATOM   96   C CG  . ASP A 1 30  ? 21.810  -6.032  -10.107 1.00 77.70  ? 16   ASP A CG  1 
ATOM   97   O OD1 . ASP A 1 30  ? 22.498  -7.076  -10.135 1.00 78.16  ? 16   ASP A OD1 1 
ATOM   98   O OD2 . ASP A 1 30  ? 21.228  -5.628  -9.076  1.00 78.07  ? 16   ASP A OD2 1 
ATOM   99   N N   . LEU A 1 31  ? 18.515  -4.302  -10.058 1.00 70.08  ? 17   LEU A N   1 
ATOM   100  C CA  . LEU A 1 31  ? 17.198  -4.869  -9.792  1.00 65.93  ? 17   LEU A CA  1 
ATOM   101  C C   . LEU A 1 31  ? 16.056  -3.871  -9.882  1.00 63.71  ? 17   LEU A C   1 
ATOM   102  O O   . LEU A 1 31  ? 14.896  -4.262  -9.961  1.00 63.77  ? 17   LEU A O   1 
ATOM   103  C CB  . LEU A 1 31  ? 17.192  -5.540  -8.414  1.00 64.65  ? 17   LEU A CB  1 
ATOM   104  C CG  . LEU A 1 31  ? 17.999  -6.840  -8.341  1.00 62.69  ? 17   LEU A CG  1 
ATOM   105  C CD1 . LEU A 1 31  ? 18.120  -7.309  -6.903  1.00 60.78  ? 17   LEU A CD1 1 
ATOM   106  C CD2 . LEU A 1 31  ? 17.320  -7.889  -9.201  1.00 58.24  ? 17   LEU A CD2 1 
ATOM   107  N N   . ILE A 1 32  ? 16.378  -2.586  -9.881  1.00 62.02  ? 18   ILE A N   1 
ATOM   108  C CA  . ILE A 1 32  ? 15.345  -1.562  -9.958  1.00 61.33  ? 18   ILE A CA  1 
ATOM   109  C C   . ILE A 1 32  ? 14.504  -1.694  -11.233 1.00 60.76  ? 18   ILE A C   1 
ATOM   110  O O   . ILE A 1 32  ? 13.295  -1.450  -11.210 1.00 60.76  ? 18   ILE A O   1 
ATOM   111  C CB  . ILE A 1 32  ? 15.959  -0.143  -9.852  1.00 60.46  ? 18   ILE A CB  1 
ATOM   112  C CG1 . ILE A 1 32  ? 16.707  -0.016  -8.522  1.00 61.89  ? 18   ILE A CG1 1 
ATOM   113  C CG2 . ILE A 1 32  ? 14.868  0.921   -9.876  1.00 59.07  ? 18   ILE A CG2 1 
ATOM   114  C CD1 . ILE A 1 32  ? 17.347  1.335   -8.306  1.00 64.01  ? 18   ILE A CD1 1 
ATOM   115  N N   . PRO A 1 33  ? 15.127  -2.073  -12.365 1.00 59.34  ? 19   PRO A N   1 
ATOM   116  C CA  . PRO A 1 33  ? 14.347  -2.220  -13.603 1.00 57.40  ? 19   PRO A CA  1 
ATOM   117  C C   . PRO A 1 33  ? 13.227  -3.260  -13.449 1.00 56.24  ? 19   PRO A C   1 
ATOM   118  O O   . PRO A 1 33  ? 12.069  -2.989  -13.764 1.00 57.18  ? 19   PRO A O   1 
ATOM   119  C CB  . PRO A 1 33  ? 15.397  -2.651  -14.625 1.00 55.31  ? 19   PRO A CB  1 
ATOM   120  C CG  . PRO A 1 33  ? 16.627  -1.950  -14.147 1.00 56.24  ? 19   PRO A CG  1 
ATOM   121  C CD  . PRO A 1 33  ? 16.575  -2.155  -12.644 1.00 58.32  ? 19   PRO A CD  1 
ATOM   122  N N   . SER A 1 34  ? 13.577  -4.446  -12.961 1.00 56.49  ? 20   SER A N   1 
ATOM   123  C CA  . SER A 1 34  ? 12.594  -5.515  -12.774 1.00 55.85  ? 20   SER A CA  1 
ATOM   124  C C   . SER A 1 34  ? 11.517  -5.040  -11.816 1.00 53.97  ? 20   SER A C   1 
ATOM   125  O O   . SER A 1 34  ? 10.343  -5.386  -11.970 1.00 54.47  ? 20   SER A O   1 
ATOM   126  C CB  . SER A 1 34  ? 13.254  -6.775  -12.204 1.00 57.10  ? 20   SER A CB  1 
ATOM   127  O OG  . SER A 1 34  ? 14.361  -7.193  -12.988 1.00 59.94  ? 20   SER A OG  1 
ATOM   128  N N   . SER A 1 35  ? 11.921  -4.245  -10.828 1.00 52.19  ? 21   SER A N   1 
ATOM   129  C CA  . SER A 1 35  ? 10.979  -3.725  -9.849  1.00 51.39  ? 21   SER A CA  1 
ATOM   130  C C   . SER A 1 35  ? 10.028  -2.734  -10.505 1.00 52.07  ? 21   SER A C   1 
ATOM   131  O O   . SER A 1 35  ? 8.848   -2.693  -10.157 1.00 54.62  ? 21   SER A O   1 
ATOM   132  C CB  . SER A 1 35  ? 11.710  -3.049  -8.693  1.00 51.84  ? 21   SER A CB  1 
ATOM   133  O OG  . SER A 1 35  ? 12.240  -1.801  -9.082  1.00 52.16  ? 21   SER A OG  1 
ATOM   134  N N   . ILE A 1 36  ? 10.526  -1.927  -11.441 1.00 50.38  ? 22   ILE A N   1 
ATOM   135  C CA  . ILE A 1 36  ? 9.654   -0.974  -12.127 1.00 46.10  ? 22   ILE A CA  1 
ATOM   136  C C   . ILE A 1 36  ? 8.622   -1.810  -12.878 1.00 45.31  ? 22   ILE A C   1 
ATOM   137  O O   . ILE A 1 36  ? 7.441   -1.470  -12.916 1.00 43.93  ? 22   ILE A O   1 
ATOM   138  C CB  . ILE A 1 36  ? 10.432  -0.087  -13.152 1.00 46.58  ? 22   ILE A CB  1 
ATOM   139  C CG1 . ILE A 1 36  ? 11.441  0.809   -12.426 1.00 47.01  ? 22   ILE A CG1 1 
ATOM   140  C CG2 . ILE A 1 36  ? 9.456   0.797   -13.930 1.00 41.87  ? 22   ILE A CG2 1 
ATOM   141  C CD1 . ILE A 1 36  ? 10.800  1.847   -11.523 1.00 46.35  ? 22   ILE A CD1 1 
ATOM   142  N N   . GLN A 1 37  ? 9.081   -2.912  -13.468 1.00 44.86  ? 23   GLN A N   1 
ATOM   143  C CA  . GLN A 1 37  ? 8.196   -3.811  -14.204 1.00 47.89  ? 23   GLN A CA  1 
ATOM   144  C C   . GLN A 1 37  ? 7.085   -4.363  -13.297 1.00 48.81  ? 23   GLN A C   1 
ATOM   145  O O   . GLN A 1 37  ? 5.969   -4.627  -13.757 1.00 47.17  ? 23   GLN A O   1 
ATOM   146  C CB  . GLN A 1 37  ? 8.999   -4.957  -14.833 1.00 48.67  ? 23   GLN A CB  1 
ATOM   147  C CG  . GLN A 1 37  ? 9.809   -4.533  -16.055 1.00 49.44  ? 23   GLN A CG  1 
ATOM   148  C CD  . GLN A 1 37  ? 8.924   -4.082  -17.216 1.00 50.24  ? 23   GLN A CD  1 
ATOM   149  O OE1 . GLN A 1 37  ? 8.252   -4.896  -17.852 1.00 51.67  ? 23   GLN A OE1 1 
ATOM   150  N NE2 . GLN A 1 37  ? 8.915   -2.782  -17.488 1.00 45.48  ? 23   GLN A NE2 1 
ATOM   151  N N   . VAL A 1 38  ? 7.377   -4.533  -12.012 1.00 47.97  ? 24   VAL A N   1 
ATOM   152  C CA  . VAL A 1 38  ? 6.344   -5.019  -11.114 1.00 48.81  ? 24   VAL A CA  1 
ATOM   153  C C   . VAL A 1 38  ? 5.347   -3.887  -10.888 1.00 50.18  ? 24   VAL A C   1 
ATOM   154  O O   . VAL A 1 38  ? 4.139   -4.118  -10.794 1.00 53.52  ? 24   VAL A O   1 
ATOM   155  C CB  . VAL A 1 38  ? 6.914   -5.487  -9.756  1.00 47.50  ? 24   VAL A CB  1 
ATOM   156  C CG1 . VAL A 1 38  ? 5.771   -5.776  -8.786  1.00 44.43  ? 24   VAL A CG1 1 
ATOM   157  C CG2 . VAL A 1 38  ? 7.764   -6.741  -9.953  1.00 46.62  ? 24   VAL A CG2 1 
ATOM   158  N N   . LEU A 1 39  ? 5.849   -2.660  -10.814 1.00 49.16  ? 25   LEU A N   1 
ATOM   159  C CA  . LEU A 1 39  ? 4.979   -1.506  -10.617 1.00 50.63  ? 25   LEU A CA  1 
ATOM   160  C C   . LEU A 1 39  ? 4.093   -1.289  -11.843 1.00 51.20  ? 25   LEU A C   1 
ATOM   161  O O   . LEU A 1 39  ? 2.976   -0.788  -11.740 1.00 50.14  ? 25   LEU A O   1 
ATOM   162  C CB  . LEU A 1 39  ? 5.821   -0.259  -10.366 1.00 51.49  ? 25   LEU A CB  1 
ATOM   163  C CG  . LEU A 1 39  ? 5.098   1.080   -10.238 1.00 51.78  ? 25   LEU A CG  1 
ATOM   164  C CD1 . LEU A 1 39  ? 4.090   1.045   -9.109  1.00 51.90  ? 25   LEU A CD1 1 
ATOM   165  C CD2 . LEU A 1 39  ? 6.137   2.157   -10.000 1.00 53.40  ? 25   LEU A CD2 1 
ATOM   166  N N   . LYS A 1 40  ? 4.603   -1.665  -13.008 1.00 51.76  ? 26   LYS A N   1 
ATOM   167  C CA  . LYS A 1 40  ? 3.850   -1.517  -14.244 1.00 53.09  ? 26   LYS A CA  1 
ATOM   168  C C   . LYS A 1 40  ? 2.713   -2.551  -14.250 1.00 51.72  ? 26   LYS A C   1 
ATOM   169  O O   . LYS A 1 40  ? 1.561   -2.240  -14.584 1.00 49.34  ? 26   LYS A O   1 
ATOM   170  C CB  . LYS A 1 40  ? 4.777   -1.736  -15.443 1.00 54.77  ? 26   LYS A CB  1 
ATOM   171  C CG  . LYS A 1 40  ? 4.127   -1.451  -16.791 1.00 58.71  ? 26   LYS A CG  1 
ATOM   172  C CD  . LYS A 1 40  ? 5.004   -1.948  -17.939 1.00 64.35  ? 26   LYS A CD  1 
ATOM   173  C CE  . LYS A 1 40  ? 4.324   -1.779  -19.294 1.00 66.43  ? 26   LYS A CE  1 
ATOM   174  N NZ  . LYS A 1 40  ? 5.123   -2.410  -20.390 1.00 69.55  ? 26   LYS A NZ  1 
ATOM   175  N N   . PHE A 1 41  ? 3.063   -3.778  -13.869 1.00 49.35  ? 27   PHE A N   1 
ATOM   176  C CA  . PHE A 1 41  ? 2.132   -4.897  -13.795 1.00 47.88  ? 27   PHE A CA  1 
ATOM   177  C C   . PHE A 1 41  ? 1.004   -4.542  -12.838 1.00 46.63  ? 27   PHE A C   1 
ATOM   178  O O   . PHE A 1 41  ? -0.160  -4.466  -13.226 1.00 46.34  ? 27   PHE A O   1 
ATOM   179  C CB  . PHE A 1 41  ? 2.892   -6.129  -13.305 1.00 50.03  ? 27   PHE A CB  1 
ATOM   180  C CG  . PHE A 1 41  ? 2.056   -7.375  -13.200 1.00 54.33  ? 27   PHE A CG  1 
ATOM   181  C CD1 . PHE A 1 41  ? 1.193   -7.744  -14.222 1.00 56.02  ? 27   PHE A CD1 1 
ATOM   182  C CD2 . PHE A 1 41  ? 2.186   -8.220  -12.097 1.00 55.76  ? 27   PHE A CD2 1 
ATOM   183  C CE1 . PHE A 1 41  ? 0.475   -8.937  -14.149 1.00 56.89  ? 27   PHE A CE1 1 
ATOM   184  C CE2 . PHE A 1 41  ? 1.476   -9.409  -12.018 1.00 55.72  ? 27   PHE A CE2 1 
ATOM   185  C CZ  . PHE A 1 41  ? 0.619   -9.768  -13.047 1.00 56.94  ? 27   PHE A CZ  1 
ATOM   186  N N   . SER A 1 42  ? 1.368   -4.312  -11.583 1.00 46.03  ? 28   SER A N   1 
ATOM   187  C CA  . SER A 1 42  ? 0.411   -3.942  -10.546 1.00 46.04  ? 28   SER A CA  1 
ATOM   188  C C   . SER A 1 42  ? -0.479  -2.796  -10.997 1.00 45.18  ? 28   SER A C   1 
ATOM   189  O O   . SER A 1 42  ? -1.699  -2.851  -10.853 1.00 46.42  ? 28   SER A O   1 
ATOM   190  C CB  . SER A 1 42  ? 1.158   -3.514  -9.285  1.00 45.00  ? 28   SER A CB  1 
ATOM   191  O OG  . SER A 1 42  ? 2.157   -4.457  -8.956  1.00 45.15  ? 28   SER A OG  1 
ATOM   192  N N   . GLY A 1 43  ? 0.147   -1.753  -11.532 1.00 46.15  ? 29   GLY A N   1 
ATOM   193  C CA  . GLY A 1 43  ? -0.583  -0.588  -11.988 1.00 44.98  ? 29   GLY A CA  1 
ATOM   194  C C   . GLY A 1 43  ? -1.755  -0.908  -12.896 1.00 45.77  ? 29   GLY A C   1 
ATOM   195  O O   . GLY A 1 43  ? -2.794  -0.243  -12.829 1.00 45.18  ? 29   GLY A O   1 
ATOM   196  N N   . LYS A 1 44  ? -1.602  -1.924  -13.743 1.00 46.22  ? 30   LYS A N   1 
ATOM   197  C CA  . LYS A 1 44  ? -2.670  -2.302  -14.664 1.00 49.22  ? 30   LYS A CA  1 
ATOM   198  C C   . LYS A 1 44  ? -3.966  -2.727  -13.977 1.00 48.38  ? 30   LYS A C   1 
ATOM   199  O O   . LYS A 1 44  ? -5.031  -2.736  -14.601 1.00 48.84  ? 30   LYS A O   1 
ATOM   200  C CB  . LYS A 1 44  ? -2.196  -3.424  -15.589 1.00 50.91  ? 30   LYS A CB  1 
ATOM   201  C CG  . LYS A 1 44  ? -1.146  -2.969  -16.591 1.00 57.65  ? 30   LYS A CG  1 
ATOM   202  C CD  . LYS A 1 44  ? -0.680  -4.106  -17.484 1.00 64.50  ? 30   LYS A CD  1 
ATOM   203  C CE  . LYS A 1 44  ? 0.011   -5.195  -16.680 1.00 67.54  ? 30   LYS A CE  1 
ATOM   204  N NZ  . LYS A 1 44  ? 0.509   -6.288  -17.563 1.00 69.78  ? 30   LYS A NZ  1 
ATOM   205  N N   . TYR A 1 45  ? -3.885  -3.062  -12.694 1.00 46.22  ? 31   TYR A N   1 
ATOM   206  C CA  . TYR A 1 45  ? -5.069  -3.504  -11.990 1.00 46.16  ? 31   TYR A CA  1 
ATOM   207  C C   . TYR A 1 45  ? -5.744  -2.437  -11.159 1.00 45.97  ? 31   TYR A C   1 
ATOM   208  O O   . TYR A 1 45  ? -6.597  -2.722  -10.316 1.00 43.67  ? 31   TYR A O   1 
ATOM   209  C CB  . TYR A 1 45  ? -4.729  -4.752  -11.183 1.00 46.77  ? 31   TYR A CB  1 
ATOM   210  C CG  . TYR A 1 45  ? -4.427  -5.892  -12.125 1.00 48.13  ? 31   TYR A CG  1 
ATOM   211  C CD1 . TYR A 1 45  ? -5.460  -6.678  -12.646 1.00 50.01  ? 31   TYR A CD1 1 
ATOM   212  C CD2 . TYR A 1 45  ? -3.135  -6.103  -12.599 1.00 47.93  ? 31   TYR A CD2 1 
ATOM   213  C CE1 . TYR A 1 45  ? -5.213  -7.641  -13.624 1.00 51.32  ? 31   TYR A CE1 1 
ATOM   214  C CE2 . TYR A 1 45  ? -2.872  -7.060  -13.575 1.00 48.91  ? 31   TYR A CE2 1 
ATOM   215  C CZ  . TYR A 1 45  ? -3.918  -7.824  -14.087 1.00 51.32  ? 31   TYR A CZ  1 
ATOM   216  O OH  . TYR A 1 45  ? -3.671  -8.761  -15.067 1.00 52.61  ? 31   TYR A OH  1 
ATOM   217  N N   . LEU A 1 46  ? -5.352  -1.195  -11.408 1.00 46.93  ? 32   LEU A N   1 
ATOM   218  C CA  . LEU A 1 46  ? -5.968  -0.067  -10.738 1.00 49.11  ? 32   LEU A CA  1 
ATOM   219  C C   . LEU A 1 46  ? -7.297  0.071   -11.481 1.00 51.20  ? 32   LEU A C   1 
ATOM   220  O O   . LEU A 1 46  ? -7.336  -0.085  -12.703 1.00 52.04  ? 32   LEU A O   1 
ATOM   221  C CB  . LEU A 1 46  ? -5.130  1.195   -10.930 1.00 47.77  ? 32   LEU A CB  1 
ATOM   222  C CG  . LEU A 1 46  ? -5.884  2.473   -10.556 1.00 51.73  ? 32   LEU A CG  1 
ATOM   223  C CD1 . LEU A 1 46  ? -6.268  2.432   -9.071  1.00 51.16  ? 32   LEU A CD1 1 
ATOM   224  C CD2 . LEU A 1 46  ? -5.033  3.685   -10.875 1.00 49.66  ? 32   LEU A CD2 1 
ATOM   225  N N   . LYS A 1 47  ? -8.379  0.355   -10.763 1.00 52.03  ? 33   LYS A N   1 
ATOM   226  C CA  . LYS A 1 47  ? -9.681  0.474   -11.402 1.00 52.45  ? 33   LYS A CA  1 
ATOM   227  C C   . LYS A 1 47  ? -10.305 1.855   -11.254 1.00 52.14  ? 33   LYS A C   1 
ATOM   228  O O   . LYS A 1 47  ? -10.705 2.258   -10.165 1.00 49.55  ? 33   LYS A O   1 
ATOM   229  C CB  . LYS A 1 47  ? -10.645 -0.566  -10.835 1.00 54.83  ? 33   LYS A CB  1 
ATOM   230  C CG  . LYS A 1 47  ? -11.939 -0.671  -11.622 1.00 57.42  ? 33   LYS A CG  1 
ATOM   231  C CD  . LYS A 1 47  ? -13.003 -1.467  -10.882 1.00 60.39  ? 33   LYS A CD  1 
ATOM   232  C CE  . LYS A 1 47  ? -13.610 -0.647  -9.747  1.00 61.56  ? 33   LYS A CE  1 
ATOM   233  N NZ  . LYS A 1 47  ? -14.797 -1.321  -9.153  1.00 59.37  ? 33   LYS A NZ  1 
ATOM   234  N N   . LEU A 1 48  ? -10.398 2.573   -12.367 1.00 51.93  ? 34   LEU A N   1 
ATOM   235  C CA  . LEU A 1 48  ? -10.989 3.906   -12.368 1.00 50.61  ? 34   LEU A CA  1 
ATOM   236  C C   . LEU A 1 48  ? -12.463 3.825   -12.781 1.00 50.42  ? 34   LEU A C   1 
ATOM   237  O O   . LEU A 1 48  ? -12.800 3.292   -13.839 1.00 49.16  ? 34   LEU A O   1 
ATOM   238  C CB  . LEU A 1 48  ? -10.207 4.824   -13.318 1.00 50.41  ? 34   LEU A CB  1 
ATOM   239  C CG  . LEU A 1 48  ? -10.787 6.223   -13.532 1.00 52.26  ? 34   LEU A CG  1 
ATOM   240  C CD1 . LEU A 1 48  ? -10.987 6.920   -12.193 1.00 50.56  ? 34   LEU A CD1 1 
ATOM   241  C CD2 . LEU A 1 48  ? -9.847  7.028   -14.417 1.00 51.63  ? 34   LEU A CD2 1 
ATOM   242  N N   . GLU A 1 49  ? -13.330 4.337   -11.919 1.00 50.99  ? 35   GLU A N   1 
ATOM   243  C CA  . GLU A 1 49  ? -14.767 4.336   -12.156 1.00 54.87  ? 35   GLU A CA  1 
ATOM   244  C C   . GLU A 1 49  ? -15.420 5.307   -11.181 1.00 58.74  ? 35   GLU A C   1 
ATOM   245  O O   . GLU A 1 49  ? -14.987 5.431   -10.029 1.00 60.42  ? 35   GLU A O   1 
ATOM   246  C CB  . GLU A 1 49  ? -15.347 2.931   -11.946 1.00 53.59  ? 35   GLU A CB  1 
ATOM   247  C CG  . GLU A 1 49  ? -16.834 2.823   -12.257 1.00 53.53  ? 35   GLU A CG  1 
ATOM   248  C CD  . GLU A 1 49  ? -17.337 1.389   -12.268 1.00 52.43  ? 35   GLU A CD  1 
ATOM   249  O OE1 . GLU A 1 49  ? -16.640 0.514   -12.832 1.00 49.78  ? 35   GLU A OE1 1 
ATOM   250  O OE2 . GLU A 1 49  ? -18.440 1.136   -11.727 1.00 51.76  ? 35   GLU A OE2 1 
ATOM   251  N N   . GLN A 1 50  ? -16.464 5.992   -11.637 1.00 62.09  ? 36   GLN A N   1 
ATOM   252  C CA  . GLN A 1 50  ? -17.163 6.964   -10.798 1.00 65.33  ? 36   GLN A CA  1 
ATOM   253  C C   . GLN A 1 50  ? -16.198 8.054   -10.338 1.00 66.72  ? 36   GLN A C   1 
ATOM   254  O O   . GLN A 1 50  ? -16.330 8.592   -9.236  1.00 67.17  ? 36   GLN A O   1 
ATOM   255  C CB  . GLN A 1 50  ? -17.790 6.271   -9.584  1.00 65.74  ? 36   GLN A CB  1 
ATOM   256  C CG  . GLN A 1 50  ? -18.955 5.360   -9.928  1.00 69.10  ? 36   GLN A CG  1 
ATOM   257  C CD  . GLN A 1 50  ? -19.296 4.395   -8.811  1.00 69.75  ? 36   GLN A CD  1 
ATOM   258  O OE1 . GLN A 1 50  ? -18.542 3.459   -8.533  1.00 72.26  ? 36   GLN A OE1 1 
ATOM   259  N NE2 . GLN A 1 50  ? -20.431 4.619   -8.158  1.00 70.65  ? 36   GLN A NE2 1 
ATOM   260  N N   . ASN A 1 51  ? -15.222 8.357   -11.190 1.00 67.46  ? 37   ASN A N   1 
ATOM   261  C CA  . ASN A 1 51  ? -14.228 9.392   -10.916 1.00 68.40  ? 37   ASN A CA  1 
ATOM   262  C C   . ASN A 1 51  ? -13.234 9.036   -9.816  1.00 67.01  ? 37   ASN A C   1 
ATOM   263  O O   . ASN A 1 51  ? -12.340 9.821   -9.492  1.00 67.94  ? 37   ASN A O   1 
ATOM   264  C CB  . ASN A 1 51  ? -14.930 10.710  -10.572 1.00 71.77  ? 37   ASN A CB  1 
ATOM   265  C CG  . ASN A 1 51  ? -15.796 11.223  -11.714 1.00 75.16  ? 37   ASN A CG  1 
ATOM   266  O OD1 . ASN A 1 51  ? -16.495 12.228  -11.576 1.00 77.29  ? 37   ASN A OD1 1 
ATOM   267  N ND2 . ASN A 1 51  ? -15.749 10.535  -12.853 1.00 75.83  ? 37   ASN A ND2 1 
ATOM   268  N N   . LYS A 1 52  ? -13.381 7.851   -9.240  1.00 63.51  ? 38   LYS A N   1 
ATOM   269  C CA  . LYS A 1 52  ? -12.467 7.427   -8.191  1.00 59.66  ? 38   LYS A CA  1 
ATOM   270  C C   . LYS A 1 52  ? -11.583 6.294   -8.710  1.00 56.84  ? 38   LYS A C   1 
ATOM   271  O O   . LYS A 1 52  ? -11.956 5.574   -9.627  1.00 57.15  ? 38   LYS A O   1 
ATOM   272  C CB  . LYS A 1 52  ? -13.261 6.969   -6.966  1.00 58.29  ? 38   LYS A CB  1 
ATOM   273  C CG  . LYS A 1 52  ? -14.194 8.038   -6.409  1.00 61.11  ? 38   LYS A CG  1 
ATOM   274  C CD  . LYS A 1 52  ? -15.062 7.476   -5.292  1.00 64.57  ? 38   LYS A CD  1 
ATOM   275  C CE  . LYS A 1 52  ? -15.974 8.537   -4.706  1.00 66.18  ? 38   LYS A CE  1 
ATOM   276  N NZ  . LYS A 1 52  ? -16.686 8.039   -3.490  1.00 69.47  ? 38   LYS A NZ  1 
ATOM   277  N N   . ALA A 1 53  ? -10.397 6.154   -8.138  1.00 54.31  ? 39   ALA A N   1 
ATOM   278  C CA  . ALA A 1 53  ? -9.498  5.085   -8.545  1.00 51.01  ? 39   ALA A CA  1 
ATOM   279  C C   . ALA A 1 53  ? -9.146  4.252   -7.317  1.00 48.65  ? 39   ALA A C   1 
ATOM   280  O O   . ALA A 1 53  ? -8.708  4.787   -6.290  1.00 47.24  ? 39   ALA A O   1 
ATOM   281  C CB  . ALA A 1 53  ? -8.234  5.658   -9.175  1.00 48.89  ? 39   ALA A CB  1 
ATOM   282  N N   . TYR A 1 54  ? -9.367  2.947   -7.420  1.00 44.62  ? 40   TYR A N   1 
ATOM   283  C CA  . TYR A 1 54  ? -9.065  2.038   -6.331  1.00 41.39  ? 40   TYR A CA  1 
ATOM   284  C C   . TYR A 1 54  ? -8.410  0.828   -6.928  1.00 41.93  ? 40   TYR A C   1 
ATOM   285  O O   . TYR A 1 54  ? -8.665  0.478   -8.074  1.00 43.49  ? 40   TYR A O   1 
ATOM   286  C CB  . TYR A 1 54  ? -10.331 1.623   -5.603  1.00 40.88  ? 40   TYR A CB  1 
ATOM   287  C CG  . TYR A 1 54  ? -10.935 2.725   -4.776  1.00 41.94  ? 40   TYR A CG  1 
ATOM   288  C CD1 . TYR A 1 54  ? -10.318 3.159   -3.598  1.00 40.64  ? 40   TYR A CD1 1 
ATOM   289  C CD2 . TYR A 1 54  ? -12.104 3.368   -5.188  1.00 40.81  ? 40   TYR A CD2 1 
ATOM   290  C CE1 . TYR A 1 54  ? -10.853 4.208   -2.852  1.00 42.85  ? 40   TYR A CE1 1 
ATOM   291  C CE2 . TYR A 1 54  ? -12.643 4.414   -4.458  1.00 40.89  ? 40   TYR A CE2 1 
ATOM   292  C CZ  . TYR A 1 54  ? -12.014 4.829   -3.293  1.00 43.23  ? 40   TYR A CZ  1 
ATOM   293  O OH  . TYR A 1 54  ? -12.543 5.875   -2.582  1.00 46.29  ? 40   TYR A OH  1 
ATOM   294  N N   . PHE A 1 55  ? -7.549  0.195   -6.151  1.00 41.61  ? 41   PHE A N   1 
ATOM   295  C CA  . PHE A 1 55  ? -6.864  -0.987  -6.621  1.00 40.52  ? 41   PHE A CA  1 
ATOM   296  C C   . PHE A 1 55  ? -7.839  -2.159  -6.705  1.00 41.88  ? 41   PHE A C   1 
ATOM   297  O O   . PHE A 1 55  ? -8.599  -2.415  -5.771  1.00 40.35  ? 41   PHE A O   1 
ATOM   298  C CB  . PHE A 1 55  ? -5.714  -1.341  -5.686  1.00 38.70  ? 41   PHE A CB  1 
ATOM   299  C CG  . PHE A 1 55  ? -4.788  -2.366  -6.258  1.00 38.76  ? 41   PHE A CG  1 
ATOM   300  C CD1 . PHE A 1 55  ? -4.564  -3.566  -5.601  1.00 34.45  ? 41   PHE A CD1 1 
ATOM   301  C CD2 . PHE A 1 55  ? -4.162  -2.137  -7.474  1.00 34.72  ? 41   PHE A CD2 1 
ATOM   302  C CE1 . PHE A 1 55  ? -3.730  -4.519  -6.153  1.00 37.76  ? 41   PHE A CE1 1 
ATOM   303  C CE2 . PHE A 1 55  ? -3.333  -3.073  -8.032  1.00 34.86  ? 41   PHE A CE2 1 
ATOM   304  C CZ  . PHE A 1 55  ? -3.110  -4.269  -7.381  1.00 37.08  ? 41   PHE A CZ  1 
ATOM   305  N N   . ASP A 1 56  ? -7.804  -2.870  -7.830  1.00 44.00  ? 42   ASP A N   1 
ATOM   306  C CA  . ASP A 1 56  ? -8.686  -4.009  -8.048  1.00 43.65  ? 42   ASP A CA  1 
ATOM   307  C C   . ASP A 1 56  ? -8.035  -5.300  -7.553  1.00 42.61  ? 42   ASP A C   1 
ATOM   308  O O   . ASP A 1 56  ? -7.472  -6.081  -8.331  1.00 39.73  ? 42   ASP A O   1 
ATOM   309  C CB  . ASP A 1 56  ? -9.012  -4.128  -9.532  1.00 47.56  ? 42   ASP A CB  1 
ATOM   310  C CG  . ASP A 1 56  ? -10.204 -5.009  -9.790  1.00 49.82  ? 42   ASP A CG  1 
ATOM   311  O OD1 . ASP A 1 56  ? -10.472 -5.893  -8.945  1.00 52.61  ? 42   ASP A OD1 1 
ATOM   312  O OD2 . ASP A 1 56  ? -10.861 -4.827  -10.841 1.00 49.92  ? 42   ASP A OD2 1 
ATOM   313  N N   . TRP A 1 57  ? -8.127  -5.524  -6.246  1.00 43.45  ? 43   TRP A N   1 
ATOM   314  C CA  . TRP A 1 57  ? -7.541  -6.705  -5.624  1.00 43.95  ? 43   TRP A CA  1 
ATOM   315  C C   . TRP A 1 57  ? -7.938  -8.061  -6.227  1.00 45.21  ? 43   TRP A C   1 
ATOM   316  O O   . TRP A 1 57  ? -7.068  -8.861  -6.592  1.00 43.78  ? 43   TRP A O   1 
ATOM   317  C CB  . TRP A 1 57  ? -7.826  -6.672  -4.127  1.00 40.45  ? 43   TRP A CB  1 
ATOM   318  C CG  . TRP A 1 57  ? -6.791  -5.895  -3.380  1.00 37.36  ? 43   TRP A CG  1 
ATOM   319  C CD1 . TRP A 1 57  ? -6.967  -4.724  -2.679  1.00 36.74  ? 43   TRP A CD1 1 
ATOM   320  C CD2 . TRP A 1 57  ? -5.408  -6.236  -3.254  1.00 35.21  ? 43   TRP A CD2 1 
ATOM   321  N NE1 . TRP A 1 57  ? -5.771  -4.322  -2.125  1.00 38.66  ? 43   TRP A NE1 1 
ATOM   322  C CE2 . TRP A 1 57  ? -4.798  -5.231  -2.461  1.00 36.20  ? 43   TRP A CE2 1 
ATOM   323  C CE3 . TRP A 1 57  ? -4.623  -7.295  -3.731  1.00 34.42  ? 43   TRP A CE3 1 
ATOM   324  C CZ2 . TRP A 1 57  ? -3.435  -5.256  -2.137  1.00 33.41  ? 43   TRP A CZ2 1 
ATOM   325  C CZ3 . TRP A 1 57  ? -3.269  -7.322  -3.409  1.00 33.19  ? 43   TRP A CZ3 1 
ATOM   326  C CH2 . TRP A 1 57  ? -2.688  -6.304  -2.618  1.00 31.64  ? 43   TRP A CH2 1 
ATOM   327  N N   . PRO A 1 58  ? -9.252  -8.341  -6.338  1.00 47.30  ? 44   PRO A N   1 
ATOM   328  C CA  . PRO A 1 58  ? -9.734  -9.609  -6.904  1.00 48.04  ? 44   PRO A CA  1 
ATOM   329  C C   . PRO A 1 58  ? -9.121  -9.916  -8.270  1.00 49.71  ? 44   PRO A C   1 
ATOM   330  O O   . PRO A 1 58  ? -8.608  -11.016 -8.495  1.00 50.18  ? 44   PRO A O   1 
ATOM   331  C CB  . PRO A 1 58  ? -11.238 -9.396  -6.983  1.00 48.56  ? 44   PRO A CB  1 
ATOM   332  C CG  . PRO A 1 58  ? -11.506 -8.528  -5.797  1.00 48.58  ? 44   PRO A CG  1 
ATOM   333  C CD  . PRO A 1 58  ? -10.386 -7.516  -5.883  1.00 48.67  ? 44   PRO A CD  1 
ATOM   334  N N   . GLU A 1 59  ? -9.177  -8.945  -9.178  1.00 49.24  ? 45   GLU A N   1 
ATOM   335  C CA  . GLU A 1 59  ? -8.610  -9.126  -10.509 1.00 50.70  ? 45   GLU A CA  1 
ATOM   336  C C   . GLU A 1 59  ? -7.119  -9.406  -10.387 1.00 49.86  ? 45   GLU A C   1 
ATOM   337  O O   . GLU A 1 59  ? -6.606  -10.345 -10.992 1.00 50.42  ? 45   GLU A O   1 
ATOM   338  C CB  . GLU A 1 59  ? -8.825  -7.873  -11.364 1.00 56.10  ? 45   GLU A CB  1 
ATOM   339  C CG  . GLU A 1 59  ? -10.284 -7.533  -11.649 1.00 62.55  ? 45   GLU A CG  1 
ATOM   340  C CD  . GLU A 1 59  ? -10.923 -8.481  -12.647 1.00 66.59  ? 45   GLU A CD  1 
ATOM   341  O OE1 . GLU A 1 59  ? -10.465 -8.513  -13.812 1.00 68.75  ? 45   GLU A OE1 1 
ATOM   342  O OE2 . GLU A 1 59  ? -11.880 -9.193  -12.267 1.00 68.54  ? 45   GLU A OE2 1 
ATOM   343  N N   . PHE A 1 60  ? -6.428  -8.594  -9.589  1.00 47.71  ? 46   PHE A N   1 
ATOM   344  C CA  . PHE A 1 60  ? -4.988  -8.758  -9.408  1.00 46.56  ? 46   PHE A CA  1 
ATOM   345  C C   . PHE A 1 60  ? -4.628  -10.143 -8.890  1.00 45.21  ? 46   PHE A C   1 
ATOM   346  O O   . PHE A 1 60  ? -3.711  -10.779 -9.402  1.00 44.68  ? 46   PHE A O   1 
ATOM   347  C CB  . PHE A 1 60  ? -4.436  -7.685  -8.463  1.00 46.66  ? 46   PHE A CB  1 
ATOM   348  C CG  . PHE A 1 60  ? -2.940  -7.719  -8.323  1.00 46.37  ? 46   PHE A CG  1 
ATOM   349  C CD1 . PHE A 1 60  ? -2.122  -7.690  -9.446  1.00 46.23  ? 46   PHE A CD1 1 
ATOM   350  C CD2 . PHE A 1 60  ? -2.344  -7.783  -7.068  1.00 47.12  ? 46   PHE A CD2 1 
ATOM   351  C CE1 . PHE A 1 60  ? -0.728  -7.725  -9.324  1.00 47.00  ? 46   PHE A CE1 1 
ATOM   352  C CE2 . PHE A 1 60  ? -0.951  -7.818  -6.937  1.00 47.39  ? 46   PHE A CE2 1 
ATOM   353  C CZ  . PHE A 1 60  ? -0.143  -7.788  -8.069  1.00 46.19  ? 46   PHE A CZ  1 
ATOM   354  N N   . LYS A 1 61  ? -5.344  -10.613 -7.875  1.00 46.09  ? 47   LYS A N   1 
ATOM   355  C CA  . LYS A 1 61  ? -5.081  -11.941 -7.330  1.00 46.78  ? 47   LYS A CA  1 
ATOM   356  C C   . LYS A 1 61  ? -5.244  -12.984 -8.445  1.00 47.01  ? 47   LYS A C   1 
ATOM   357  O O   . LYS A 1 61  ? -4.466  -13.937 -8.553  1.00 45.23  ? 47   LYS A O   1 
ATOM   358  C CB  . LYS A 1 61  ? -6.054  -12.249 -6.191  1.00 45.53  ? 47   LYS A CB  1 
ATOM   359  C CG  . LYS A 1 61  ? -5.870  -11.402 -4.951  1.00 45.40  ? 47   LYS A CG  1 
ATOM   360  C CD  . LYS A 1 61  ? -6.938  -11.737 -3.933  1.00 46.72  ? 47   LYS A CD  1 
ATOM   361  C CE  . LYS A 1 61  ? -6.760  -10.962 -2.643  1.00 50.10  ? 47   LYS A CE  1 
ATOM   362  N NZ  . LYS A 1 61  ? -7.779  -11.365 -1.625  1.00 50.80  ? 47   LYS A NZ  1 
ATOM   363  N N   . THR A 1 62  ? -6.266  -12.786 -9.270  1.00 47.59  ? 48   THR A N   1 
ATOM   364  C CA  . THR A 1 62  ? -6.537  -13.690 -10.376 1.00 49.57  ? 48   THR A CA  1 
ATOM   365  C C   . THR A 1 62  ? -5.366  -13.670 -11.350 1.00 50.21  ? 48   THR A C   1 
ATOM   366  O O   . THR A 1 62  ? -4.883  -14.723 -11.779 1.00 48.99  ? 48   THR A O   1 
ATOM   367  C CB  . THR A 1 62  ? -7.829  -13.283 -11.118 1.00 50.38  ? 48   THR A CB  1 
ATOM   368  O OG1 . THR A 1 62  ? -8.957  -13.519 -10.267 1.00 50.93  ? 48   THR A OG1 1 
ATOM   369  C CG2 . THR A 1 62  ? -7.987  -14.081 -12.406 1.00 50.46  ? 48   THR A CG2 1 
ATOM   370  N N   . ALA A 1 63  ? -4.918  -12.464 -11.689 1.00 49.56  ? 49   ALA A N   1 
ATOM   371  C CA  . ALA A 1 63  ? -3.798  -12.284 -12.597 1.00 49.91  ? 49   ALA A CA  1 
ATOM   372  C C   . ALA A 1 63  ? -2.596  -13.035 -12.043 1.00 52.98  ? 49   ALA A C   1 
ATOM   373  O O   . ALA A 1 63  ? -1.853  -13.677 -12.786 1.00 52.94  ? 49   ALA A O   1 
ATOM   374  C CB  . ALA A 1 63  ? -3.475  -10.804 -12.727 1.00 50.63  ? 49   ALA A CB  1 
ATOM   375  N N   . ILE A 1 64  ? -2.421  -12.946 -10.725 1.00 54.95  ? 50   ILE A N   1 
ATOM   376  C CA  . ILE A 1 64  ? -1.321  -13.613 -10.039 1.00 58.66  ? 50   ILE A CA  1 
ATOM   377  C C   . ILE A 1 64  ? -1.452  -15.132 -10.122 1.00 61.58  ? 50   ILE A C   1 
ATOM   378  O O   . ILE A 1 64  ? -0.481  -15.825 -10.438 1.00 61.44  ? 50   ILE A O   1 
ATOM   379  C CB  . ILE A 1 64  ? -1.257  -13.197 -8.541  1.00 58.91  ? 50   ILE A CB  1 
ATOM   380  C CG1 . ILE A 1 64  ? -0.952  -11.701 -8.433  1.00 58.04  ? 50   ILE A CG1 1 
ATOM   381  C CG2 . ILE A 1 64  ? -0.215  -14.038 -7.799  1.00 55.87  ? 50   ILE A CG2 1 
ATOM   382  C CD1 . ILE A 1 64  ? 0.315   -11.273 -9.155  1.00 58.54  ? 50   ILE A CD1 1 
ATOM   383  N N   . ASP A 1 65  ? -2.646  -15.646 -9.831  1.00 64.44  ? 51   ASP A N   1 
ATOM   384  C CA  . ASP A 1 65  ? -2.885  -17.084 -9.881  1.00 69.62  ? 51   ASP A CA  1 
ATOM   385  C C   . ASP A 1 65  ? -2.708  -17.623 -11.299 1.00 71.94  ? 51   ASP A C   1 
ATOM   386  O O   . ASP A 1 65  ? -2.088  -18.662 -11.510 1.00 71.69  ? 51   ASP A O   1 
ATOM   387  C CB  . ASP A 1 65  ? -4.299  -17.409 -9.385  1.00 71.50  ? 51   ASP A CB  1 
ATOM   388  C CG  . ASP A 1 65  ? -4.470  -17.175 -7.893  1.00 74.13  ? 51   ASP A CG  1 
ATOM   389  O OD1 . ASP A 1 65  ? -5.590  -17.396 -7.384  1.00 74.28  ? 51   ASP A OD1 1 
ATOM   390  O OD2 . ASP A 1 65  ? -3.490  -16.771 -7.230  1.00 75.61  ? 51   ASP A OD2 1 
ATOM   391  N N   . ASN A 1 66  ? -3.251  -16.901 -12.269 1.00 74.59  ? 52   ASN A N   1 
ATOM   392  C CA  . ASN A 1 66  ? -3.173  -17.301 -13.665 1.00 77.88  ? 52   ASN A CA  1 
ATOM   393  C C   . ASN A 1 66  ? -1.827  -17.014 -14.319 1.00 79.41  ? 52   ASN A C   1 
ATOM   394  O O   . ASN A 1 66  ? -1.648  -17.283 -15.505 1.00 79.93  ? 52   ASN A O   1 
ATOM   395  C CB  . ASN A 1 66  ? -4.282  -16.608 -14.460 1.00 78.45  ? 52   ASN A CB  1 
ATOM   396  C CG  . ASN A 1 66  ? -5.654  -17.171 -14.156 1.00 79.19  ? 52   ASN A CG  1 
ATOM   397  O OD1 . ASN A 1 66  ? -6.022  -17.364 -12.996 1.00 78.56  ? 52   ASN A OD1 1 
ATOM   398  N ND2 . ASN A 1 66  ? -6.425  -17.431 -15.202 1.00 80.33  ? 52   ASN A ND2 1 
ATOM   399  N N   . TYR A 1 67  ? -0.883  -16.462 -13.562 1.00 81.23  ? 53   TYR A N   1 
ATOM   400  C CA  . TYR A 1 67  ? 0.433   -16.157 -14.121 1.00 82.73  ? 53   TYR A CA  1 
ATOM   401  C C   . TYR A 1 67  ? 1.267   -17.424 -14.266 1.00 84.22  ? 53   TYR A C   1 
ATOM   402  O O   . TYR A 1 67  ? 1.188   -18.336 -13.439 1.00 83.73  ? 53   TYR A O   1 
ATOM   403  C CB  . TYR A 1 67  ? 1.190   -15.154 -13.244 1.00 82.01  ? 53   TYR A CB  1 
ATOM   404  C CG  . TYR A 1 67  ? 2.564   -14.787 -13.782 1.00 81.85  ? 53   TYR A CG  1 
ATOM   405  C CD1 . TYR A 1 67  ? 2.704   -13.955 -14.893 1.00 81.40  ? 53   TYR A CD1 1 
ATOM   406  C CD2 . TYR A 1 67  ? 3.726   -15.297 -13.194 1.00 82.00  ? 53   TYR A CD2 1 
ATOM   407  C CE1 . TYR A 1 67  ? 3.972   -13.638 -15.409 1.00 80.84  ? 53   TYR A CE1 1 
ATOM   408  C CE2 . TYR A 1 67  ? 4.996   -14.989 -13.703 1.00 80.72  ? 53   TYR A CE2 1 
ATOM   409  C CZ  . TYR A 1 67  ? 5.112   -14.160 -14.809 1.00 80.93  ? 53   TYR A CZ  1 
ATOM   410  O OH  . TYR A 1 67  ? 6.363   -13.853 -15.313 1.00 78.46  ? 53   TYR A OH  1 
ATOM   411  N N   . THR A 1 68  ? 2.070   -17.468 -15.326 1.00 86.12  ? 54   THR A N   1 
ATOM   412  C CA  . THR A 1 68  ? 2.930   -18.610 -15.595 1.00 88.47  ? 54   THR A CA  1 
ATOM   413  C C   . THR A 1 68  ? 4.251   -18.183 -16.233 1.00 89.61  ? 54   THR A C   1 
ATOM   414  O O   . THR A 1 68  ? 4.322   -17.905 -17.431 1.00 90.16  ? 54   THR A O   1 
ATOM   415  C CB  . THR A 1 68  ? 2.232   -19.622 -16.521 1.00 88.86  ? 54   THR A CB  1 
ATOM   416  O OG1 . THR A 1 68  ? 1.766   -18.951 -17.699 1.00 88.79  ? 54   THR A OG1 1 
ATOM   417  C CG2 . THR A 1 68  ? 1.056   -20.274 -15.802 1.00 88.22  ? 54   THR A CG2 1 
ATOM   418  N N   . GLY A 1 69  ? 5.292   -18.132 -15.410 1.00 90.52  ? 55   GLY A N   1 
ATOM   419  C CA  . GLY A 1 69  ? 6.613   -17.750 -15.871 1.00 90.90  ? 55   GLY A CA  1 
ATOM   420  C C   . GLY A 1 69  ? 7.618   -18.266 -14.865 1.00 91.11  ? 55   GLY A C   1 
ATOM   421  O O   . GLY A 1 69  ? 7.371   -19.274 -14.202 1.00 91.42  ? 55   GLY A O   1 
ATOM   422  N N   . GLU A 1 70  ? 8.751   -17.590 -14.741 1.00 90.81  ? 56   GLU A N   1 
ATOM   423  C CA  . GLU A 1 70  ? 9.768   -18.009 -13.783 1.00 90.30  ? 56   GLU A CA  1 
ATOM   424  C C   . GLU A 1 70  ? 10.305  -16.767 -13.093 1.00 88.63  ? 56   GLU A C   1 
ATOM   425  O O   . GLU A 1 70  ? 11.033  -16.852 -12.105 1.00 88.20  ? 56   GLU A O   1 
ATOM   426  C CB  . GLU A 1 70  ? 10.923  -18.721 -14.494 1.00 92.94  ? 56   GLU A CB  1 
ATOM   427  C CG  . GLU A 1 70  ? 10.509  -19.801 -15.480 1.00 96.04  ? 56   GLU A CG  1 
ATOM   428  C CD  . GLU A 1 70  ? 11.708  -20.479 -16.124 1.00 98.34  ? 56   GLU A CD  1 
ATOM   429  O OE1 . GLU A 1 70  ? 12.479  -21.143 -15.394 1.00 100.18 ? 56   GLU A OE1 1 
ATOM   430  O OE2 . GLU A 1 70  ? 11.888  -20.346 -17.355 1.00 99.67  ? 56   GLU A OE2 1 
ATOM   431  N N   . ASP A 1 71  ? 9.926   -15.610 -13.624 1.00 86.64  ? 57   ASP A N   1 
ATOM   432  C CA  . ASP A 1 71  ? 10.386  -14.335 -13.099 1.00 85.11  ? 57   ASP A CA  1 
ATOM   433  C C   . ASP A 1 71  ? 9.538   -13.832 -11.942 1.00 82.78  ? 57   ASP A C   1 
ATOM   434  O O   . ASP A 1 71  ? 9.992   -13.007 -11.151 1.00 82.65  ? 57   ASP A O   1 
ATOM   435  C CB  . ASP A 1 71  ? 10.391  -13.295 -14.217 1.00 87.26  ? 57   ASP A CB  1 
ATOM   436  C CG  . ASP A 1 71  ? 10.438  -13.923 -15.598 1.00 89.38  ? 57   ASP A CG  1 
ATOM   437  O OD1 . ASP A 1 71  ? 9.425   -14.539 -16.002 1.00 91.76  ? 57   ASP A OD1 1 
ATOM   438  O OD2 . ASP A 1 71  ? 11.483  -13.805 -16.274 1.00 88.08  ? 57   ASP A OD2 1 
ATOM   439  N N   . LEU A 1 72  ? 8.310   -14.327 -11.845 1.00 79.73  ? 58   LEU A N   1 
ATOM   440  C CA  . LEU A 1 72  ? 7.409   -13.908 -10.777 1.00 77.17  ? 58   LEU A CA  1 
ATOM   441  C C   . LEU A 1 72  ? 6.825   -15.100 -10.034 1.00 74.36  ? 58   LEU A C   1 
ATOM   442  O O   . LEU A 1 72  ? 6.531   -16.131 -10.630 1.00 73.20  ? 58   LEU A O   1 
ATOM   443  C CB  . LEU A 1 72  ? 6.274   -13.058 -11.347 1.00 78.22  ? 58   LEU A CB  1 
ATOM   444  C CG  . LEU A 1 72  ? 5.327   -12.454 -10.312 1.00 78.52  ? 58   LEU A CG  1 
ATOM   445  C CD1 . LEU A 1 72  ? 6.091   -11.467 -9.446  1.00 79.11  ? 58   LEU A CD1 1 
ATOM   446  C CD2 . LEU A 1 72  ? 4.177   -11.764 -11.012 1.00 79.20  ? 58   LEU A CD2 1 
ATOM   447  N N   . SER A 1 73  ? 6.649   -14.942 -8.727  1.00 71.70  ? 59   SER A N   1 
ATOM   448  C CA  . SER A 1 73  ? 6.113   -16.005 -7.885  1.00 68.28  ? 59   SER A CA  1 
ATOM   449  C C   . SER A 1 73  ? 5.322   -15.470 -6.695  1.00 65.03  ? 59   SER A C   1 
ATOM   450  O O   . SER A 1 73  ? 5.714   -14.486 -6.071  1.00 65.25  ? 59   SER A O   1 
ATOM   451  C CB  . SER A 1 73  ? 7.256   -16.881 -7.378  1.00 69.91  ? 59   SER A CB  1 
ATOM   452  O OG  . SER A 1 73  ? 6.805   -17.767 -6.373  1.00 70.81  ? 59   SER A OG  1 
ATOM   453  N N   . PHE A 1 74  ? 4.207   -16.127 -6.386  1.00 60.99  ? 60   PHE A N   1 
ATOM   454  C CA  . PHE A 1 74  ? 3.362   -15.724 -5.264  1.00 56.02  ? 60   PHE A CA  1 
ATOM   455  C C   . PHE A 1 74  ? 3.940   -16.273 -3.964  1.00 54.17  ? 60   PHE A C   1 
ATOM   456  O O   . PHE A 1 74  ? 4.356   -17.430 -3.900  1.00 52.84  ? 60   PHE A O   1 
ATOM   457  C CB  . PHE A 1 74  ? 1.942   -16.254 -5.465  1.00 53.85  ? 60   PHE A CB  1 
ATOM   458  C CG  . PHE A 1 74  ? 1.050   -16.085 -4.268  1.00 51.52  ? 60   PHE A CG  1 
ATOM   459  C CD1 . PHE A 1 74  ? 0.726   -14.819 -3.796  1.00 50.59  ? 60   PHE A CD1 1 
ATOM   460  C CD2 . PHE A 1 74  ? 0.529   -17.197 -3.614  1.00 49.40  ? 60   PHE A CD2 1 
ATOM   461  C CE1 . PHE A 1 74  ? -0.104  -14.658 -2.690  1.00 50.63  ? 60   PHE A CE1 1 
ATOM   462  C CE2 . PHE A 1 74  ? -0.304  -17.054 -2.508  1.00 48.90  ? 60   PHE A CE2 1 
ATOM   463  C CZ  . PHE A 1 74  ? -0.623  -15.782 -2.043  1.00 48.06  ? 60   PHE A CZ  1 
ATOM   464  N N   . ASP A 1 75  ? 3.987   -15.447 -2.927  1.00 52.03  ? 61   ASP A N   1 
ATOM   465  C CA  . ASP A 1 75  ? 4.518   -15.922 -1.661  1.00 51.23  ? 61   ASP A CA  1 
ATOM   466  C C   . ASP A 1 75  ? 3.415   -16.042 -0.610  1.00 51.44  ? 61   ASP A C   1 
ATOM   467  O O   . ASP A 1 75  ? 3.235   -17.106 -0.009  1.00 51.79  ? 61   ASP A O   1 
ATOM   468  C CB  . ASP A 1 75  ? 5.627   -14.999 -1.161  1.00 51.12  ? 61   ASP A CB  1 
ATOM   469  C CG  . ASP A 1 75  ? 6.154   -15.412 0.195   1.00 49.87  ? 61   ASP A CG  1 
ATOM   470  O OD1 . ASP A 1 75  ? 5.336   -15.528 1.131   1.00 52.68  ? 61   ASP A OD1 1 
ATOM   471  O OD2 . ASP A 1 75  ? 7.377   -15.618 0.335   1.00 49.08  ? 61   ASP A OD2 1 
ATOM   472  N N   . LYS A 1 76  ? 2.682   -14.952 -0.395  1.00 49.67  ? 62   LYS A N   1 
ATOM   473  C CA  . LYS A 1 76  ? 1.602   -14.944 0.573   1.00 48.21  ? 62   LYS A CA  1 
ATOM   474  C C   . LYS A 1 76  ? 0.861   -13.623 0.516   1.00 47.05  ? 62   LYS A C   1 
ATOM   475  O O   . LYS A 1 76  ? 1.425   -12.601 0.150   1.00 47.48  ? 62   LYS A O   1 
ATOM   476  C CB  . LYS A 1 76  ? 2.144   -15.150 1.991   1.00 48.04  ? 62   LYS A CB  1 
ATOM   477  C CG  . LYS A 1 76  ? 2.713   -13.893 2.622   1.00 48.11  ? 62   LYS A CG  1 
ATOM   478  C CD  . LYS A 1 76  ? 3.319   -14.147 4.003   1.00 47.40  ? 62   LYS A CD  1 
ATOM   479  C CE  . LYS A 1 76  ? 2.293   -14.550 5.047   1.00 47.23  ? 62   LYS A CE  1 
ATOM   480  N NZ  . LYS A 1 76  ? 2.895   -14.630 6.412   1.00 43.40  ? 62   LYS A NZ  1 
ATOM   481  N N   . TYR A 1 77  ? -0.410  -13.648 0.888   1.00 46.06  ? 63   TYR A N   1 
ATOM   482  C CA  . TYR A 1 77  ? -1.219  -12.445 0.893   1.00 44.92  ? 63   TYR A CA  1 
ATOM   483  C C   . TYR A 1 77  ? -1.941  -12.359 2.220   1.00 46.22  ? 63   TYR A C   1 
ATOM   484  O O   . TYR A 1 77  ? -2.582  -13.316 2.647   1.00 46.69  ? 63   TYR A O   1 
ATOM   485  C CB  . TYR A 1 77  ? -2.242  -12.485 -0.238  1.00 44.39  ? 63   TYR A CB  1 
ATOM   486  C CG  . TYR A 1 77  ? -3.423  -11.559 -0.022  1.00 45.93  ? 63   TYR A CG  1 
ATOM   487  C CD1 . TYR A 1 77  ? -3.382  -10.226 -0.420  1.00 43.80  ? 63   TYR A CD1 1 
ATOM   488  C CD2 . TYR A 1 77  ? -4.579  -12.020 0.599   1.00 43.87  ? 63   TYR A CD2 1 
ATOM   489  C CE1 . TYR A 1 77  ? -4.466  -9.378  -0.208  1.00 40.02  ? 63   TYR A CE1 1 
ATOM   490  C CE2 . TYR A 1 77  ? -5.666  -11.181 0.817   1.00 43.08  ? 63   TYR A CE2 1 
ATOM   491  C CZ  . TYR A 1 77  ? -5.604  -9.867  0.411   1.00 40.74  ? 63   TYR A CZ  1 
ATOM   492  O OH  . TYR A 1 77  ? -6.691  -9.055  0.625   1.00 37.83  ? 63   TYR A OH  1 
ATOM   493  N N   . ASP A 1 78  ? -1.848  -11.211 2.873   1.00 46.89  ? 64   ASP A N   1 
ATOM   494  C CA  . ASP A 1 78  ? -2.515  -11.023 4.146   1.00 49.30  ? 64   ASP A CA  1 
ATOM   495  C C   . ASP A 1 78  ? -3.475  -9.853  4.086   1.00 49.60  ? 64   ASP A C   1 
ATOM   496  O O   . ASP A 1 78  ? -3.311  -8.944  3.273   1.00 49.71  ? 64   ASP A O   1 
ATOM   497  C CB  . ASP A 1 78  ? -1.487  -10.776 5.249   1.00 51.12  ? 64   ASP A CB  1 
ATOM   498  C CG  . ASP A 1 78  ? -0.967  -12.060 5.860   1.00 53.03  ? 64   ASP A CG  1 
ATOM   499  O OD1 . ASP A 1 78  ? -0.632  -13.001 5.108   1.00 50.66  ? 64   ASP A OD1 1 
ATOM   500  O OD2 . ASP A 1 78  ? -0.887  -12.123 7.104   1.00 55.30  ? 64   ASP A OD2 1 
ATOM   501  N N   . GLN A 1 79  ? -4.486  -9.885  4.947   1.00 49.91  ? 65   GLN A N   1 
ATOM   502  C CA  . GLN A 1 79  ? -5.459  -8.803  5.023   1.00 48.71  ? 65   GLN A CA  1 
ATOM   503  C C   . GLN A 1 79  ? -5.965  -8.647  6.450   1.00 47.80  ? 65   GLN A C   1 
ATOM   504  O O   . GLN A 1 79  ? -6.134  -9.629  7.167   1.00 47.76  ? 65   GLN A O   1 
ATOM   505  C CB  . GLN A 1 79  ? -6.645  -9.058  4.096   1.00 47.33  ? 65   GLN A CB  1 
ATOM   506  C CG  . GLN A 1 79  ? -7.756  -8.051  4.309   1.00 51.15  ? 65   GLN A CG  1 
ATOM   507  C CD  . GLN A 1 79  ? -8.898  -8.206  3.334   1.00 54.15  ? 65   GLN A CD  1 
ATOM   508  O OE1 . GLN A 1 79  ? -9.916  -7.526  3.450   1.00 55.80  ? 65   GLN A OE1 1 
ATOM   509  N NE2 . GLN A 1 79  ? -8.737  -9.094  2.363   1.00 54.03  ? 65   GLN A NE2 1 
ATOM   510  N N   . SER A 1 80  ? -6.192  -7.406  6.863   1.00 46.63  ? 66   SER A N   1 
ATOM   511  C CA  . SER A 1 80  ? -6.703  -7.129  8.196   1.00 45.44  ? 66   SER A CA  1 
ATOM   512  C C   . SER A 1 80  ? -7.595  -5.915  8.133   1.00 44.12  ? 66   SER A C   1 
ATOM   513  O O   . SER A 1 80  ? -7.155  -4.831  7.756   1.00 44.57  ? 66   SER A O   1 
ATOM   514  C CB  . SER A 1 80  ? -5.574  -6.862  9.183   1.00 48.34  ? 66   SER A CB  1 
ATOM   515  O OG  . SER A 1 80  ? -6.113  -6.465  10.436  1.00 51.11  ? 66   SER A OG  1 
ATOM   516  N N   . THR A 1 81  ? -8.853  -6.115  8.500   1.00 43.86  ? 67   THR A N   1 
ATOM   517  C CA  . THR A 1 81  ? -9.847  -5.056  8.495   1.00 43.44  ? 67   THR A CA  1 
ATOM   518  C C   . THR A 1 81  ? -10.313 -4.838  9.920   1.00 43.66  ? 67   THR A C   1 
ATOM   519  O O   . THR A 1 81  ? -10.845 -5.749  10.547  1.00 43.97  ? 67   THR A O   1 
ATOM   520  C CB  . THR A 1 81  ? -11.066 -5.449  7.641   1.00 42.23  ? 67   THR A CB  1 
ATOM   521  O OG1 . THR A 1 81  ? -10.635 -5.709  6.301   1.00 40.15  ? 67   THR A OG1 1 
ATOM   522  C CG2 . THR A 1 81  ? -12.113 -4.331  7.648   1.00 41.32  ? 67   THR A CG2 1 
ATOM   523  N N   . ILE A 1 82  ? -10.117 -3.634  10.430  1.00 44.73  ? 68   ILE A N   1 
ATOM   524  C CA  . ILE A 1 82  ? -10.524 -3.337  11.792  1.00 45.68  ? 68   ILE A CA  1 
ATOM   525  C C   . ILE A 1 82  ? -11.618 -2.286  11.813  1.00 46.66  ? 68   ILE A C   1 
ATOM   526  O O   . ILE A 1 82  ? -11.573 -1.299  11.075  1.00 45.16  ? 68   ILE A O   1 
ATOM   527  C CB  . ILE A 1 82  ? -9.340  -2.848  12.635  1.00 43.31  ? 68   ILE A CB  1 
ATOM   528  C CG1 . ILE A 1 82  ? -8.274  -3.937  12.689  1.00 42.04  ? 68   ILE A CG1 1 
ATOM   529  C CG2 . ILE A 1 82  ? -9.816  -2.481  14.035  1.00 43.28  ? 68   ILE A CG2 1 
ATOM   530  C CD1 . ILE A 1 82  ? -7.039  -3.556  13.473  1.00 42.66  ? 68   ILE A CD1 1 
ATOM   531  N N   . ASN A 1 83  ? -12.603 -2.506  12.669  1.00 50.16  ? 69   ASN A N   1 
ATOM   532  C CA  . ASN A 1 83  ? -13.713 -1.584  12.781  1.00 52.51  ? 69   ASN A CA  1 
ATOM   533  C C   . ASN A 1 83  ? -13.291 -0.315  13.519  1.00 52.34  ? 69   ASN A C   1 
ATOM   534  O O   . ASN A 1 83  ? -12.199 -0.257  14.100  1.00 50.78  ? 69   ASN A O   1 
ATOM   535  C CB  . ASN A 1 83  ? -14.873 -2.268  13.509  1.00 52.72  ? 69   ASN A CB  1 
ATOM   536  C CG  . ASN A 1 83  ? -16.225 -1.725  13.083  1.00 55.41  ? 69   ASN A CG  1 
ATOM   537  O OD1 . ASN A 1 83  ? -17.268 -2.206  13.533  1.00 58.37  ? 69   ASN A OD1 1 
ATOM   538  N ND2 . ASN A 1 83  ? -16.215 -0.721  12.204  1.00 52.64  ? 69   ASN A ND2 1 
ATOM   539  N N   . GLN A 1 84  ? -14.168 0.690   13.480  1.00 54.27  ? 70   GLN A N   1 
ATOM   540  C CA  . GLN A 1 84  ? -13.958 1.991   14.125  1.00 57.88  ? 70   GLN A CA  1 
ATOM   541  C C   . GLN A 1 84  ? -13.359 1.884   15.525  1.00 58.19  ? 70   GLN A C   1 
ATOM   542  O O   . GLN A 1 84  ? -13.816 1.102   16.357  1.00 57.86  ? 70   GLN A O   1 
ATOM   543  C CB  . GLN A 1 84  ? -15.287 2.751   14.235  1.00 60.88  ? 70   GLN A CB  1 
ATOM   544  C CG  . GLN A 1 84  ? -15.954 3.122   12.913  1.00 66.91  ? 70   GLN A CG  1 
ATOM   545  C CD  . GLN A 1 84  ? -15.288 4.296   12.229  1.00 70.04  ? 70   GLN A CD  1 
ATOM   546  O OE1 . GLN A 1 84  ? -14.112 4.236   11.880  1.00 73.29  ? 70   GLN A OE1 1 
ATOM   547  N NE2 . GLN A 1 84  ? -16.041 5.377   12.037  1.00 70.75  ? 70   GLN A NE2 1 
ATOM   548  N N   . ARG A 1 85  ? -12.340 2.687   15.780  1.00 57.37  ? 71   ARG A N   1 
ATOM   549  C CA  . ARG A 1 85  ? -11.695 2.704   17.079  1.00 56.42  ? 71   ARG A CA  1 
ATOM   550  C C   . ARG A 1 85  ? -11.157 4.086   17.328  1.00 55.18  ? 71   ARG A C   1 
ATOM   551  O O   . ARG A 1 85  ? -10.267 4.537   16.622  1.00 55.38  ? 71   ARG A O   1 
ATOM   552  C CB  . ARG A 1 85  ? -10.539 1.703   17.145  1.00 57.20  ? 71   ARG A CB  1 
ATOM   553  C CG  . ARG A 1 85  ? -10.969 0.254   17.221  1.00 56.30  ? 71   ARG A CG  1 
ATOM   554  C CD  . ARG A 1 85  ? -9.796  -0.664  17.505  1.00 55.28  ? 71   ARG A CD  1 
ATOM   555  N NE  . ARG A 1 85  ? -10.209 -2.064  17.481  1.00 58.99  ? 71   ARG A NE  1 
ATOM   556  C CZ  . ARG A 1 85  ? -9.459  -3.077  17.903  1.00 61.10  ? 71   ARG A CZ  1 
ATOM   557  N NH1 . ARG A 1 85  ? -8.245  -2.854  18.389  1.00 61.85  ? 71   ARG A NH1 1 
ATOM   558  N NH2 . ARG A 1 85  ? -9.925  -4.316  17.845  1.00 61.62  ? 71   ARG A NH2 1 
ATOM   559  N N   . GLU A 1 86  ? -11.715 4.756   18.327  1.00 56.00  ? 72   GLU A N   1 
ATOM   560  C CA  . GLU A 1 86  ? -11.273 6.089   18.695  1.00 57.55  ? 72   GLU A CA  1 
ATOM   561  C C   . GLU A 1 86  ? -9.809  5.923   19.075  1.00 56.81  ? 72   GLU A C   1 
ATOM   562  O O   . GLU A 1 86  ? -9.497  5.251   20.050  1.00 58.76  ? 72   GLU A O   1 
ATOM   563  C CB  . GLU A 1 86  ? -12.079 6.576   19.892  1.00 59.16  ? 72   GLU A CB  1 
ATOM   564  C CG  . GLU A 1 86  ? -12.075 8.072   20.067  1.00 62.35  ? 72   GLU A CG  1 
ATOM   565  C CD  . GLU A 1 86  ? -12.637 8.782   18.859  1.00 65.45  ? 72   GLU A CD  1 
ATOM   566  O OE1 . GLU A 1 86  ? -13.720 8.373   18.388  1.00 66.85  ? 72   GLU A OE1 1 
ATOM   567  O OE2 . GLU A 1 86  ? -11.998 9.749   18.383  1.00 67.79  ? 72   GLU A OE2 1 
ATOM   568  N N   . GLN A 1 87  ? -8.909  6.519   18.298  1.00 55.97  ? 73   GLN A N   1 
ATOM   569  C CA  . GLN A 1 87  ? -7.478  6.386   18.566  1.00 54.66  ? 73   GLN A CA  1 
ATOM   570  C C   . GLN A 1 87  ? -6.669  7.504   17.928  1.00 56.51  ? 73   GLN A C   1 
ATOM   571  O O   . GLN A 1 87  ? -7.194  8.312   17.163  1.00 56.71  ? 73   GLN A O   1 
ATOM   572  C CB  . GLN A 1 87  ? -6.976  5.048   18.027  1.00 51.25  ? 73   GLN A CB  1 
ATOM   573  C CG  . GLN A 1 87  ? -7.180  4.892   16.526  1.00 51.76  ? 73   GLN A CG  1 
ATOM   574  C CD  . GLN A 1 87  ? -6.825  3.501   16.013  1.00 51.22  ? 73   GLN A CD  1 
ATOM   575  O OE1 . GLN A 1 87  ? -5.711  3.024   16.218  1.00 51.48  ? 73   GLN A OE1 1 
ATOM   576  N NE2 . GLN A 1 87  ? -7.773  2.851   15.336  1.00 50.33  ? 73   GLN A NE2 1 
ATOM   577  N N   . GLU A 1 88  ? -5.384  7.542   18.253  1.00 57.61  ? 74   GLU A N   1 
ATOM   578  C CA  . GLU A 1 88  ? -4.491  8.544   17.699  1.00 57.47  ? 74   GLU A CA  1 
ATOM   579  C C   . GLU A 1 88  ? -3.879  7.968   16.422  1.00 56.44  ? 74   GLU A C   1 
ATOM   580  O O   . GLU A 1 88  ? -3.848  6.752   16.230  1.00 55.04  ? 74   GLU A O   1 
ATOM   581  C CB  . GLU A 1 88  ? -3.374  8.889   18.695  1.00 59.44  ? 74   GLU A CB  1 
ATOM   582  C CG  . GLU A 1 88  ? -3.840  9.259   20.106  1.00 59.27  ? 74   GLU A CG  1 
ATOM   583  C CD  . GLU A 1 88  ? -2.702  9.785   20.976  1.00 59.68  ? 74   GLU A CD  1 
ATOM   584  O OE1 . GLU A 1 88  ? -1.574  9.267   20.847  1.00 56.97  ? 74   GLU A OE1 1 
ATOM   585  O OE2 . GLU A 1 88  ? -2.941  10.706  21.791  1.00 58.36  ? 74   GLU A OE2 1 
ATOM   586  N N   . VAL A 1 89  ? -3.393  8.843   15.549  1.00 55.07  ? 75   VAL A N   1 
ATOM   587  C CA  . VAL A 1 89  ? -2.784  8.403   14.303  1.00 53.91  ? 75   VAL A CA  1 
ATOM   588  C C   . VAL A 1 89  ? -1.573  7.505   14.559  1.00 54.63  ? 75   VAL A C   1 
ATOM   589  O O   . VAL A 1 89  ? -1.450  6.424   13.971  1.00 53.93  ? 75   VAL A O   1 
ATOM   590  C CB  . VAL A 1 89  ? -2.358  9.610   13.460  1.00 54.88  ? 75   VAL A CB  1 
ATOM   591  C CG1 . VAL A 1 89  ? -1.533  9.160   12.270  1.00 54.51  ? 75   VAL A CG1 1 
ATOM   592  C CG2 . VAL A 1 89  ? -3.590  10.368  12.996  1.00 54.11  ? 75   VAL A CG2 1 
ATOM   593  N N   . GLY A 1 90  ? -0.690  7.957   15.447  1.00 55.41  ? 76   GLY A N   1 
ATOM   594  C CA  . GLY A 1 90  ? 0.506   7.201   15.769  1.00 54.10  ? 76   GLY A CA  1 
ATOM   595  C C   . GLY A 1 90  ? 0.194   5.804   16.256  1.00 55.48  ? 76   GLY A C   1 
ATOM   596  O O   . GLY A 1 90  ? 0.875   4.848   15.902  1.00 56.26  ? 76   GLY A O   1 
ATOM   597  N N   . SER A 1 91  ? -0.835  5.680   17.085  1.00 55.99  ? 77   SER A N   1 
ATOM   598  C CA  . SER A 1 91  ? -1.216  4.377   17.602  1.00 57.63  ? 77   SER A CA  1 
ATOM   599  C C   . SER A 1 91  ? -1.640  3.496   16.435  1.00 56.48  ? 77   SER A C   1 
ATOM   600  O O   . SER A 1 91  ? -1.290  2.317   16.351  1.00 55.16  ? 77   SER A O   1 
ATOM   601  C CB  . SER A 1 91  ? -2.372  4.523   18.585  1.00 58.92  ? 77   SER A CB  1 
ATOM   602  O OG  . SER A 1 91  ? -2.843  3.250   18.989  1.00 65.41  ? 77   SER A OG  1 
ATOM   603  N N   . MET A 1 92  ? -2.394  4.101   15.526  1.00 56.42  ? 78   MET A N   1 
ATOM   604  C CA  . MET A 1 92  ? -2.900  3.419   14.352  1.00 55.66  ? 78   MET A CA  1 
ATOM   605  C C   . MET A 1 92  ? -1.770  3.022   13.404  1.00 54.69  ? 78   MET A C   1 
ATOM   606  O O   . MET A 1 92  ? -1.545  1.833   13.146  1.00 52.61  ? 78   MET A O   1 
ATOM   607  C CB  . MET A 1 92  ? -3.900  4.333   13.650  1.00 56.64  ? 78   MET A CB  1 
ATOM   608  C CG  . MET A 1 92  ? -4.491  3.766   12.380  1.00 58.67  ? 78   MET A CG  1 
ATOM   609  S SD  . MET A 1 92  ? -5.679  4.925   11.684  1.00 59.36  ? 78   MET A SD  1 
ATOM   610  C CE  . MET A 1 92  ? -4.556  6.115   10.942  1.00 59.68  ? 78   MET A CE  1 
ATOM   611  N N   . VAL A 1 93  ? -1.059  4.021   12.894  1.00 51.53  ? 79   VAL A N   1 
ATOM   612  C CA  . VAL A 1 93  ? 0.045   3.779   11.977  1.00 51.25  ? 79   VAL A CA  1 
ATOM   613  C C   . VAL A 1 93  ? 0.994   2.718   12.524  1.00 53.41  ? 79   VAL A C   1 
ATOM   614  O O   . VAL A 1 93  ? 1.518   1.885   11.775  1.00 52.73  ? 79   VAL A O   1 
ATOM   615  C CB  . VAL A 1 93  ? 0.835   5.076   11.711  1.00 50.33  ? 79   VAL A CB  1 
ATOM   616  C CG1 . VAL A 1 93  ? 2.032   4.788   10.829  1.00 48.06  ? 79   VAL A CG1 1 
ATOM   617  C CG2 . VAL A 1 93  ? -0.070  6.103   11.046  1.00 48.54  ? 79   VAL A CG2 1 
ATOM   618  N N   . ASP A 1 94  ? 1.207   2.751   13.837  1.00 53.92  ? 80   ASP A N   1 
ATOM   619  C CA  . ASP A 1 94  ? 2.078   1.796   14.506  1.00 54.54  ? 80   ASP A CA  1 
ATOM   620  C C   . ASP A 1 94  ? 1.558   0.377   14.366  1.00 54.00  ? 80   ASP A C   1 
ATOM   621  O O   . ASP A 1 94  ? 2.302   -0.527  13.975  1.00 52.80  ? 80   ASP A O   1 
ATOM   622  C CB  . ASP A 1 94  ? 2.194   2.152   15.979  1.00 59.45  ? 80   ASP A CB  1 
ATOM   623  C CG  . ASP A 1 94  ? 3.580   2.601   16.356  1.00 61.20  ? 80   ASP A CG  1 
ATOM   624  O OD1 . ASP A 1 94  ? 4.306   3.101   15.468  1.00 63.59  ? 80   ASP A OD1 1 
ATOM   625  O OD2 . ASP A 1 94  ? 3.933   2.464   17.544  1.00 61.31  ? 80   ASP A OD2 1 
ATOM   626  N N   . LYS A 1 95  ? 0.284   0.181   14.696  1.00 53.20  ? 81   LYS A N   1 
ATOM   627  C CA  . LYS A 1 95  ? -0.337  -1.137  14.577  1.00 52.99  ? 81   LYS A CA  1 
ATOM   628  C C   . LYS A 1 95  ? -0.197  -1.625  13.128  1.00 52.68  ? 81   LYS A C   1 
ATOM   629  O O   . LYS A 1 95  ? 0.130   -2.785  12.879  1.00 51.98  ? 81   LYS A O   1 
ATOM   630  C CB  . LYS A 1 95  ? -1.821  -1.063  14.942  1.00 53.14  ? 81   LYS A CB  1 
ATOM   631  C CG  . LYS A 1 95  ? -2.101  -0.483  16.316  1.00 54.66  ? 81   LYS A CG  1 
ATOM   632  C CD  . LYS A 1 95  ? -3.587  -0.197  16.496  1.00 53.77  ? 81   LYS A CD  1 
ATOM   633  C CE  . LYS A 1 95  ? -3.850  0.601   17.764  1.00 53.90  ? 81   LYS A CE  1 
ATOM   634  N NZ  . LYS A 1 95  ? -5.294  0.976   17.921  1.00 52.05  ? 81   LYS A NZ  1 
ATOM   635  N N   . ILE A 1 96  ? -0.452  -0.731  12.175  1.00 50.10  ? 82   ILE A N   1 
ATOM   636  C CA  . ILE A 1 96  ? -0.351  -1.088  10.769  1.00 50.05  ? 82   ILE A CA  1 
ATOM   637  C C   . ILE A 1 96  ? 1.072   -1.547  10.459  1.00 50.45  ? 82   ILE A C   1 
ATOM   638  O O   . ILE A 1 96  ? 1.281   -2.563  9.793   1.00 49.15  ? 82   ILE A O   1 
ATOM   639  C CB  . ILE A 1 96  ? -0.727  0.111   9.847   1.00 49.10  ? 82   ILE A CB  1 
ATOM   640  C CG1 . ILE A 1 96  ? -2.171  0.547   10.113  1.00 47.10  ? 82   ILE A CG1 1 
ATOM   641  C CG2 . ILE A 1 96  ? -0.588  -0.283  8.390   1.00 46.92  ? 82   ILE A CG2 1 
ATOM   642  C CD1 . ILE A 1 96  ? -2.610  1.773   9.328   1.00 42.94  ? 82   ILE A CD1 1 
ATOM   643  N N   . ALA A 1 97  ? 2.054   -0.799  10.948  1.00 52.28  ? 83   ALA A N   1 
ATOM   644  C CA  . ALA A 1 97  ? 3.456   -1.151  10.718  1.00 51.11  ? 83   ALA A CA  1 
ATOM   645  C C   . ALA A 1 97  ? 3.795   -2.489  11.379  1.00 49.52  ? 83   ALA A C   1 
ATOM   646  O O   . ALA A 1 97  ? 4.498   -3.314  10.797  1.00 49.01  ? 83   ALA A O   1 
ATOM   647  C CB  . ALA A 1 97  ? 4.367   -0.048  11.260  1.00 49.84  ? 83   ALA A CB  1 
ATOM   648  N N   . LYS A 1 98  ? 3.300   -2.698  12.599  1.00 50.21  ? 84   LYS A N   1 
ATOM   649  C CA  . LYS A 1 98  ? 3.561   -3.944  13.310  1.00 51.26  ? 84   LYS A CA  1 
ATOM   650  C C   . LYS A 1 98  ? 2.939   -5.114  12.563  1.00 51.10  ? 84   LYS A C   1 
ATOM   651  O O   . LYS A 1 98  ? 3.519   -6.198  12.485  1.00 49.81  ? 84   LYS A O   1 
ATOM   652  C CB  . LYS A 1 98  ? 3.009   -3.891  14.737  1.00 54.27  ? 84   LYS A CB  1 
ATOM   653  C CG  . LYS A 1 98  ? 3.246   -5.192  15.508  1.00 59.41  ? 84   LYS A CG  1 
ATOM   654  C CD  . LYS A 1 98  ? 3.126   -5.018  17.017  1.00 63.55  ? 84   LYS A CD  1 
ATOM   655  C CE  . LYS A 1 98  ? 3.563   -6.288  17.754  1.00 64.91  ? 84   LYS A CE  1 
ATOM   656  N NZ  . LYS A 1 98  ? 3.559   -6.123  19.243  1.00 64.20  ? 84   LYS A NZ  1 
ATOM   657  N N   . PHE A 1 99  ? 1.755   -4.882  12.011  1.00 51.87  ? 85   PHE A N   1 
ATOM   658  C CA  . PHE A 1 99  ? 1.050   -5.900  11.251  1.00 50.62  ? 85   PHE A CA  1 
ATOM   659  C C   . PHE A 1 99  ? 1.886   -6.320  10.039  1.00 50.89  ? 85   PHE A C   1 
ATOM   660  O O   . PHE A 1 99  ? 2.045   -7.508  9.761   1.00 49.91  ? 85   PHE A O   1 
ATOM   661  C CB  . PHE A 1 99  ? -0.307  -5.361  10.776  1.00 49.41  ? 85   PHE A CB  1 
ATOM   662  C CG  . PHE A 1 99  ? -1.052  -6.309  9.872   1.00 47.66  ? 85   PHE A CG  1 
ATOM   663  C CD1 . PHE A 1 99  ? -1.724  -7.412  10.397  1.00 46.29  ? 85   PHE A CD1 1 
ATOM   664  C CD2 . PHE A 1 99  ? -1.044  -6.123  8.489   1.00 44.79  ? 85   PHE A CD2 1 
ATOM   665  C CE1 . PHE A 1 99  ? -2.372  -8.314  9.565   1.00 45.45  ? 85   PHE A CE1 1 
ATOM   666  C CE2 . PHE A 1 99  ? -1.691  -7.024  7.643   1.00 44.15  ? 85   PHE A CE2 1 
ATOM   667  C CZ  . PHE A 1 99  ? -2.356  -8.123  8.184   1.00 45.14  ? 85   PHE A CZ  1 
ATOM   668  N N   . LEU A 1 100 ? 2.423   -5.338  9.324   1.00 50.49  ? 86   LEU A N   1 
ATOM   669  C CA  . LEU A 1 100 ? 3.227   -5.620  8.146   1.00 52.98  ? 86   LEU A CA  1 
ATOM   670  C C   . LEU A 1 100 ? 4.506   -6.373  8.480   1.00 53.53  ? 86   LEU A C   1 
ATOM   671  O O   . LEU A 1 100 ? 4.752   -7.463  7.957   1.00 54.60  ? 86   LEU A O   1 
ATOM   672  C CB  . LEU A 1 100 ? 3.558   -4.321  7.410   1.00 53.02  ? 86   LEU A CB  1 
ATOM   673  C CG  . LEU A 1 100 ? 2.320   -3.627  6.828   1.00 54.79  ? 86   LEU A CG  1 
ATOM   674  C CD1 . LEU A 1 100 ? 2.685   -2.260  6.267   1.00 53.34  ? 86   LEU A CD1 1 
ATOM   675  C CD2 . LEU A 1 100 ? 1.711   -4.514  5.754   1.00 53.23  ? 86   LEU A CD2 1 
ATOM   676  N N   . ARG A 1 101 ? 5.313   -5.791  9.357   1.00 55.45  ? 87   ARG A N   1 
ATOM   677  C CA  . ARG A 1 101 ? 6.570   -6.400  9.753   1.00 56.88  ? 87   ARG A CA  1 
ATOM   678  C C   . ARG A 1 101 ? 6.419   -7.855  10.200  1.00 56.21  ? 87   ARG A C   1 
ATOM   679  O O   . ARG A 1 101 ? 7.220   -8.708  9.814   1.00 54.91  ? 87   ARG A O   1 
ATOM   680  C CB  . ARG A 1 101 ? 7.205   -5.578  10.868  1.00 61.27  ? 87   ARG A CB  1 
ATOM   681  C CG  . ARG A 1 101 ? 8.576   -6.067  11.296  1.00 64.26  ? 87   ARG A CG  1 
ATOM   682  C CD  . ARG A 1 101 ? 8.933   -5.477  12.635  1.00 68.84  ? 87   ARG A CD  1 
ATOM   683  N NE  . ARG A 1 101 ? 7.859   -5.726  13.592  1.00 73.53  ? 87   ARG A NE  1 
ATOM   684  C CZ  . ARG A 1 101 ? 7.874   -5.329  14.859  1.00 76.07  ? 87   ARG A CZ  1 
ATOM   685  N NH1 . ARG A 1 101 ? 8.919   -4.657  15.330  1.00 77.95  ? 87   ARG A NH1 1 
ATOM   686  N NH2 . ARG A 1 101 ? 6.843   -5.604  15.653  1.00 76.90  ? 87   ARG A NH2 1 
ATOM   687  N N   . ASP A 1 102 ? 5.389   -8.147  10.993  1.00 57.15  ? 88   ASP A N   1 
ATOM   688  C CA  . ASP A 1 102 ? 5.183   -9.511  11.485  1.00 57.93  ? 88   ASP A CA  1 
ATOM   689  C C   . ASP A 1 102 ? 4.670   -10.497 10.439  1.00 57.75  ? 88   ASP A C   1 
ATOM   690  O O   . ASP A 1 102 ? 4.928   -11.700 10.533  1.00 58.61  ? 88   ASP A O   1 
ATOM   691  C CB  . ASP A 1 102 ? 4.219   -9.535  12.676  1.00 61.08  ? 88   ASP A CB  1 
ATOM   692  C CG  . ASP A 1 102 ? 4.697   -8.688  13.847  1.00 65.82  ? 88   ASP A CG  1 
ATOM   693  O OD1 . ASP A 1 102 ? 5.925   -8.549  14.045  1.00 67.51  ? 88   ASP A OD1 1 
ATOM   694  O OD2 . ASP A 1 102 ? 3.832   -8.169  14.585  1.00 66.68  ? 88   ASP A OD2 1 
ATOM   695  N N   . ALA A 1 103 ? 3.944   -10.005 9.444   1.00 56.90  ? 89   ALA A N   1 
ATOM   696  C CA  . ALA A 1 103 ? 3.405   -10.894 8.420   1.00 55.02  ? 89   ALA A CA  1 
ATOM   697  C C   . ALA A 1 103 ? 4.354   -11.126 7.255   1.00 53.30  ? 89   ALA A C   1 
ATOM   698  O O   . ALA A 1 103 ? 4.370   -12.204 6.670   1.00 51.03  ? 89   ALA A O   1 
ATOM   699  C CB  . ALA A 1 103 ? 2.068   -10.343 7.897   1.00 54.49  ? 89   ALA A CB  1 
ATOM   700  N N   . PHE A 1 104 ? 5.166   -10.129 6.930   1.00 54.56  ? 90   PHE A N   1 
ATOM   701  C CA  . PHE A 1 104 ? 6.046   -10.270 5.781   1.00 55.62  ? 90   PHE A CA  1 
ATOM   702  C C   . PHE A 1 104 ? 7.547   -10.169 5.989   1.00 57.05  ? 90   PHE A C   1 
ATOM   703  O O   . PHE A 1 104 ? 8.050   -9.246  6.637   1.00 56.22  ? 90   PHE A O   1 
ATOM   704  C CB  . PHE A 1 104 ? 5.611   -9.269  4.714   1.00 54.84  ? 90   PHE A CB  1 
ATOM   705  C CG  . PHE A 1 104 ? 4.171   -9.409  4.316   1.00 53.44  ? 90   PHE A CG  1 
ATOM   706  C CD1 . PHE A 1 104 ? 3.772   -10.424 3.449   1.00 51.87  ? 90   PHE A CD1 1 
ATOM   707  C CD2 . PHE A 1 104 ? 3.210   -8.547  4.834   1.00 51.29  ? 90   PHE A CD2 1 
ATOM   708  C CE1 . PHE A 1 104 ? 2.430   -10.579 3.102   1.00 52.32  ? 90   PHE A CE1 1 
ATOM   709  C CE2 . PHE A 1 104 ? 1.867   -8.690  4.496   1.00 52.07  ? 90   PHE A CE2 1 
ATOM   710  C CZ  . PHE A 1 104 ? 1.473   -9.709  3.626   1.00 52.10  ? 90   PHE A CZ  1 
ATOM   711  N N   . SER A 1 105 ? 8.251   -11.135 5.408   1.00 57.14  ? 91   SER A N   1 
ATOM   712  C CA  . SER A 1 105 ? 9.700   -11.199 5.469   1.00 58.85  ? 91   SER A CA  1 
ATOM   713  C C   . SER A 1 105 ? 10.303  -9.971  4.801   1.00 60.69  ? 91   SER A C   1 
ATOM   714  O O   . SER A 1 105 ? 11.355  -9.489  5.208   1.00 61.48  ? 91   SER A O   1 
ATOM   715  C CB  . SER A 1 105 ? 10.193  -12.447 4.747   1.00 58.09  ? 91   SER A CB  1 
ATOM   716  O OG  . SER A 1 105 ? 9.721   -13.619 5.381   1.00 59.18  ? 91   SER A OG  1 
ATOM   717  N N   . ALA A 1 106 ? 9.625   -9.474  3.771   1.00 62.77  ? 92   ALA A N   1 
ATOM   718  C CA  . ALA A 1 106 ? 10.085  -8.311  3.024   1.00 65.20  ? 92   ALA A CA  1 
ATOM   719  C C   . ALA A 1 106 ? 10.110  -7.058  3.895   1.00 69.40  ? 92   ALA A C   1 
ATOM   720  O O   . ALA A 1 106 ? 10.513  -5.981  3.442   1.00 69.41  ? 92   ALA A O   1 
ATOM   721  C CB  . ALA A 1 106 ? 9.190   -8.088  1.811   1.00 64.85  ? 92   ALA A CB  1 
ATOM   722  N N   . VAL A 1 107 ? 9.681   -7.197  5.145   1.00 72.92  ? 93   VAL A N   1 
ATOM   723  C CA  . VAL A 1 107 ? 9.661   -6.066  6.057   1.00 75.11  ? 93   VAL A CA  1 
ATOM   724  C C   . VAL A 1 107 ? 10.270  -6.441  7.406   1.00 77.61  ? 93   VAL A C   1 
ATOM   725  O O   . VAL A 1 107 ? 9.560   -6.800  8.339   1.00 77.59  ? 93   VAL A O   1 
ATOM   726  C CB  . VAL A 1 107 ? 8.211   -5.557  6.262   1.00 74.92  ? 93   VAL A CB  1 
ATOM   727  C CG1 . VAL A 1 107 ? 8.215   -4.267  7.079   1.00 74.90  ? 93   VAL A CG1 1 
ATOM   728  C CG2 . VAL A 1 107 ? 7.544   -5.336  4.907   1.00 72.63  ? 93   VAL A CG2 1 
ATOM   729  N N   . VAL A 1 108 ? 11.596  -6.363  7.490   1.00 81.22  ? 94   VAL A N   1 
ATOM   730  C CA  . VAL A 1 108 ? 12.312  -6.681  8.724   1.00 83.15  ? 94   VAL A CA  1 
ATOM   731  C C   . VAL A 1 108 ? 12.269  -5.481  9.663   1.00 84.42  ? 94   VAL A C   1 
ATOM   732  O O   . VAL A 1 108 ? 11.939  -5.611  10.844  1.00 84.40  ? 94   VAL A O   1 
ATOM   733  C CB  . VAL A 1 108 ? 13.794  -7.037  8.449   1.00 83.42  ? 94   VAL A CB  1 
ATOM   734  C CG1 . VAL A 1 108 ? 13.870  -8.250  7.542   1.00 83.69  ? 94   VAL A CG1 1 
ATOM   735  C CG2 . VAL A 1 108 ? 14.525  -5.846  7.821   1.00 82.89  ? 94   VAL A CG2 1 
ATOM   736  N N   . ASP A 1 109 ? 12.596  -4.313  9.124   1.00 85.83  ? 95   ASP A N   1 
ATOM   737  C CA  . ASP A 1 109 ? 12.596  -3.087  9.906   1.00 87.32  ? 95   ASP A CA  1 
ATOM   738  C C   . ASP A 1 109 ? 11.162  -2.615  10.133  1.00 87.79  ? 95   ASP A C   1 
ATOM   739  O O   . ASP A 1 109 ? 10.284  -2.829  9.299   1.00 87.54  ? 95   ASP A O   1 
ATOM   740  C CB  . ASP A 1 109 ? 13.405  -2.009  9.178   1.00 87.89  ? 95   ASP A CB  1 
ATOM   741  C CG  . ASP A 1 109 ? 13.627  -0.774  10.027  1.00 88.17  ? 95   ASP A CG  1 
ATOM   742  O OD1 . ASP A 1 109 ? 12.633  -0.100  10.364  1.00 85.87  ? 95   ASP A OD1 1 
ATOM   743  O OD2 . ASP A 1 109 ? 14.799  -0.479  10.355  1.00 89.37  ? 95   ASP A OD2 1 
ATOM   744  N N   . LEU A 1 110 ? 10.932  -1.976  11.272  1.00 88.50  ? 96   LEU A N   1 
ATOM   745  C CA  . LEU A 1 110 ? 9.610   -1.478  11.618  1.00 89.09  ? 96   LEU A CA  1 
ATOM   746  C C   . LEU A 1 110 ? 9.611   0.049   11.549  1.00 89.87  ? 96   LEU A C   1 
ATOM   747  O O   . LEU A 1 110 ? 8.659   0.661   11.073  1.00 88.96  ? 96   LEU A O   1 
ATOM   748  C CB  . LEU A 1 110 ? 9.246   -1.942  13.034  1.00 88.51  ? 96   LEU A CB  1 
ATOM   749  C CG  . LEU A 1 110 ? 7.839   -1.762  13.613  1.00 87.50  ? 96   LEU A CG  1 
ATOM   750  C CD1 . LEU A 1 110 ? 7.464   -0.285  13.680  1.00 86.50  ? 96   LEU A CD1 1 
ATOM   751  C CD2 . LEU A 1 110 ? 6.854   -2.539  12.768  1.00 87.65  ? 96   LEU A CD2 1 
ATOM   752  N N   . SER A 1 111 ? 10.698  0.650   12.023  1.00 91.60  ? 97   SER A N   1 
ATOM   753  C CA  . SER A 1 111 ? 10.848  2.103   12.046  1.00 91.42  ? 97   SER A CA  1 
ATOM   754  C C   . SER A 1 111 ? 10.673  2.773   10.684  1.00 89.87  ? 97   SER A C   1 
ATOM   755  O O   . SER A 1 111 ? 9.787   3.611   10.511  1.00 89.03  ? 97   SER A O   1 
ATOM   756  C CB  . SER A 1 111 ? 12.216  2.477   12.638  1.00 93.04  ? 97   SER A CB  1 
ATOM   757  O OG  . SER A 1 111 ? 13.283  1.887   11.911  1.00 94.28  ? 97   SER A OG  1 
ATOM   758  N N   . LYS A 1 112 ? 11.522  2.414   9.727   1.00 89.12  ? 98   LYS A N   1 
ATOM   759  C CA  . LYS A 1 112 ? 11.448  2.986   8.384   1.00 87.91  ? 98   LYS A CA  1 
ATOM   760  C C   . LYS A 1 112 ? 10.013  2.912   7.872   1.00 86.54  ? 98   LYS A C   1 
ATOM   761  O O   . LYS A 1 112 ? 9.506   3.847   7.243   1.00 86.28  ? 98   LYS A O   1 
ATOM   762  C CB  . LYS A 1 112 ? 12.370  2.216   7.429   1.00 87.61  ? 98   LYS A CB  1 
ATOM   763  C CG  . LYS A 1 112 ? 13.827  2.204   7.849   1.00 88.35  ? 98   LYS A CG  1 
ATOM   764  C CD  . LYS A 1 112 ? 14.665  1.331   6.932   1.00 89.42  ? 98   LYS A CD  1 
ATOM   765  C CE  . LYS A 1 112 ? 16.121  1.367   7.349   1.00 89.17  ? 98   LYS A CE  1 
ATOM   766  N NZ  . LYS A 1 112 ? 16.261  1.024   8.791   1.00 88.67  ? 98   LYS A NZ  1 
ATOM   767  N N   . LEU A 1 113 ? 9.366   1.786   8.157   1.00 83.77  ? 99   LEU A N   1 
ATOM   768  C CA  . LEU A 1 113 ? 7.995   1.551   7.738   1.00 80.35  ? 99   LEU A CA  1 
ATOM   769  C C   . LEU A 1 113 ? 7.045   2.567   8.369   1.00 77.63  ? 99   LEU A C   1 
ATOM   770  O O   . LEU A 1 113 ? 6.544   3.465   7.687   1.00 76.89  ? 99   LEU A O   1 
ATOM   771  C CB  . LEU A 1 113 ? 7.581   0.126   8.117   1.00 80.84  ? 99   LEU A CB  1 
ATOM   772  C CG  . LEU A 1 113 ? 6.207   -0.370  7.651   1.00 81.27  ? 99   LEU A CG  1 
ATOM   773  C CD1 . LEU A 1 113 ? 6.056   -0.161  6.152   1.00 77.96  ? 99   LEU A CD1 1 
ATOM   774  C CD2 . LEU A 1 113 ? 6.051   -1.846  8.016   1.00 80.40  ? 99   LEU A CD2 1 
ATOM   775  N N   . GLY A 1 114 ? 6.803   2.424   9.670   1.00 74.25  ? 100  GLY A N   1 
ATOM   776  C CA  . GLY A 1 114 ? 5.914   3.338   10.369  1.00 70.02  ? 100  GLY A CA  1 
ATOM   777  C C   . GLY A 1 114 ? 6.142   4.798   10.010  1.00 67.00  ? 100  GLY A C   1 
ATOM   778  O O   . GLY A 1 114 ? 5.201   5.592   9.960   1.00 67.29  ? 100  GLY A O   1 
ATOM   779  N N   . ALA A 1 115 ? 7.396   5.152   9.756   1.00 64.74  ? 101  ALA A N   1 
ATOM   780  C CA  . ALA A 1 115 ? 7.748   6.520   9.401   1.00 61.74  ? 101  ALA A CA  1 
ATOM   781  C C   . ALA A 1 115 ? 7.067   6.919   8.101   1.00 59.58  ? 101  ALA A C   1 
ATOM   782  O O   . ALA A 1 115 ? 6.344   7.914   8.042   1.00 56.87  ? 101  ALA A O   1 
ATOM   783  C CB  . ALA A 1 115 ? 9.258   6.644   9.253   1.00 61.68  ? 101  ALA A CB  1 
ATOM   784  N N   . ILE A 1 116 ? 7.307   6.130   7.058   1.00 57.80  ? 102  ILE A N   1 
ATOM   785  C CA  . ILE A 1 116 ? 6.737   6.396   5.746   1.00 54.76  ? 102  ILE A CA  1 
ATOM   786  C C   . ILE A 1 116 ? 5.221   6.550   5.778   1.00 54.84  ? 102  ILE A C   1 
ATOM   787  O O   . ILE A 1 116 ? 4.663   7.437   5.128   1.00 56.72  ? 102  ILE A O   1 
ATOM   788  C CB  . ILE A 1 116 ? 7.113   5.279   4.751   1.00 52.07  ? 102  ILE A CB  1 
ATOM   789  C CG1 . ILE A 1 116 ? 8.627   5.308   4.499   1.00 49.85  ? 102  ILE A CG1 1 
ATOM   790  C CG2 . ILE A 1 116 ? 6.320   5.443   3.452   1.00 51.85  ? 102  ILE A CG2 1 
ATOM   791  C CD1 . ILE A 1 116 ? 9.123   4.251   3.513   1.00 49.87  ? 102  ILE A CD1 1 
ATOM   792  N N   . ILE A 1 117 ? 4.553   5.691   6.534   1.00 53.49  ? 103  ILE A N   1 
ATOM   793  C CA  . ILE A 1 117 ? 3.104   5.755   6.622   1.00 53.03  ? 103  ILE A CA  1 
ATOM   794  C C   . ILE A 1 117 ? 2.644   6.970   7.418   1.00 54.19  ? 103  ILE A C   1 
ATOM   795  O O   . ILE A 1 117 ? 1.665   7.617   7.058   1.00 54.90  ? 103  ILE A O   1 
ATOM   796  C CB  . ILE A 1 117 ? 2.544   4.461   7.250   1.00 50.20  ? 103  ILE A CB  1 
ATOM   797  C CG1 . ILE A 1 117 ? 2.868   3.276   6.331   1.00 47.34  ? 103  ILE A CG1 1 
ATOM   798  C CG2 . ILE A 1 117 ? 1.043   4.585   7.462   1.00 46.34  ? 103  ILE A CG2 1 
ATOM   799  C CD1 . ILE A 1 117 ? 2.896   1.949   7.026   1.00 47.40  ? 103  ILE A CD1 1 
ATOM   800  N N   . LEU A 1 118 ? 3.358   7.287   8.494   1.00 55.49  ? 104  LEU A N   1 
ATOM   801  C CA  . LEU A 1 118 ? 3.010   8.434   9.330   1.00 57.90  ? 104  LEU A CA  1 
ATOM   802  C C   . LEU A 1 118 ? 3.178   9.734   8.553   1.00 59.19  ? 104  LEU A C   1 
ATOM   803  O O   . LEU A 1 118 ? 2.340   10.634  8.640   1.00 58.61  ? 104  LEU A O   1 
ATOM   804  C CB  . LEU A 1 118 ? 3.891   8.469   10.579  1.00 58.53  ? 104  LEU A CB  1 
ATOM   805  C CG  . LEU A 1 118 ? 3.536   9.557   11.595  1.00 58.00  ? 104  LEU A CG  1 
ATOM   806  C CD1 . LEU A 1 118 ? 2.106   9.338   12.094  1.00 56.53  ? 104  LEU A CD1 1 
ATOM   807  C CD2 . LEU A 1 118 ? 4.527   9.522   12.749  1.00 57.53  ? 104  LEU A CD2 1 
ATOM   808  N N   . ASN A 1 119 ? 4.266   9.824   7.793   1.00 60.57  ? 105  ASN A N   1 
ATOM   809  C CA  . ASN A 1 119 ? 4.544   11.004  6.979   1.00 63.96  ? 105  ASN A CA  1 
ATOM   810  C C   . ASN A 1 119 ? 3.417   11.242  5.981   1.00 64.01  ? 105  ASN A C   1 
ATOM   811  O O   . ASN A 1 119 ? 2.888   12.347  5.883   1.00 65.55  ? 105  ASN A O   1 
ATOM   812  C CB  . ASN A 1 119 ? 5.853   10.826  6.213   1.00 67.67  ? 105  ASN A CB  1 
ATOM   813  C CG  . ASN A 1 119 ? 7.049   10.652  7.131   1.00 73.38  ? 105  ASN A CG  1 
ATOM   814  O OD1 . ASN A 1 119 ? 8.108   10.175  6.702   1.00 76.52  ? 105  ASN A OD1 1 
ATOM   815  N ND2 . ASN A 1 119 ? 6.896   11.047  8.399   1.00 72.99  ? 105  ASN A ND2 1 
ATOM   816  N N   . THR A 1 120 ? 3.058   10.198  5.239   1.00 63.18  ? 106  THR A N   1 
ATOM   817  C CA  . THR A 1 120 ? 2.002   10.298  4.243   1.00 63.32  ? 106  THR A CA  1 
ATOM   818  C C   . THR A 1 120 ? 0.729   10.879  4.841   1.00 63.99  ? 106  THR A C   1 
ATOM   819  O O   . THR A 1 120 ? 0.134   11.811  4.291   1.00 62.41  ? 106  THR A O   1 
ATOM   820  C CB  . THR A 1 120 ? 1.656   8.913   3.649   1.00 63.29  ? 106  THR A CB  1 
ATOM   821  O OG1 . THR A 1 120 ? 2.843   8.282   3.164   1.00 64.46  ? 106  THR A OG1 1 
ATOM   822  C CG2 . THR A 1 120 ? 0.681   9.059   2.497   1.00 60.93  ? 106  THR A CG2 1 
ATOM   823  N N   . PHE A 1 121 ? 0.319   10.335  5.981   1.00 65.03  ? 107  PHE A N   1 
ATOM   824  C CA  . PHE A 1 121 ? -0.910  10.778  6.618   1.00 66.95  ? 107  PHE A CA  1 
ATOM   825  C C   . PHE A 1 121 ? -0.825  12.069  7.409   1.00 67.53  ? 107  PHE A C   1 
ATOM   826  O O   . PHE A 1 121 ? -1.847  12.625  7.814   1.00 67.16  ? 107  PHE A O   1 
ATOM   827  C CB  . PHE A 1 121 ? -1.475  9.647   7.472   1.00 68.09  ? 107  PHE A CB  1 
ATOM   828  C CG  . PHE A 1 121 ? -2.092  8.551   6.658   1.00 70.32  ? 107  PHE A CG  1 
ATOM   829  C CD1 . PHE A 1 121 ? -3.266  8.780   5.946   1.00 71.25  ? 107  PHE A CD1 1 
ATOM   830  C CD2 . PHE A 1 121 ? -1.477  7.308   6.556   1.00 71.15  ? 107  PHE A CD2 1 
ATOM   831  C CE1 . PHE A 1 121 ? -3.819  7.790   5.141   1.00 71.82  ? 107  PHE A CE1 1 
ATOM   832  C CE2 . PHE A 1 121 ? -2.022  6.311   5.754   1.00 72.90  ? 107  PHE A CE2 1 
ATOM   833  C CZ  . PHE A 1 121 ? -3.196  6.554   5.043   1.00 72.69  ? 107  PHE A CZ  1 
ATOM   834  N N   . THR A 1 122 ? 0.390   12.550  7.629   1.00 68.58  ? 108  THR A N   1 
ATOM   835  C CA  . THR A 1 122 ? 0.562   13.806  8.337   1.00 69.87  ? 108  THR A CA  1 
ATOM   836  C C   . THR A 1 122 ? 0.755   14.906  7.285   1.00 71.69  ? 108  THR A C   1 
ATOM   837  O O   . THR A 1 122 ? 0.657   16.093  7.592   1.00 73.28  ? 108  THR A O   1 
ATOM   838  C CB  . THR A 1 122 ? 1.786   13.758  9.291   1.00 68.98  ? 108  THR A CB  1 
ATOM   839  O OG1 . THR A 1 122 ? 2.930   13.251  8.590   1.00 69.48  ? 108  THR A OG1 1 
ATOM   840  C CG2 . THR A 1 122 ? 1.491   12.868  10.496  1.00 68.46  ? 108  THR A CG2 1 
ATOM   841  N N   . ASN A 1 123 ? 1.003   14.490  6.041   1.00 72.45  ? 109  ASN A N   1 
ATOM   842  C CA  . ASN A 1 123 ? 1.221   15.406  4.915   1.00 72.98  ? 109  ASN A CA  1 
ATOM   843  C C   . ASN A 1 123 ? 0.234   15.163  3.773   1.00 73.31  ? 109  ASN A C   1 
ATOM   844  O O   . ASN A 1 123 ? 0.522   15.482  2.615   1.00 73.02  ? 109  ASN A O   1 
ATOM   845  C CB  . ASN A 1 123 ? 2.645   15.244  4.365   1.00 72.64  ? 109  ASN A CB  1 
ATOM   846  C CG  . ASN A 1 123 ? 3.704   15.853  5.271   1.00 72.75  ? 109  ASN A CG  1 
ATOM   847  O OD1 . ASN A 1 123 ? 3.842   15.475  6.435   1.00 73.79  ? 109  ASN A OD1 1 
ATOM   848  N ND2 . ASN A 1 123 ? 4.461   16.803  4.733   1.00 72.74  ? 109  ASN A ND2 1 
ATOM   849  N N   . LEU A 1 124 ? -0.925  14.601  4.096   1.00 73.39  ? 110  LEU A N   1 
ATOM   850  C CA  . LEU A 1 124 ? -1.925  14.310  3.076   1.00 73.91  ? 110  LEU A CA  1 
ATOM   851  C C   . LEU A 1 124 ? -2.270  15.470  2.154   1.00 73.51  ? 110  LEU A C   1 
ATOM   852  O O   . LEU A 1 124 ? -2.406  15.279  0.947   1.00 74.55  ? 110  LEU A O   1 
ATOM   853  C CB  . LEU A 1 124 ? -3.206  13.794  3.722   1.00 73.74  ? 110  LEU A CB  1 
ATOM   854  C CG  . LEU A 1 124 ? -3.106  12.364  4.242   1.00 74.54  ? 110  LEU A CG  1 
ATOM   855  C CD1 . LEU A 1 124 ? -4.418  12.002  4.903   1.00 74.28  ? 110  LEU A CD1 1 
ATOM   856  C CD2 . LEU A 1 124 ? -2.779  11.401  3.094   1.00 72.90  ? 110  LEU A CD2 1 
ATOM   857  N N   . GLU A 1 125 ? -2.413  16.667  2.710   1.00 72.91  ? 111  GLU A N   1 
ATOM   858  C CA  . GLU A 1 125 ? -2.769  17.826  1.899   1.00 73.04  ? 111  GLU A CA  1 
ATOM   859  C C   . GLU A 1 125 ? -1.856  17.989  0.688   1.00 73.58  ? 111  GLU A C   1 
ATOM   860  O O   . GLU A 1 125 ? -2.321  18.260  -0.423  1.00 73.51  ? 111  GLU A O   1 
ATOM   861  C CB  . GLU A 1 125 ? -2.734  19.092  2.745   1.00 72.13  ? 111  GLU A CB  1 
ATOM   862  C CG  . GLU A 1 125 ? -3.244  20.321  2.027   1.00 70.27  ? 111  GLU A CG  1 
ATOM   863  C CD  . GLU A 1 125 ? -3.355  21.507  2.957   1.00 70.40  ? 111  GLU A CD  1 
ATOM   864  O OE1 . GLU A 1 125 ? -3.812  22.582  2.511   1.00 70.74  ? 111  GLU A OE1 1 
ATOM   865  O OE2 . GLU A 1 125 ? -2.982  21.360  4.144   1.00 69.56  ? 111  GLU A OE2 1 
ATOM   866  N N   . GLU A 1 126 ? -0.557  17.814  0.904   1.00 73.40  ? 112  GLU A N   1 
ATOM   867  C CA  . GLU A 1 126 ? 0.408   17.949  -0.176  1.00 74.26  ? 112  GLU A CA  1 
ATOM   868  C C   . GLU A 1 126 ? 0.325   16.793  -1.161  1.00 73.31  ? 112  GLU A C   1 
ATOM   869  O O   . GLU A 1 126 ? 0.073   17.001  -2.351  1.00 74.28  ? 112  GLU A O   1 
ATOM   870  C CB  . GLU A 1 126 ? 1.819   18.027  0.393   1.00 77.12  ? 112  GLU A CB  1 
ATOM   871  C CG  . GLU A 1 126 ? 1.966   19.066  1.477   1.00 81.02  ? 112  GLU A CG  1 
ATOM   872  C CD  . GLU A 1 126 ? 3.412   19.372  1.785   1.00 84.20  ? 112  GLU A CD  1 
ATOM   873  O OE1 . GLU A 1 126 ? 3.661   20.176  2.712   1.00 84.71  ? 112  GLU A OE1 1 
ATOM   874  O OE2 . GLU A 1 126 ? 4.297   18.814  1.095   1.00 85.90  ? 112  GLU A OE2 1 
ATOM   875  N N   . GLU A 1 127 ? 0.534   15.578  -0.657  1.00 71.64  ? 113  GLU A N   1 
ATOM   876  C CA  . GLU A 1 127 ? 0.498   14.376  -1.484  1.00 70.29  ? 113  GLU A CA  1 
ATOM   877  C C   . GLU A 1 127 ? -0.892  14.085  -2.060  1.00 68.15  ? 113  GLU A C   1 
ATOM   878  O O   . GLU A 1 127 ? -1.054  13.196  -2.893  1.00 67.80  ? 113  GLU A O   1 
ATOM   879  C CB  . GLU A 1 127 ? 0.996   13.181  -0.666  1.00 71.73  ? 113  GLU A CB  1 
ATOM   880  C CG  . GLU A 1 127 ? 2.479   13.260  -0.312  1.00 76.45  ? 113  GLU A CG  1 
ATOM   881  C CD  . GLU A 1 127 ? 2.932   12.170  0.654   1.00 79.74  ? 113  GLU A CD  1 
ATOM   882  O OE1 . GLU A 1 127 ? 2.839   10.970  0.311   1.00 82.53  ? 113  GLU A OE1 1 
ATOM   883  O OE2 . GLU A 1 127 ? 3.386   12.517  1.765   1.00 82.72  ? 113  GLU A OE2 1 
ATOM   884  N N   . SER A 1 128 ? -1.880  14.861  -1.631  1.00 66.97  ? 114  SER A N   1 
ATOM   885  C CA  . SER A 1 128 ? -3.262  14.698  -2.076  1.00 65.48  ? 114  SER A CA  1 
ATOM   886  C C   . SER A 1 128 ? -3.470  14.515  -3.572  1.00 66.12  ? 114  SER A C   1 
ATOM   887  O O   . SER A 1 128 ? -4.455  13.912  -3.990  1.00 67.32  ? 114  SER A O   1 
ATOM   888  C CB  . SER A 1 128 ? -4.102  15.885  -1.610  1.00 63.07  ? 114  SER A CB  1 
ATOM   889  O OG  . SER A 1 128 ? -5.422  15.784  -2.102  1.00 59.76  ? 114  SER A OG  1 
ATOM   890  N N   . SER A 1 129 ? -2.558  15.033  -4.385  1.00 67.99  ? 115  SER A N   1 
ATOM   891  C CA  . SER A 1 129 ? -2.703  14.901  -5.829  1.00 68.56  ? 115  SER A CA  1 
ATOM   892  C C   . SER A 1 129 ? -1.824  13.824  -6.440  1.00 67.16  ? 115  SER A C   1 
ATOM   893  O O   . SER A 1 129 ? -1.737  13.708  -7.662  1.00 67.86  ? 115  SER A O   1 
ATOM   894  C CB  . SER A 1 129 ? -2.435  16.242  -6.515  1.00 70.56  ? 115  SER A CB  1 
ATOM   895  O OG  . SER A 1 129 ? -3.485  17.153  -6.240  1.00 73.65  ? 115  SER A OG  1 
ATOM   896  N N   . SER A 1 130 ? -1.168  13.039  -5.593  1.00 64.94  ? 116  SER A N   1 
ATOM   897  C CA  . SER A 1 130 ? -0.326  11.954  -6.083  1.00 63.22  ? 116  SER A CA  1 
ATOM   898  C C   . SER A 1 130 ? -1.270  10.866  -6.570  1.00 61.27  ? 116  SER A C   1 
ATOM   899  O O   . SER A 1 130 ? -2.425  10.801  -6.146  1.00 60.54  ? 116  SER A O   1 
ATOM   900  C CB  . SER A 1 130 ? 0.565   11.406  -4.967  1.00 64.17  ? 116  SER A CB  1 
ATOM   901  O OG  . SER A 1 130 ? 1.379   12.428  -4.420  1.00 66.74  ? 116  SER A OG  1 
ATOM   902  N N   . GLY A 1 131 ? -0.776  10.012  -7.457  1.00 60.92  ? 117  GLY A N   1 
ATOM   903  C CA  . GLY A 1 131 ? -1.604  8.950   -7.993  1.00 59.10  ? 117  GLY A CA  1 
ATOM   904  C C   . GLY A 1 131 ? -1.787  7.732   -7.105  1.00 59.18  ? 117  GLY A C   1 
ATOM   905  O O   . GLY A 1 131 ? -2.566  6.841   -7.446  1.00 59.63  ? 117  GLY A O   1 
ATOM   906  N N   . PHE A 1 132 ? -1.083  7.676   -5.975  1.00 56.16  ? 118  PHE A N   1 
ATOM   907  C CA  . PHE A 1 132 ? -1.208  6.536   -5.080  1.00 53.26  ? 118  PHE A CA  1 
ATOM   908  C C   . PHE A 1 132 ? -2.078  6.819   -3.875  1.00 50.20  ? 118  PHE A C   1 
ATOM   909  O O   . PHE A 1 132 ? -1.949  6.174   -2.844  1.00 49.44  ? 118  PHE A O   1 
ATOM   910  C CB  . PHE A 1 132 ? 0.174   6.056   -4.627  1.00 56.84  ? 118  PHE A CB  1 
ATOM   911  C CG  . PHE A 1 132 ? 1.060   7.152   -4.112  1.00 60.99  ? 118  PHE A CG  1 
ATOM   912  C CD1 . PHE A 1 132 ? 0.795   7.768   -2.893  1.00 62.79  ? 118  PHE A CD1 1 
ATOM   913  C CD2 . PHE A 1 132 ? 2.170   7.563   -4.845  1.00 60.06  ? 118  PHE A CD2 1 
ATOM   914  C CE1 . PHE A 1 132 ? 1.624   8.778   -2.412  1.00 63.08  ? 118  PHE A CE1 1 
ATOM   915  C CE2 . PHE A 1 132 ? 3.004   8.572   -4.370  1.00 61.20  ? 118  PHE A CE2 1 
ATOM   916  C CZ  . PHE A 1 132 ? 2.730   9.179   -3.150  1.00 62.31  ? 118  PHE A CZ  1 
ATOM   917  N N   . LEU A 1 133 ? -2.976  7.784   -4.012  1.00 48.67  ? 119  LEU A N   1 
ATOM   918  C CA  . LEU A 1 133 ? -3.884  8.139   -2.930  1.00 48.53  ? 119  LEU A CA  1 
ATOM   919  C C   . LEU A 1 133 ? -5.269  8.426   -3.489  1.00 49.52  ? 119  LEU A C   1 
ATOM   920  O O   . LEU A 1 133 ? -5.406  9.124   -4.494  1.00 49.25  ? 119  LEU A O   1 
ATOM   921  C CB  . LEU A 1 133 ? -3.368  9.366   -2.177  1.00 48.79  ? 119  LEU A CB  1 
ATOM   922  C CG  . LEU A 1 133 ? -2.191  9.132   -1.233  1.00 47.70  ? 119  LEU A CG  1 
ATOM   923  C CD1 . LEU A 1 133 ? -1.591  10.469  -0.810  1.00 46.93  ? 119  LEU A CD1 1 
ATOM   924  C CD2 . LEU A 1 133 ? -2.659  8.346   -0.027  1.00 43.29  ? 119  LEU A CD2 1 
ATOM   925  N N   . GLN A 1 134 ? -6.296  7.882   -2.837  1.00 51.62  ? 120  GLN A N   1 
ATOM   926  C CA  . GLN A 1 134 ? -7.670  8.083   -3.286  1.00 49.54  ? 120  GLN A CA  1 
ATOM   927  C C   . GLN A 1 134 ? -8.604  8.477   -2.159  1.00 49.62  ? 120  GLN A C   1 
ATOM   928  O O   . GLN A 1 134 ? -8.756  7.747   -1.177  1.00 47.51  ? 120  GLN A O   1 
ATOM   929  C CB  . GLN A 1 134 ? -8.207  6.813   -3.955  1.00 49.92  ? 120  GLN A CB  1 
ATOM   930  C CG  . GLN A 1 134 ? -9.598  6.975   -4.544  1.00 44.80  ? 120  GLN A CG  1 
ATOM   931  C CD  . GLN A 1 134 ? -9.671  8.142   -5.506  1.00 45.33  ? 120  GLN A CD  1 
ATOM   932  O OE1 . GLN A 1 134 ? -8.892  8.220   -6.457  1.00 43.99  ? 120  GLN A OE1 1 
ATOM   933  N NE2 . GLN A 1 134 ? -10.605 9.060   -5.262  1.00 40.87  ? 120  GLN A NE2 1 
ATOM   934  N N   . PHE A 1 135 ? -9.239  9.632   -2.325  1.00 50.93  ? 121  PHE A N   1 
ATOM   935  C CA  . PHE A 1 135 ? -10.181 10.152  -1.344  1.00 51.36  ? 121  PHE A CA  1 
ATOM   936  C C   . PHE A 1 135 ? -11.608 9.832   -1.782  1.00 54.34  ? 121  PHE A C   1 
ATOM   937  O O   . PHE A 1 135 ? -11.840 9.418   -2.916  1.00 55.95  ? 121  PHE A O   1 
ATOM   938  C CB  . PHE A 1 135 ? -10.019 11.669  -1.211  1.00 47.49  ? 121  PHE A CB  1 
ATOM   939  C CG  . PHE A 1 135 ? -10.936 12.281  -0.199  1.00 44.15  ? 121  PHE A CG  1 
ATOM   940  C CD1 . PHE A 1 135 ? -10.770 12.019  1.153   1.00 42.75  ? 121  PHE A CD1 1 
ATOM   941  C CD2 . PHE A 1 135 ? -12.003 13.064  -0.599  1.00 43.12  ? 121  PHE A CD2 1 
ATOM   942  C CE1 . PHE A 1 135 ? -11.671 12.530  2.101   1.00 43.97  ? 121  PHE A CE1 1 
ATOM   943  C CE2 . PHE A 1 135 ? -12.909 13.579  0.336   1.00 43.11  ? 121  PHE A CE2 1 
ATOM   944  C CZ  . PHE A 1 135 ? -12.743 13.311  1.685   1.00 42.95  ? 121  PHE A CZ  1 
ATOM   945  N N   . SER A 1 136 ? -12.553 10.017  -0.871  1.00 56.68  ? 122  SER A N   1 
ATOM   946  C CA  . SER A 1 136 ? -13.961 9.781   -1.148  1.00 59.42  ? 122  SER A CA  1 
ATOM   947  C C   . SER A 1 136 ? -14.739 10.106  0.111   1.00 61.35  ? 122  SER A C   1 
ATOM   948  O O   . SER A 1 136 ? -14.175 10.157  1.203   1.00 59.51  ? 122  SER A O   1 
ATOM   949  C CB  . SER A 1 136 ? -14.210 8.321   -1.544  1.00 61.37  ? 122  SER A CB  1 
ATOM   950  O OG  . SER A 1 136 ? -13.910 7.439   -0.473  1.00 66.69  ? 122  SER A OG  1 
ATOM   951  N N   . THR A 1 137 ? -16.036 10.328  -0.043  1.00 65.59  ? 123  THR A N   1 
ATOM   952  C CA  . THR A 1 137 ? -16.883 10.642  1.094   1.00 69.03  ? 123  THR A CA  1 
ATOM   953  C C   . THR A 1 137 ? -18.130 9.780   1.059   1.00 71.46  ? 123  THR A C   1 
ATOM   954  O O   . THR A 1 137 ? -18.518 9.271   0.006   1.00 71.81  ? 123  THR A O   1 
ATOM   955  C CB  . THR A 1 137 ? -17.307 12.119  1.082   1.00 68.43  ? 123  THR A CB  1 
ATOM   956  O OG1 . THR A 1 137 ? -17.967 12.418  -0.154  1.00 68.86  ? 123  THR A OG1 1 
ATOM   957  C CG2 . THR A 1 137 ? -16.089 13.020  1.233   1.00 69.57  ? 123  THR A CG2 1 
ATOM   958  N N   . ASN A 1 138 ? -18.743 9.613   2.226   1.00 74.38  ? 124  ASN A N   1 
ATOM   959  C CA  . ASN A 1 138 ? -19.956 8.825   2.361   1.00 76.89  ? 124  ASN A CA  1 
ATOM   960  C C   . ASN A 1 138 ? -21.074 9.789   2.736   1.00 78.84  ? 124  ASN A C   1 
ATOM   961  O O   . ASN A 1 138 ? -21.185 10.195  3.894   1.00 78.98  ? 124  ASN A O   1 
ATOM   962  C CB  . ASN A 1 138 ? -19.786 7.782   3.464   1.00 77.68  ? 124  ASN A CB  1 
ATOM   963  C CG  . ASN A 1 138 ? -20.892 6.738   3.463   1.00 77.80  ? 124  ASN A CG  1 
ATOM   964  O OD1 . ASN A 1 138 ? -22.078 7.066   3.393   1.00 76.48  ? 124  ASN A OD1 1 
ATOM   965  N ND2 . ASN A 1 138 ? -20.503 5.469   3.552   1.00 76.69  ? 124  ASN A ND2 1 
ATOM   966  N N   . ASN A 1 139 ? -21.889 10.155  1.750   1.00 80.67  ? 125  ASN A N   1 
ATOM   967  C CA  . ASN A 1 139 ? -23.003 11.078  1.954   1.00 82.56  ? 125  ASN A CA  1 
ATOM   968  C C   . ASN A 1 139 ? -23.956 10.607  3.052   1.00 83.18  ? 125  ASN A C   1 
ATOM   969  O O   . ASN A 1 139 ? -24.518 11.414  3.794   1.00 82.86  ? 125  ASN A O   1 
ATOM   970  C CB  . ASN A 1 139 ? -23.781 11.243  0.647   1.00 85.05  ? 125  ASN A CB  1 
ATOM   971  C CG  . ASN A 1 139 ? -22.935 11.845  -0.464  1.00 88.02  ? 125  ASN A CG  1 
ATOM   972  O OD1 . ASN A 1 139 ? -21.830 11.369  -0.753  1.00 90.34  ? 125  ASN A OD1 1 
ATOM   973  N ND2 . ASN A 1 139 ? -23.455 12.893  -1.098  1.00 86.36  ? 125  ASN A ND2 1 
ATOM   974  N N   . VAL A 1 140 ? -24.128 9.295   3.150   1.00 83.84  ? 126  VAL A N   1 
ATOM   975  C CA  . VAL A 1 140 ? -25.016 8.703   4.143   1.00 83.43  ? 126  VAL A CA  1 
ATOM   976  C C   . VAL A 1 140 ? -24.373 8.574   5.530   1.00 83.64  ? 126  VAL A C   1 
ATOM   977  O O   . VAL A 1 140 ? -24.987 8.923   6.539   1.00 83.76  ? 126  VAL A O   1 
ATOM   978  C CB  . VAL A 1 140 ? -25.490 7.310   3.675   1.00 82.94  ? 126  VAL A CB  1 
ATOM   979  C CG1 . VAL A 1 140 ? -26.439 6.711   4.696   1.00 82.29  ? 126  VAL A CG1 1 
ATOM   980  C CG2 . VAL A 1 140 ? -26.163 7.426   2.313   1.00 82.02  ? 126  VAL A CG2 1 
ATOM   981  N N   . LYS A 1 141 ? -23.140 8.077   5.575   1.00 82.67  ? 127  LYS A N   1 
ATOM   982  C CA  . LYS A 1 141 ? -22.430 7.900   6.840   1.00 81.65  ? 127  LYS A CA  1 
ATOM   983  C C   . LYS A 1 141 ? -21.856 9.193   7.427   1.00 80.84  ? 127  LYS A C   1 
ATOM   984  O O   . LYS A 1 141 ? -21.592 9.268   8.629   1.00 79.74  ? 127  LYS A O   1 
ATOM   985  C CB  . LYS A 1 141 ? -21.298 6.885   6.665   1.00 81.87  ? 127  LYS A CB  1 
ATOM   986  C CG  . LYS A 1 141 ? -21.743 5.435   6.561   1.00 81.40  ? 127  LYS A CG  1 
ATOM   987  C CD  . LYS A 1 141 ? -22.232 4.905   7.902   1.00 81.81  ? 127  LYS A CD  1 
ATOM   988  C CE  . LYS A 1 141 ? -22.457 3.399   7.849   1.00 81.73  ? 127  LYS A CE  1 
ATOM   989  N NZ  . LYS A 1 141 ? -21.193 2.649   7.587   1.00 81.84  ? 127  LYS A NZ  1 
ATOM   990  N N   . LYS A 1 142 ? -21.660 10.205  6.586   1.00 80.10  ? 128  LYS A N   1 
ATOM   991  C CA  . LYS A 1 142 ? -21.101 11.476  7.041   1.00 79.28  ? 128  LYS A CA  1 
ATOM   992  C C   . LYS A 1 142 ? -19.660 11.308  7.518   1.00 76.90  ? 128  LYS A C   1 
ATOM   993  O O   . LYS A 1 142 ? -19.261 11.849  8.548   1.00 76.88  ? 128  LYS A O   1 
ATOM   994  C CB  . LYS A 1 142 ? -21.947 12.065  8.174   1.00 81.61  ? 128  LYS A CB  1 
ATOM   995  C CG  . LYS A 1 142 ? -23.359 12.498  7.779   1.00 84.48  ? 128  LYS A CG  1 
ATOM   996  C CD  . LYS A 1 142 ? -23.388 13.803  6.980   1.00 85.84  ? 128  LYS A CD  1 
ATOM   997  C CE  . LYS A 1 142 ? -23.345 13.570  5.470   1.00 86.89  ? 128  LYS A CE  1 
ATOM   998  N NZ  . LYS A 1 142 ? -22.030 13.072  4.980   1.00 87.60  ? 128  LYS A NZ  1 
ATOM   999  N N   . ASN A 1 143 ? -18.890 10.533  6.763   1.00 73.27  ? 129  ASN A N   1 
ATOM   1000 C CA  . ASN A 1 143 ? -17.489 10.296  7.070   1.00 68.40  ? 129  ASN A CA  1 
ATOM   1001 C C   . ASN A 1 143 ? -16.766 10.153  5.739   1.00 65.46  ? 129  ASN A C   1 
ATOM   1002 O O   . ASN A 1 143 ? -17.402 10.140  4.686   1.00 65.35  ? 129  ASN A O   1 
ATOM   1003 C CB  . ASN A 1 143 ? -17.321 9.026   7.904   1.00 69.33  ? 129  ASN A CB  1 
ATOM   1004 C CG  . ASN A 1 143 ? -17.833 7.787   7.197   1.00 72.04  ? 129  ASN A CG  1 
ATOM   1005 O OD1 . ASN A 1 143 ? -17.607 7.597   5.997   1.00 74.13  ? 129  ASN A OD1 1 
ATOM   1006 N ND2 . ASN A 1 143 ? -18.512 6.923   7.942   1.00 72.28  ? 129  ASN A ND2 1 
ATOM   1007 N N   . SER A 1 144 ? -15.443 10.055  5.778   1.00 61.76  ? 130  SER A N   1 
ATOM   1008 C CA  . SER A 1 144 ? -14.663 9.926   4.556   1.00 57.17  ? 130  SER A CA  1 
ATOM   1009 C C   . SER A 1 144 ? -13.565 8.900   4.716   1.00 54.06  ? 130  SER A C   1 
ATOM   1010 O O   . SER A 1 144 ? -13.378 8.346   5.797   1.00 54.70  ? 130  SER A O   1 
ATOM   1011 C CB  . SER A 1 144 ? -14.056 11.270  4.167   1.00 57.95  ? 130  SER A CB  1 
ATOM   1012 O OG  . SER A 1 144 ? -13.361 11.841  5.256   1.00 55.57  ? 130  SER A OG  1 
ATOM   1013 N N   . SER A 1 145 ? -12.830 8.651   3.642   1.00 51.03  ? 131  SER A N   1 
ATOM   1014 C CA  . SER A 1 145 ? -11.766 7.665   3.685   1.00 49.88  ? 131  SER A CA  1 
ATOM   1015 C C   . SER A 1 145 ? -10.686 7.922   2.640   1.00 48.89  ? 131  SER A C   1 
ATOM   1016 O O   . SER A 1 145 ? -10.886 8.679   1.694   1.00 47.47  ? 131  SER A O   1 
ATOM   1017 C CB  . SER A 1 145 ? -12.355 6.268   3.481   1.00 49.99  ? 131  SER A CB  1 
ATOM   1018 O OG  . SER A 1 145 ? -12.911 6.147   2.185   1.00 51.79  ? 131  SER A OG  1 
ATOM   1019 N N   . TRP A 1 146 ? -9.541  7.278   2.829   1.00 49.53  ? 132  TRP A N   1 
ATOM   1020 C CA  . TRP A 1 146 ? -8.412  7.412   1.922   1.00 50.07  ? 132  TRP A CA  1 
ATOM   1021 C C   . TRP A 1 146 ? -7.766  6.069   1.622   1.00 50.61  ? 132  TRP A C   1 
ATOM   1022 O O   . TRP A 1 146 ? -7.625  5.232   2.513   1.00 50.81  ? 132  TRP A O   1 
ATOM   1023 C CB  . TRP A 1 146 ? -7.319  8.307   2.525   1.00 50.00  ? 132  TRP A CB  1 
ATOM   1024 C CG  . TRP A 1 146 ? -7.528  9.786   2.421   1.00 51.11  ? 132  TRP A CG  1 
ATOM   1025 C CD1 . TRP A 1 146 ? -8.130  10.596  3.338   1.00 50.52  ? 132  TRP A CD1 1 
ATOM   1026 C CD2 . TRP A 1 146 ? -7.095  10.642  1.348   1.00 52.44  ? 132  TRP A CD2 1 
ATOM   1027 N NE1 . TRP A 1 146 ? -8.096  11.905  2.906   1.00 52.93  ? 132  TRP A NE1 1 
ATOM   1028 C CE2 . TRP A 1 146 ? -7.467  11.961  1.688   1.00 52.36  ? 132  TRP A CE2 1 
ATOM   1029 C CE3 . TRP A 1 146 ? -6.427  10.420  0.133   1.00 53.03  ? 132  TRP A CE3 1 
ATOM   1030 C CZ2 . TRP A 1 146 ? -7.193  13.057  0.860   1.00 52.59  ? 132  TRP A CZ2 1 
ATOM   1031 C CZ3 . TRP A 1 146 ? -6.153  11.516  -0.694  1.00 52.44  ? 132  TRP A CZ3 1 
ATOM   1032 C CH2 . TRP A 1 146 ? -6.538  12.817  -0.320  1.00 51.79  ? 132  TRP A CH2 1 
ATOM   1033 N N   . GLU A 1 147 ? -7.370  5.867   0.368   1.00 50.90  ? 133  GLU A N   1 
ATOM   1034 C CA  . GLU A 1 147 ? -6.664  4.649   -0.006  1.00 50.33  ? 133  GLU A CA  1 
ATOM   1035 C C   . GLU A 1 147 ? -5.236  5.054   -0.339  1.00 49.97  ? 133  GLU A C   1 
ATOM   1036 O O   . GLU A 1 147 ? -5.000  5.893   -1.203  1.00 50.88  ? 133  GLU A O   1 
ATOM   1037 C CB  . GLU A 1 147 ? -7.288  3.953   -1.225  1.00 50.07  ? 133  GLU A CB  1 
ATOM   1038 C CG  . GLU A 1 147 ? -6.383  2.840   -1.786  1.00 51.66  ? 133  GLU A CG  1 
ATOM   1039 C CD  . GLU A 1 147 ? -7.117  1.821   -2.652  1.00 55.09  ? 133  GLU A CD  1 
ATOM   1040 O OE1 . GLU A 1 147 ? -8.047  1.158   -2.143  1.00 54.61  ? 133  GLU A OE1 1 
ATOM   1041 O OE2 . GLU A 1 147 ? -6.758  1.672   -3.841  1.00 55.97  ? 133  GLU A OE2 1 
ATOM   1042 N N   . TYR A 1 148 ? -4.284  4.462   0.359   1.00 48.76  ? 134  TYR A N   1 
ATOM   1043 C CA  . TYR A 1 148 ? -2.889  4.763   0.121   1.00 48.25  ? 134  TYR A CA  1 
ATOM   1044 C C   . TYR A 1 148 ? -2.241  3.521   -0.483  1.00 45.98  ? 134  TYR A C   1 
ATOM   1045 O O   . TYR A 1 148 ? -2.272  2.443   0.102   1.00 45.83  ? 134  TYR A O   1 
ATOM   1046 C CB  . TYR A 1 148 ? -2.218  5.176   1.443   1.00 49.50  ? 134  TYR A CB  1 
ATOM   1047 C CG  . TYR A 1 148 ? -0.714  5.225   1.382   1.00 52.10  ? 134  TYR A CG  1 
ATOM   1048 C CD1 . TYR A 1 148 ? -0.059  5.831   0.310   1.00 53.53  ? 134  TYR A CD1 1 
ATOM   1049 C CD2 . TYR A 1 148 ? 0.059   4.660   2.394   1.00 54.49  ? 134  TYR A CD2 1 
ATOM   1050 C CE1 . TYR A 1 148 ? 1.331   5.869   0.244   1.00 56.00  ? 134  TYR A CE1 1 
ATOM   1051 C CE2 . TYR A 1 148 ? 1.450   4.691   2.344   1.00 56.11  ? 134  TYR A CE2 1 
ATOM   1052 C CZ  . TYR A 1 148 ? 2.081   5.296   1.266   1.00 57.23  ? 134  TYR A CZ  1 
ATOM   1053 O OH  . TYR A 1 148 ? 3.457   5.328   1.216   1.00 57.95  ? 134  TYR A OH  1 
ATOM   1054 N N   . ARG A 1 149 ? -1.667  3.671   -1.665  1.00 44.76  ? 135  ARG A N   1 
ATOM   1055 C CA  . ARG A 1 149 ? -1.044  2.544   -2.346  1.00 45.53  ? 135  ARG A CA  1 
ATOM   1056 C C   . ARG A 1 149 ? 0.469   2.685   -2.398  1.00 46.79  ? 135  ARG A C   1 
ATOM   1057 O O   . ARG A 1 149 ? 0.987   3.635   -2.981  1.00 48.69  ? 135  ARG A O   1 
ATOM   1058 C CB  . ARG A 1 149 ? -1.616  2.426   -3.766  1.00 45.48  ? 135  ARG A CB  1 
ATOM   1059 C CG  . ARG A 1 149 ? -3.145  2.279   -3.809  1.00 43.02  ? 135  ARG A CG  1 
ATOM   1060 C CD  . ARG A 1 149 ? -3.656  2.158   -5.228  1.00 42.72  ? 135  ARG A CD  1 
ATOM   1061 N NE  . ARG A 1 149 ? -3.731  3.441   -5.927  1.00 42.97  ? 135  ARG A NE  1 
ATOM   1062 C CZ  . ARG A 1 149 ? -4.787  4.257   -5.909  1.00 42.06  ? 135  ARG A CZ  1 
ATOM   1063 N NH1 . ARG A 1 149 ? -5.877  3.945   -5.225  1.00 40.00  ? 135  ARG A NH1 1 
ATOM   1064 N NH2 . ARG A 1 149 ? -4.764  5.383   -6.608  1.00 43.90  ? 135  ARG A NH2 1 
ATOM   1065 N N   . VAL A 1 150 ? 1.174   1.737   -1.790  1.00 45.61  ? 136  VAL A N   1 
ATOM   1066 C CA  . VAL A 1 150 ? 2.636   1.763   -1.758  1.00 46.98  ? 136  VAL A CA  1 
ATOM   1067 C C   . VAL A 1 150 ? 3.209   0.382   -2.080  1.00 47.81  ? 136  VAL A C   1 
ATOM   1068 O O   . VAL A 1 150 ? 2.629   -0.633  -1.705  1.00 48.97  ? 136  VAL A O   1 
ATOM   1069 C CB  . VAL A 1 150 ? 3.156   2.235   -0.369  1.00 45.46  ? 136  VAL A CB  1 
ATOM   1070 C CG1 . VAL A 1 150 ? 2.354   1.580   0.728   1.00 45.50  ? 136  VAL A CG1 1 
ATOM   1071 C CG2 . VAL A 1 150 ? 4.624   1.878   -0.203  1.00 45.76  ? 136  VAL A CG2 1 
ATOM   1072 N N   . LEU A 1 151 ? 4.344   0.354   -2.771  1.00 47.13  ? 137  LEU A N   1 
ATOM   1073 C CA  . LEU A 1 151 ? 4.985   -0.903  -3.160  1.00 49.00  ? 137  LEU A CA  1 
ATOM   1074 C C   . LEU A 1 151 ? 6.408   -1.043  -2.598  1.00 49.83  ? 137  LEU A C   1 
ATOM   1075 O O   . LEU A 1 151 ? 7.281   -0.236  -2.905  1.00 48.61  ? 137  LEU A O   1 
ATOM   1076 C CB  . LEU A 1 151 ? 5.034   -0.996  -4.685  1.00 45.79  ? 137  LEU A CB  1 
ATOM   1077 C CG  . LEU A 1 151 ? 5.563   -2.304  -5.248  1.00 43.79  ? 137  LEU A CG  1 
ATOM   1078 C CD1 . LEU A 1 151 ? 4.464   -3.312  -5.190  1.00 44.88  ? 137  LEU A CD1 1 
ATOM   1079 C CD2 . LEU A 1 151 ? 6.020   -2.132  -6.675  1.00 45.15  ? 137  LEU A CD2 1 
ATOM   1080 N N   . PHE A 1 152 ? 6.635   -2.075  -1.789  1.00 52.77  ? 138  PHE A N   1 
ATOM   1081 C CA  . PHE A 1 152 ? 7.950   -2.321  -1.182  1.00 55.05  ? 138  PHE A CA  1 
ATOM   1082 C C   . PHE A 1 152 ? 8.768   -3.381  -1.906  1.00 55.59  ? 138  PHE A C   1 
ATOM   1083 O O   . PHE A 1 152 ? 8.276   -4.473  -2.197  1.00 54.97  ? 138  PHE A O   1 
ATOM   1084 C CB  . PHE A 1 152 ? 7.800   -2.786  0.262   1.00 58.57  ? 138  PHE A CB  1 
ATOM   1085 C CG  . PHE A 1 152 ? 7.299   -1.735  1.195   1.00 64.97  ? 138  PHE A CG  1 
ATOM   1086 C CD1 . PHE A 1 152 ? 8.092   -0.641  1.522   1.00 67.09  ? 138  PHE A CD1 1 
ATOM   1087 C CD2 . PHE A 1 152 ? 6.039   -1.856  1.784   1.00 68.11  ? 138  PHE A CD2 1 
ATOM   1088 C CE1 . PHE A 1 152 ? 7.641   0.317   2.427   1.00 69.21  ? 138  PHE A CE1 1 
ATOM   1089 C CE2 . PHE A 1 152 ? 5.578   -0.905  2.688   1.00 69.35  ? 138  PHE A CE2 1 
ATOM   1090 C CZ  . PHE A 1 152 ? 6.379   0.184   3.011   1.00 70.49  ? 138  PHE A CZ  1 
ATOM   1091 N N   . SER A 1 153 ? 10.029  -3.070  -2.173  1.00 56.33  ? 139  SER A N   1 
ATOM   1092 C CA  . SER A 1 153 ? 10.912  -4.016  -2.842  1.00 56.41  ? 139  SER A CA  1 
ATOM   1093 C C   . SER A 1 153 ? 12.246  -4.080  -2.091  1.00 58.25  ? 139  SER A C   1 
ATOM   1094 O O   . SER A 1 153 ? 12.849  -3.049  -1.795  1.00 58.52  ? 139  SER A O   1 
ATOM   1095 C CB  . SER A 1 153 ? 11.144  -3.583  -4.295  1.00 54.91  ? 139  SER A CB  1 
ATOM   1096 O OG  . SER A 1 153 ? 9.924   -3.285  -4.960  1.00 52.88  ? 139  SER A OG  1 
ATOM   1097 N N   . VAL A 1 154 ? 12.688  -5.290  -1.762  1.00 59.88  ? 140  VAL A N   1 
ATOM   1098 C CA  . VAL A 1 154 ? 13.957  -5.495  -1.065  1.00 63.23  ? 140  VAL A CA  1 
ATOM   1099 C C   . VAL A 1 154 ? 14.628  -6.748  -1.623  1.00 66.64  ? 140  VAL A C   1 
ATOM   1100 O O   . VAL A 1 154 ? 13.954  -7.654  -2.107  1.00 66.68  ? 140  VAL A O   1 
ATOM   1101 C CB  . VAL A 1 154 ? 13.758  -5.654  0.470   1.00 63.14  ? 140  VAL A CB  1 
ATOM   1102 C CG1 . VAL A 1 154 ? 13.062  -4.430  1.034   1.00 63.23  ? 140  VAL A CG1 1 
ATOM   1103 C CG2 . VAL A 1 154 ? 12.958  -6.910  0.779   1.00 61.72  ? 140  VAL A CG2 1 
ATOM   1104 N N   . PRO A 1 155 ? 15.967  -6.812  -1.576  1.00 69.68  ? 141  PRO A N   1 
ATOM   1105 C CA  . PRO A 1 155 ? 16.658  -7.994  -2.103  1.00 72.23  ? 141  PRO A CA  1 
ATOM   1106 C C   . PRO A 1 155 ? 16.347  -9.257  -1.309  1.00 74.67  ? 141  PRO A C   1 
ATOM   1107 O O   . PRO A 1 155 ? 15.438  -9.267  -0.477  1.00 73.01  ? 141  PRO A O   1 
ATOM   1108 C CB  . PRO A 1 155 ? 18.131  -7.594  -2.027  1.00 71.54  ? 141  PRO A CB  1 
ATOM   1109 C CG  . PRO A 1 155 ? 18.167  -6.685  -0.837  1.00 71.83  ? 141  PRO A CG  1 
ATOM   1110 C CD  . PRO A 1 155 ? 16.929  -5.837  -1.032  1.00 70.51  ? 141  PRO A CD  1 
ATOM   1111 N N   . PHE A 1 156 ? 17.104  -10.319 -1.568  1.00 78.53  ? 142  PHE A N   1 
ATOM   1112 C CA  . PHE A 1 156 ? 16.897  -11.586 -0.875  1.00 81.07  ? 142  PHE A CA  1 
ATOM   1113 C C   . PHE A 1 156 ? 18.185  -12.072 -0.194  1.00 82.54  ? 142  PHE A C   1 
ATOM   1114 O O   . PHE A 1 156 ? 18.203  -12.301 1.018   1.00 83.01  ? 142  PHE A O   1 
ATOM   1115 C CB  . PHE A 1 156 ? 16.400  -12.633 -1.867  1.00 81.54  ? 142  PHE A CB  1 
ATOM   1116 C CG  . PHE A 1 156 ? 15.587  -13.721 -1.240  1.00 83.35  ? 142  PHE A CG  1 
ATOM   1117 C CD1 . PHE A 1 156 ? 14.238  -13.864 -1.560  1.00 83.27  ? 142  PHE A CD1 1 
ATOM   1118 C CD2 . PHE A 1 156 ? 16.167  -14.616 -0.342  1.00 83.83  ? 142  PHE A CD2 1 
ATOM   1119 C CE1 . PHE A 1 156 ? 13.476  -14.889 -0.995  1.00 84.12  ? 142  PHE A CE1 1 
ATOM   1120 C CE2 . PHE A 1 156 ? 15.418  -15.645 0.230   1.00 84.53  ? 142  PHE A CE2 1 
ATOM   1121 C CZ  . PHE A 1 156 ? 14.068  -15.784 -0.097  1.00 84.75  ? 142  PHE A CZ  1 
ATOM   1122 N N   . GLY A 1 157 ? 19.252  -12.230 -0.974  1.00 83.39  ? 143  GLY A N   1 
ATOM   1123 C CA  . GLY A 1 157 ? 20.521  -12.675 -0.422  1.00 84.71  ? 143  GLY A CA  1 
ATOM   1124 C C   . GLY A 1 157 ? 20.717  -14.181 -0.429  1.00 86.25  ? 143  GLY A C   1 
ATOM   1125 O O   . GLY A 1 157 ? 21.559  -14.716 0.298   1.00 86.42  ? 143  GLY A O   1 
ATOM   1126 N N   . ALA A 1 160 ? 20.948  -15.607 -2.982  1.00 89.07  ? 146  ALA A N   1 
ATOM   1127 C CA  . ALA A 1 160 ? 20.353  -15.467 -4.310  1.00 88.60  ? 146  ALA A CA  1 
ATOM   1128 C C   . ALA A 1 160 ? 20.222  -13.995 -4.711  1.00 87.71  ? 146  ALA A C   1 
ATOM   1129 O O   . ALA A 1 160 ? 19.113  -13.486 -4.884  1.00 88.48  ? 146  ALA A O   1 
ATOM   1130 C CB  . ALA A 1 160 ? 18.986  -16.140 -4.338  1.00 88.25  ? 146  ALA A CB  1 
ATOM   1131 N N   . PRO A 1 161 ? 21.361  -13.297 -4.866  1.00 86.01  ? 147  PRO A N   1 
ATOM   1132 C CA  . PRO A 1 161 ? 21.459  -11.878 -5.241  1.00 82.85  ? 147  PRO A CA  1 
ATOM   1133 C C   . PRO A 1 161 ? 20.642  -11.427 -6.452  1.00 79.69  ? 147  PRO A C   1 
ATOM   1134 O O   . PRO A 1 161 ? 20.522  -10.228 -6.705  1.00 78.40  ? 147  PRO A O   1 
ATOM   1135 C CB  . PRO A 1 161 ? 22.957  -11.690 -5.460  1.00 84.15  ? 147  PRO A CB  1 
ATOM   1136 C CG  . PRO A 1 161 ? 23.542  -12.598 -4.423  1.00 86.06  ? 147  PRO A CG  1 
ATOM   1137 C CD  . PRO A 1 161 ? 22.701  -13.851 -4.590  1.00 86.72  ? 147  PRO A CD  1 
ATOM   1138 N N   . SER A 1 162 ? 20.084  -12.379 -7.196  1.00 76.10  ? 148  SER A N   1 
ATOM   1139 C CA  . SER A 1 162 ? 19.282  -12.054 -8.374  1.00 72.59  ? 148  SER A CA  1 
ATOM   1140 C C   . SER A 1 162 ? 17.781  -12.197 -8.112  1.00 70.03  ? 148  SER A C   1 
ATOM   1141 O O   . SER A 1 162 ? 16.995  -12.407 -9.040  1.00 69.23  ? 148  SER A O   1 
ATOM   1142 C CB  . SER A 1 162 ? 19.688  -12.953 -9.547  1.00 72.94  ? 148  SER A CB  1 
ATOM   1143 O OG  . SER A 1 162 ? 19.577  -14.321 -9.197  1.00 72.97  ? 148  SER A OG  1 
ATOM   1144 N N   . TYR A 1 163 ? 17.396  -12.074 -6.845  1.00 66.34  ? 149  TYR A N   1 
ATOM   1145 C CA  . TYR A 1 163 ? 16.001  -12.189 -6.430  1.00 64.62  ? 149  TYR A CA  1 
ATOM   1146 C C   . TYR A 1 163 ? 15.613  -11.102 -5.442  1.00 63.90  ? 149  TYR A C   1 
ATOM   1147 O O   . TYR A 1 163 ? 16.450  -10.620 -4.679  1.00 65.08  ? 149  TYR A O   1 
ATOM   1148 C CB  . TYR A 1 163 ? 15.758  -13.549 -5.769  1.00 62.64  ? 149  TYR A CB  1 
ATOM   1149 C CG  . TYR A 1 163 ? 15.592  -14.681 -6.745  1.00 61.79  ? 149  TYR A CG  1 
ATOM   1150 C CD1 . TYR A 1 163 ? 14.374  -14.893 -7.386  1.00 60.31  ? 149  TYR A CD1 1 
ATOM   1151 C CD2 . TYR A 1 163 ? 16.663  -15.526 -7.054  1.00 60.70  ? 149  TYR A CD2 1 
ATOM   1152 C CE1 . TYR A 1 163 ? 14.222  -15.913 -8.308  1.00 61.07  ? 149  TYR A CE1 1 
ATOM   1153 C CE2 . TYR A 1 163 ? 16.522  -16.552 -7.981  1.00 59.57  ? 149  TYR A CE2 1 
ATOM   1154 C CZ  . TYR A 1 163 ? 15.297  -16.737 -8.606  1.00 61.02  ? 149  TYR A CZ  1 
ATOM   1155 O OH  . TYR A 1 163 ? 15.143  -17.740 -9.536  1.00 63.65  ? 149  TYR A OH  1 
ATOM   1156 N N   . PHE A 1 164 ? 14.341  -10.717 -5.454  1.00 61.02  ? 150  PHE A N   1 
ATOM   1157 C CA  . PHE A 1 164 ? 13.864  -9.711  -4.517  1.00 59.18  ? 150  PHE A CA  1 
ATOM   1158 C C   . PHE A 1 164 ? 12.387  -9.879  -4.206  1.00 58.89  ? 150  PHE A C   1 
ATOM   1159 O O   . PHE A 1 164 ? 11.672  -10.625 -4.880  1.00 59.56  ? 150  PHE A O   1 
ATOM   1160 C CB  . PHE A 1 164 ? 14.118  -8.287  -5.039  1.00 57.93  ? 150  PHE A CB  1 
ATOM   1161 C CG  . PHE A 1 164 ? 13.315  -7.918  -6.260  1.00 56.48  ? 150  PHE A CG  1 
ATOM   1162 C CD1 . PHE A 1 164 ? 13.686  -8.374  -7.525  1.00 55.83  ? 150  PHE A CD1 1 
ATOM   1163 C CD2 . PHE A 1 164 ? 12.199  -7.091  -6.148  1.00 56.48  ? 150  PHE A CD2 1 
ATOM   1164 C CE1 . PHE A 1 164 ? 12.961  -8.010  -8.661  1.00 54.70  ? 150  PHE A CE1 1 
ATOM   1165 C CE2 . PHE A 1 164 ? 11.465  -6.722  -7.277  1.00 56.83  ? 150  PHE A CE2 1 
ATOM   1166 C CZ  . PHE A 1 164 ? 11.850  -7.185  -8.541  1.00 56.21  ? 150  PHE A CZ  1 
ATOM   1167 N N   . TYR A 1 165 ? 11.942  -9.183  -3.169  1.00 57.07  ? 151  TYR A N   1 
ATOM   1168 C CA  . TYR A 1 165 ? 10.553  -9.216  -2.749  1.00 55.42  ? 151  TYR A CA  1 
ATOM   1169 C C   . TYR A 1 165 ? 9.845   -7.984  -3.286  1.00 53.01  ? 151  TYR A C   1 
ATOM   1170 O O   . TYR A 1 165 ? 10.479  -6.973  -3.578  1.00 52.18  ? 151  TYR A O   1 
ATOM   1171 C CB  . TYR A 1 165 ? 10.453  -9.175  -1.221  1.00 57.07  ? 151  TYR A CB  1 
ATOM   1172 C CG  . TYR A 1 165 ? 10.715  -10.481 -0.510  1.00 58.26  ? 151  TYR A CG  1 
ATOM   1173 C CD1 . TYR A 1 165 ? 9.928   -11.603 -0.766  1.00 58.81  ? 151  TYR A CD1 1 
ATOM   1174 C CD2 . TYR A 1 165 ? 11.704  -10.577 0.474   1.00 57.95  ? 151  TYR A CD2 1 
ATOM   1175 C CE1 . TYR A 1 165 ? 10.111  -12.790 -0.058  1.00 60.15  ? 151  TYR A CE1 1 
ATOM   1176 C CE2 . TYR A 1 165 ? 11.899  -11.758 1.191   1.00 58.67  ? 151  TYR A CE2 1 
ATOM   1177 C CZ  . TYR A 1 165 ? 11.096  -12.862 0.923   1.00 59.85  ? 151  TYR A CZ  1 
ATOM   1178 O OH  . TYR A 1 165 ? 11.253  -14.031 1.642   1.00 61.93  ? 151  TYR A OH  1 
ATOM   1179 N N   . SER A 1 166 ? 8.528   -8.085  -3.421  1.00 50.61  ? 152  SER A N   1 
ATOM   1180 C CA  . SER A 1 166 ? 7.699   -6.964  -3.838  1.00 48.41  ? 152  SER A CA  1 
ATOM   1181 C C   . SER A 1 166 ? 6.416   -7.100  -3.033  1.00 45.63  ? 152  SER A C   1 
ATOM   1182 O O   . SER A 1 166 ? 5.702   -8.102  -3.119  1.00 46.55  ? 152  SER A O   1 
ATOM   1183 C CB  . SER A 1 166 ? 7.410   -6.984  -5.340  1.00 49.45  ? 152  SER A CB  1 
ATOM   1184 O OG  . SER A 1 166 ? 8.333   -6.152  -6.021  1.00 43.65  ? 152  SER A OG  1 
ATOM   1185 N N   . LEU A 1 167 ? 6.136   -6.090  -2.228  1.00 41.99  ? 153  LEU A N   1 
ATOM   1186 C CA  . LEU A 1 167 ? 4.971   -6.119  -1.375  1.00 39.76  ? 153  LEU A CA  1 
ATOM   1187 C C   . LEU A 1 167 ? 3.954   -5.108  -1.836  1.00 39.92  ? 153  LEU A C   1 
ATOM   1188 O O   . LEU A 1 167 ? 3.975   -3.955  -1.401  1.00 40.27  ? 153  LEU A O   1 
ATOM   1189 C CB  . LEU A 1 167 ? 5.378   -5.816  0.071   1.00 37.78  ? 153  LEU A CB  1 
ATOM   1190 C CG  . LEU A 1 167 ? 4.323   -6.116  1.135   1.00 37.47  ? 153  LEU A CG  1 
ATOM   1191 C CD1 . LEU A 1 167 ? 4.091   -7.637  1.202   1.00 32.93  ? 153  LEU A CD1 1 
ATOM   1192 C CD2 . LEU A 1 167 ? 4.784   -5.573  2.494   1.00 35.27  ? 153  LEU A CD2 1 
ATOM   1193 N N   . VAL A 1 168 ? 3.081   -5.547  -2.736  1.00 38.74  ? 154  VAL A N   1 
ATOM   1194 C CA  . VAL A 1 168 ? 2.012   -4.711  -3.254  1.00 35.95  ? 154  VAL A CA  1 
ATOM   1195 C C   . VAL A 1 168 ? 1.129   -4.403  -2.046  1.00 35.61  ? 154  VAL A C   1 
ATOM   1196 O O   . VAL A 1 168 ? 0.564   -5.312  -1.443  1.00 39.87  ? 154  VAL A O   1 
ATOM   1197 C CB  . VAL A 1 168 ? 1.235   -5.483  -4.326  1.00 35.99  ? 154  VAL A CB  1 
ATOM   1198 C CG1 . VAL A 1 168 ? 0.058   -4.662  -4.817  1.00 35.03  ? 154  VAL A CG1 1 
ATOM   1199 C CG2 . VAL A 1 168 ? 2.181   -5.837  -5.475  1.00 34.12  ? 154  VAL A CG2 1 
ATOM   1200 N N   . THR A 1 169 ? 1.006   -3.130  -1.690  1.00 35.72  ? 155  THR A N   1 
ATOM   1201 C CA  . THR A 1 169 ? 0.257   -2.768  -0.489  1.00 36.25  ? 155  THR A CA  1 
ATOM   1202 C C   . THR A 1 169 ? -0.752  -1.635  -0.620  1.00 37.46  ? 155  THR A C   1 
ATOM   1203 O O   . THR A 1 169 ? -0.499  -0.631  -1.281  1.00 40.55  ? 155  THR A O   1 
ATOM   1204 C CB  . THR A 1 169 ? 1.248   -2.375  0.661   1.00 33.25  ? 155  THR A CB  1 
ATOM   1205 O OG1 . THR A 1 169 ? 2.313   -3.334  0.725   1.00 35.87  ? 155  THR A OG1 1 
ATOM   1206 C CG2 . THR A 1 169 ? 0.549   -2.339  2.011   1.00 33.47  ? 155  THR A CG2 1 
ATOM   1207 N N   . THR A 1 170 ? -1.900  -1.803  0.025   1.00 38.42  ? 156  THR A N   1 
ATOM   1208 C CA  . THR A 1 170 ? -2.921  -0.763  0.040   1.00 39.80  ? 156  THR A CA  1 
ATOM   1209 C C   . THR A 1 170 ? -3.391  -0.640  1.481   1.00 40.85  ? 156  THR A C   1 
ATOM   1210 O O   . THR A 1 170 ? -3.481  -1.634  2.199   1.00 39.34  ? 156  THR A O   1 
ATOM   1211 C CB  . THR A 1 170 ? -4.122  -1.087  -0.874  1.00 39.35  ? 156  THR A CB  1 
ATOM   1212 O OG1 . THR A 1 170 ? -4.793  -2.266  -0.402  1.00 37.01  ? 156  THR A OG1 1 
ATOM   1213 C CG2 . THR A 1 170 ? -3.635  -1.300  -2.307  1.00 36.55  ? 156  THR A CG2 1 
ATOM   1214 N N   . ILE A 1 171 ? -3.659  0.591   1.895   1.00 41.92  ? 157  ILE A N   1 
ATOM   1215 C CA  . ILE A 1 171 ? -4.097  0.883   3.250   1.00 44.18  ? 157  ILE A CA  1 
ATOM   1216 C C   . ILE A 1 171 ? -5.283  1.819   3.142   1.00 44.47  ? 157  ILE A C   1 
ATOM   1217 O O   . ILE A 1 171 ? -5.154  2.928   2.632   1.00 46.39  ? 157  ILE A O   1 
ATOM   1218 C CB  . ILE A 1 171 ? -2.968  1.604   4.059   1.00 44.87  ? 157  ILE A CB  1 
ATOM   1219 C CG1 . ILE A 1 171 ? -1.700  0.736   4.074   1.00 44.72  ? 157  ILE A CG1 1 
ATOM   1220 C CG2 . ILE A 1 171 ? -3.446  1.909   5.481   1.00 41.48  ? 157  ILE A CG2 1 
ATOM   1221 C CD1 . ILE A 1 171 ? -0.504  1.381   4.746   1.00 43.61  ? 157  ILE A CD1 1 
ATOM   1222 N N   . LEU A 1 172 ? -6.438  1.371   3.612   1.00 44.36  ? 158  LEU A N   1 
ATOM   1223 C CA  . LEU A 1 172 ? -7.635  2.193   3.561   1.00 45.63  ? 158  LEU A CA  1 
ATOM   1224 C C   . LEU A 1 172 ? -7.958  2.715   4.960   1.00 44.06  ? 158  LEU A C   1 
ATOM   1225 O O   . LEU A 1 172 ? -8.197  1.936   5.886   1.00 46.09  ? 158  LEU A O   1 
ATOM   1226 C CB  . LEU A 1 172 ? -8.822  1.373   3.016   1.00 45.74  ? 158  LEU A CB  1 
ATOM   1227 C CG  . LEU A 1 172 ? -10.189 2.077   2.971   1.00 48.47  ? 158  LEU A CG  1 
ATOM   1228 C CD1 . LEU A 1 172 ? -10.237 3.067   1.815   1.00 44.73  ? 158  LEU A CD1 1 
ATOM   1229 C CD2 . LEU A 1 172 ? -11.291 1.047   2.830   1.00 45.75  ? 158  LEU A CD2 1 
ATOM   1230 N N   . ILE A 1 173 ? -7.955  4.028   5.121   1.00 42.55  ? 159  ILE A N   1 
ATOM   1231 C CA  . ILE A 1 173 ? -8.267  4.608   6.420   1.00 42.71  ? 159  ILE A CA  1 
ATOM   1232 C C   . ILE A 1 173 ? -9.587  5.366   6.350   1.00 41.97  ? 159  ILE A C   1 
ATOM   1233 O O   . ILE A 1 173 ? -9.791  6.195   5.463   1.00 43.17  ? 159  ILE A O   1 
ATOM   1234 C CB  . ILE A 1 173 ? -7.172  5.591   6.884   1.00 41.61  ? 159  ILE A CB  1 
ATOM   1235 C CG1 . ILE A 1 173 ? -5.806  4.900   6.869   1.00 40.50  ? 159  ILE A CG1 1 
ATOM   1236 C CG2 . ILE A 1 173 ? -7.490  6.093   8.286   1.00 37.86  ? 159  ILE A CG2 1 
ATOM   1237 C CD1 . ILE A 1 173 ? -5.694  3.750   7.845   1.00 40.65  ? 159  ILE A CD1 1 
ATOM   1238 N N   . THR A 1 174 ? -10.481 5.081   7.288   1.00 41.42  ? 160  THR A N   1 
ATOM   1239 C CA  . THR A 1 174 ? -11.770 5.752   7.317   1.00 41.71  ? 160  THR A CA  1 
ATOM   1240 C C   . THR A 1 174 ? -11.867 6.485   8.637   1.00 41.80  ? 160  THR A C   1 
ATOM   1241 O O   . THR A 1 174 ? -11.299 6.042   9.636   1.00 43.56  ? 160  THR A O   1 
ATOM   1242 C CB  . THR A 1 174 ? -12.932 4.742   7.222   1.00 43.20  ? 160  THR A CB  1 
ATOM   1243 O OG1 . THR A 1 174 ? -12.586 3.708   6.292   1.00 44.86  ? 160  THR A OG1 1 
ATOM   1244 C CG2 . THR A 1 174 ? -14.198 5.435   6.747   1.00 37.58  ? 160  THR A CG2 1 
ATOM   1245 N N   . ALA A 1 175 ? -12.578 7.602   8.661   1.00 41.46  ? 161  ALA A N   1 
ATOM   1246 C CA  . ALA A 1 175 ? -12.702 8.337   9.907   1.00 43.55  ? 161  ALA A CA  1 
ATOM   1247 C C   . ALA A 1 175 ? -13.965 9.188   9.963   1.00 45.62  ? 161  ALA A C   1 
ATOM   1248 O O   . ALA A 1 175 ? -14.586 9.458   8.941   1.00 44.11  ? 161  ALA A O   1 
ATOM   1249 C CB  . ALA A 1 175 ? -11.466 9.205   10.107  1.00 43.68  ? 161  ALA A CB  1 
ATOM   1250 N N   . ASP A 1 176 ? -14.348 9.600   11.166  1.00 48.14  ? 162  ASP A N   1 
ATOM   1251 C CA  . ASP A 1 176 ? -15.529 10.428  11.315  1.00 51.05  ? 162  ASP A CA  1 
ATOM   1252 C C   . ASP A 1 176 ? -15.150 11.862  10.984  1.00 53.80  ? 162  ASP A C   1 
ATOM   1253 O O   . ASP A 1 176 ? -15.227 12.770  11.824  1.00 54.16  ? 162  ASP A O   1 
ATOM   1254 C CB  . ASP A 1 176 ? -16.105 10.319  12.730  1.00 50.74  ? 162  ASP A CB  1 
ATOM   1255 C CG  . ASP A 1 176 ? -15.104 10.676  13.797  1.00 52.35  ? 162  ASP A CG  1 
ATOM   1256 O OD1 . ASP A 1 176 ? -14.044 10.013  13.874  1.00 53.26  ? 162  ASP A OD1 1 
ATOM   1257 O OD2 . ASP A 1 176 ? -15.383 11.619  14.567  1.00 54.19  ? 162  ASP A OD2 1 
ATOM   1258 N N   . ILE A 1 177 ? -14.712 12.032  9.738   1.00 53.55  ? 163  ILE A N   1 
ATOM   1259 C CA  . ILE A 1 177 ? -14.311 13.319  9.186   1.00 53.50  ? 163  ILE A CA  1 
ATOM   1260 C C   . ILE A 1 177 ? -15.163 13.525  7.942   1.00 56.66  ? 163  ILE A C   1 
ATOM   1261 O O   . ILE A 1 177 ? -14.988 12.837  6.939   1.00 56.93  ? 163  ILE A O   1 
ATOM   1262 C CB  . ILE A 1 177 ? -12.829 13.323  8.765   1.00 50.97  ? 163  ILE A CB  1 
ATOM   1263 C CG1 . ILE A 1 177 ? -11.933 13.149  9.989   1.00 49.62  ? 163  ILE A CG1 1 
ATOM   1264 C CG2 . ILE A 1 177 ? -12.505 14.609  8.028   1.00 47.99  ? 163  ILE A CG2 1 
ATOM   1265 C CD1 . ILE A 1 177 ? -10.444 13.082  9.664   1.00 48.20  ? 163  ILE A CD1 1 
ATOM   1266 N N   . GLU A 1 178 ? -16.086 14.473  8.008   1.00 59.38  ? 164  GLU A N   1 
ATOM   1267 C CA  . GLU A 1 178 ? -16.965 14.730  6.881   1.00 63.46  ? 164  GLU A CA  1 
ATOM   1268 C C   . GLU A 1 178 ? -16.258 15.446  5.732   1.00 65.00  ? 164  GLU A C   1 
ATOM   1269 O O   . GLU A 1 178 ? -16.485 15.128  4.563   1.00 67.04  ? 164  GLU A O   1 
ATOM   1270 C CB  . GLU A 1 178 ? -18.163 15.557  7.341   1.00 65.25  ? 164  GLU A CB  1 
ATOM   1271 C CG  . GLU A 1 178 ? -19.348 15.502  6.398   1.00 70.25  ? 164  GLU A CG  1 
ATOM   1272 C CD  . GLU A 1 178 ? -20.410 16.535  6.742   1.00 72.99  ? 164  GLU A CD  1 
ATOM   1273 O OE1 . GLU A 1 178 ? -20.716 16.701  7.945   1.00 72.72  ? 164  GLU A OE1 1 
ATOM   1274 O OE2 . GLU A 1 178 ? -20.942 17.174  5.807   1.00 72.92  ? 164  GLU A OE2 1 
ATOM   1275 N N   . GLU A 1 179 ? -15.394 16.399  6.067   1.00 66.37  ? 165  GLU A N   1 
ATOM   1276 C CA  . GLU A 1 179 ? -14.681 17.187  5.063   1.00 66.16  ? 165  GLU A CA  1 
ATOM   1277 C C   . GLU A 1 179 ? -13.275 16.719  4.743   1.00 65.60  ? 165  GLU A C   1 
ATOM   1278 O O   . GLU A 1 179 ? -12.521 16.325  5.631   1.00 66.55  ? 165  GLU A O   1 
ATOM   1279 C CB  . GLU A 1 179 ? -14.606 18.652  5.504   1.00 68.50  ? 165  GLU A CB  1 
ATOM   1280 C CG  . GLU A 1 179 ? -15.949 19.259  5.829   1.00 70.34  ? 165  GLU A CG  1 
ATOM   1281 C CD  . GLU A 1 179 ? -16.946 19.076  4.703   1.00 72.20  ? 165  GLU A CD  1 
ATOM   1282 O OE1 . GLU A 1 179 ? -18.128 19.429  4.902   1.00 73.90  ? 165  GLU A OE1 1 
ATOM   1283 O OE2 . GLU A 1 179 ? -16.551 18.581  3.622   1.00 69.88  ? 165  GLU A OE2 1 
ATOM   1284 N N   . LYS A 1 180 ? -12.920 16.788  3.465   1.00 64.10  ? 166  LYS A N   1 
ATOM   1285 C CA  . LYS A 1 180 ? -11.586 16.399  3.029   1.00 63.00  ? 166  LYS A CA  1 
ATOM   1286 C C   . LYS A 1 180 ? -10.584 17.266  3.779   1.00 62.40  ? 166  LYS A C   1 
ATOM   1287 O O   . LYS A 1 180 ? -9.522  16.792  4.187   1.00 63.20  ? 166  LYS A O   1 
ATOM   1288 C CB  . LYS A 1 180 ? -11.432 16.604  1.517   1.00 61.67  ? 166  LYS A CB  1 
ATOM   1289 C CG  . LYS A 1 180 ? -10.082 16.171  0.977   1.00 61.40  ? 166  LYS A CG  1 
ATOM   1290 C CD  . LYS A 1 180 ? -10.065 16.130  -0.538  1.00 61.22  ? 166  LYS A CD  1 
ATOM   1291 C CE  . LYS A 1 180 ? -8.748  15.553  -1.042  1.00 64.10  ? 166  LYS A CE  1 
ATOM   1292 N NZ  . LYS A 1 180 ? -8.752  15.279  -2.515  1.00 64.53  ? 166  LYS A NZ  1 
ATOM   1293 N N   . THR A 1 181 ? -10.934 18.538  3.967   1.00 61.26  ? 167  THR A N   1 
ATOM   1294 C CA  . THR A 1 181 ? -10.067 19.471  4.683   1.00 59.57  ? 167  THR A CA  1 
ATOM   1295 C C   . THR A 1 181 ? -9.877  19.002  6.118   1.00 58.99  ? 167  THR A C   1 
ATOM   1296 O O   . THR A 1 181 ? -8.939  19.415  6.791   1.00 58.88  ? 167  THR A O   1 
ATOM   1297 C CB  . THR A 1 181 ? -10.655 20.895  4.718   1.00 59.01  ? 167  THR A CB  1 
ATOM   1298 O OG1 . THR A 1 181 ? -11.955 20.865  5.323   1.00 59.14  ? 167  THR A OG1 1 
ATOM   1299 C CG2 . THR A 1 181 ? -10.755 21.467  3.310   1.00 57.28  ? 167  THR A CG2 1 
ATOM   1300 N N   . GLY A 1 182 ? -10.779 18.139  6.581   1.00 59.01  ? 168  GLY A N   1 
ATOM   1301 C CA  . GLY A 1 182 ? -10.678 17.624  7.931   1.00 57.94  ? 168  GLY A CA  1 
ATOM   1302 C C   . GLY A 1 182 ? -9.454  16.743  8.113   1.00 59.17  ? 168  GLY A C   1 
ATOM   1303 O O   . GLY A 1 182 ? -9.022  16.505  9.245   1.00 60.25  ? 168  GLY A O   1 
ATOM   1304 N N   . TRP A 1 183 ? -8.894  16.256  7.006   1.00 58.30  ? 169  TRP A N   1 
ATOM   1305 C CA  . TRP A 1 183 ? -7.708  15.399  7.059   1.00 59.47  ? 169  TRP A CA  1 
ATOM   1306 C C   . TRP A 1 183 ? -6.403  16.200  6.968   1.00 59.70  ? 169  TRP A C   1 
ATOM   1307 O O   . TRP A 1 183 ? -5.307  15.647  7.098   1.00 59.84  ? 169  TRP A O   1 
ATOM   1308 C CB  . TRP A 1 183 ? -7.735  14.371  5.923   1.00 59.00  ? 169  TRP A CB  1 
ATOM   1309 C CG  . TRP A 1 183 ? -8.916  13.452  5.945   1.00 60.80  ? 169  TRP A CG  1 
ATOM   1310 C CD1 . TRP A 1 183 ? -10.208 13.762  5.624   1.00 59.44  ? 169  TRP A CD1 1 
ATOM   1311 C CD2 . TRP A 1 183 ? -8.914  12.067  6.313   1.00 60.86  ? 169  TRP A CD2 1 
ATOM   1312 N NE1 . TRP A 1 183 ? -11.009 12.655  5.767   1.00 58.55  ? 169  TRP A NE1 1 
ATOM   1313 C CE2 . TRP A 1 183 ? -10.242 11.601  6.189   1.00 59.34  ? 169  TRP A CE2 1 
ATOM   1314 C CE3 . TRP A 1 183 ? -7.919  11.176  6.736   1.00 60.61  ? 169  TRP A CE3 1 
ATOM   1315 C CZ2 . TRP A 1 183 ? -10.601 10.281  6.473   1.00 59.89  ? 169  TRP A CZ2 1 
ATOM   1316 C CZ3 . TRP A 1 183 ? -8.275  9.864   7.018   1.00 61.57  ? 169  TRP A CZ3 1 
ATOM   1317 C CH2 . TRP A 1 183 ? -9.607  9.429   6.884   1.00 59.61  ? 169  TRP A CH2 1 
ATOM   1318 N N   . TRP A 1 184 ? -6.519  17.502  6.737   1.00 60.47  ? 170  TRP A N   1 
ATOM   1319 C CA  . TRP A 1 184 ? -5.343  18.359  6.632   1.00 61.87  ? 170  TRP A CA  1 
ATOM   1320 C C   . TRP A 1 184 ? -4.739  18.654  8.010   1.00 61.81  ? 170  TRP A C   1 
ATOM   1321 O O   . TRP A 1 184 ? -5.454  18.921  8.975   1.00 62.18  ? 170  TRP A O   1 
ATOM   1322 C CB  . TRP A 1 184 ? -5.713  19.677  5.944   1.00 63.49  ? 170  TRP A CB  1 
ATOM   1323 C CG  . TRP A 1 184 ? -6.251  19.563  4.538   1.00 66.27  ? 170  TRP A CG  1 
ATOM   1324 C CD1 . TRP A 1 184 ? -6.923  20.532  3.848   1.00 67.71  ? 170  TRP A CD1 1 
ATOM   1325 C CD2 . TRP A 1 184 ? -6.140  18.440  3.643   1.00 68.62  ? 170  TRP A CD2 1 
ATOM   1326 N NE1 . TRP A 1 184 ? -7.239  20.090  2.583   1.00 68.84  ? 170  TRP A NE1 1 
ATOM   1327 C CE2 . TRP A 1 184 ? -6.772  18.811  2.430   1.00 69.10  ? 170  TRP A CE2 1 
ATOM   1328 C CE3 . TRP A 1 184 ? -5.571  17.162  3.745   1.00 68.92  ? 170  TRP A CE3 1 
ATOM   1329 C CZ2 . TRP A 1 184 ? -6.847  17.948  1.328   1.00 68.71  ? 170  TRP A CZ2 1 
ATOM   1330 C CZ3 . TRP A 1 184 ? -5.647  16.304  2.645   1.00 69.38  ? 170  TRP A CZ3 1 
ATOM   1331 C CH2 . TRP A 1 184 ? -6.281  16.705  1.455   1.00 69.05  ? 170  TRP A CH2 1 
ATOM   1332 N N   . GLY A 1 185 ? -3.414  18.596  8.090   1.00 62.05  ? 171  GLY A N   1 
ATOM   1333 C CA  . GLY A 1 185 ? -2.726  18.874  9.341   1.00 63.70  ? 171  GLY A CA  1 
ATOM   1334 C C   . GLY A 1 185 ? -2.946  17.841  10.427  1.00 64.73  ? 171  GLY A C   1 
ATOM   1335 O O   . GLY A 1 185 ? -3.308  18.179  11.551  1.00 65.22  ? 171  GLY A O   1 
ATOM   1336 N N   . LEU A 1 186 ? -2.714  16.579  10.098  1.00 64.94  ? 172  LEU A N   1 
ATOM   1337 C CA  . LEU A 1 186 ? -2.894  15.498  11.058  1.00 64.09  ? 172  LEU A CA  1 
ATOM   1338 C C   . LEU A 1 186 ? -1.572  15.173  11.736  1.00 64.96  ? 172  LEU A C   1 
ATOM   1339 O O   . LEU A 1 186 ? -0.566  14.912  11.062  1.00 65.76  ? 172  LEU A O   1 
ATOM   1340 C CB  . LEU A 1 186 ? -3.435  14.255  10.342  1.00 62.00  ? 172  LEU A CB  1 
ATOM   1341 C CG  . LEU A 1 186 ? -4.821  13.726  10.724  1.00 59.08  ? 172  LEU A CG  1 
ATOM   1342 C CD1 . LEU A 1 186 ? -5.808  14.871  10.924  1.00 58.25  ? 172  LEU A CD1 1 
ATOM   1343 C CD2 . LEU A 1 186 ? -5.288  12.787  9.622   1.00 57.19  ? 172  LEU A CD2 1 
ATOM   1344 N N   . THR A 1 187 ? -1.579  15.191  13.067  1.00 64.85  ? 173  THR A N   1 
ATOM   1345 C CA  . THR A 1 187 ? -0.377  14.901  13.846  1.00 64.71  ? 173  THR A CA  1 
ATOM   1346 C C   . THR A 1 187 ? -0.429  13.496  14.432  1.00 65.72  ? 173  THR A C   1 
ATOM   1347 O O   . THR A 1 187 ? -1.479  12.857  14.461  1.00 66.46  ? 173  THR A O   1 
ATOM   1348 C CB  . THR A 1 187 ? -0.197  15.906  15.017  1.00 64.55  ? 173  THR A CB  1 
ATOM   1349 O OG1 . THR A 1 187 ? -1.132  15.605  16.064  1.00 65.02  ? 173  THR A OG1 1 
ATOM   1350 C CG2 . THR A 1 187 ? -0.429  17.337  14.539  1.00 63.78  ? 173  THR A CG2 1 
ATOM   1351 N N   . SER A 1 188 ? 0.720   13.033  14.905  1.00 65.82  ? 174  SER A N   1 
ATOM   1352 C CA  . SER A 1 188 ? 0.855   11.715  15.503  1.00 65.65  ? 174  SER A CA  1 
ATOM   1353 C C   . SER A 1 188 ? -0.147  11.462  16.625  1.00 65.69  ? 174  SER A C   1 
ATOM   1354 O O   . SER A 1 188 ? -0.634  10.344  16.804  1.00 65.26  ? 174  SER A O   1 
ATOM   1355 C CB  . SER A 1 188 ? 2.279   11.554  16.044  1.00 66.28  ? 174  SER A CB  1 
ATOM   1356 O OG  . SER A 1 188 ? 2.327   10.581  17.072  1.00 66.77  ? 174  SER A OG  1 
ATOM   1357 N N   . SER A 1 189 ? -0.451  12.507  17.383  1.00 65.73  ? 175  SER A N   1 
ATOM   1358 C CA  . SER A 1 189 ? -1.368  12.382  18.506  1.00 65.41  ? 175  SER A CA  1 
ATOM   1359 C C   . SER A 1 189 ? -2.806  12.776  18.196  1.00 63.64  ? 175  SER A C   1 
ATOM   1360 O O   . SER A 1 189 ? -3.646  12.795  19.097  1.00 63.11  ? 175  SER A O   1 
ATOM   1361 C CB  . SER A 1 189 ? -0.852  13.210  19.692  1.00 66.65  ? 175  SER A CB  1 
ATOM   1362 O OG  . SER A 1 189 ? -0.623  14.561  19.325  1.00 64.66  ? 175  SER A OG  1 
ATOM   1363 N N   . THR A 1 190 ? -3.101  13.083  16.936  1.00 62.26  ? 176  THR A N   1 
ATOM   1364 C CA  . THR A 1 190 ? -4.464  13.465  16.573  1.00 60.15  ? 176  THR A CA  1 
ATOM   1365 C C   . THR A 1 190 ? -5.399  12.281  16.813  1.00 59.73  ? 176  THR A C   1 
ATOM   1366 O O   . THR A 1 190 ? -5.093  11.149  16.413  1.00 57.68  ? 176  THR A O   1 
ATOM   1367 C CB  . THR A 1 190 ? -4.579  13.881  15.096  1.00 59.27  ? 176  THR A CB  1 
ATOM   1368 O OG1 . THR A 1 190 ? -3.406  14.595  14.697  1.00 57.78  ? 176  THR A OG1 1 
ATOM   1369 C CG2 . THR A 1 190 ? -5.778  14.788  14.912  1.00 57.79  ? 176  THR A CG2 1 
ATOM   1370 N N   . LYS A 1 191 ? -6.539  12.549  17.449  1.00 58.43  ? 177  LYS A N   1 
ATOM   1371 C CA  . LYS A 1 191 ? -7.502  11.498  17.763  1.00 59.03  ? 177  LYS A CA  1 
ATOM   1372 C C   . LYS A 1 191 ? -8.812  11.537  16.969  1.00 58.59  ? 177  LYS A C   1 
ATOM   1373 O O   . LYS A 1 191 ? -9.494  12.565  16.909  1.00 57.40  ? 177  LYS A O   1 
ATOM   1374 C CB  . LYS A 1 191 ? -7.821  11.527  19.260  1.00 59.44  ? 177  LYS A CB  1 
ATOM   1375 C CG  . LYS A 1 191 ? -8.376  10.224  19.795  1.00 60.45  ? 177  LYS A CG  1 
ATOM   1376 C CD  . LYS A 1 191 ? -8.524  10.283  21.301  1.00 64.21  ? 177  LYS A CD  1 
ATOM   1377 C CE  . LYS A 1 191 ? -8.914  8.926   21.875  1.00 66.30  ? 177  LYS A CE  1 
ATOM   1378 N NZ  . LYS A 1 191 ? -9.136  9.001   23.348  1.00 68.15  ? 177  LYS A NZ  1 
ATOM   1379 N N   . LYS A 1 192 ? -9.154  10.399  16.369  1.00 57.78  ? 178  LYS A N   1 
ATOM   1380 C CA  . LYS A 1 192 ? -10.384 10.257  15.589  1.00 57.51  ? 178  LYS A CA  1 
ATOM   1381 C C   . LYS A 1 192 ? -10.876 8.816   15.643  1.00 56.26  ? 178  LYS A C   1 
ATOM   1382 O O   . LYS A 1 192 ? -10.126 7.895   15.993  1.00 54.58  ? 178  LYS A O   1 
ATOM   1383 C CB  . LYS A 1 192 ? -10.155 10.636  14.120  1.00 58.83  ? 178  LYS A CB  1 
ATOM   1384 C CG  . LYS A 1 192 ? -9.909  12.123  13.851  1.00 60.53  ? 178  LYS A CG  1 
ATOM   1385 C CD  . LYS A 1 192 ? -11.140 12.971  14.125  1.00 62.50  ? 178  LYS A CD  1 
ATOM   1386 C CE  . LYS A 1 192 ? -10.910 14.422  13.719  1.00 63.18  ? 178  LYS A CE  1 
ATOM   1387 N NZ  . LYS A 1 192 ? -12.155 15.234  13.865  1.00 67.59  ? 178  LYS A NZ  1 
ATOM   1388 N N   . ASN A 1 193 ? -12.146 8.624   15.310  1.00 55.21  ? 179  ASN A N   1 
ATOM   1389 C CA  . ASN A 1 193 ? -12.713 7.283   15.283  1.00 54.05  ? 179  ASN A CA  1 
ATOM   1390 C C   . ASN A 1 193 ? -12.253 6.650   13.962  1.00 52.89  ? 179  ASN A C   1 
ATOM   1391 O O   . ASN A 1 193 ? -12.933 6.766   12.932  1.00 50.82  ? 179  ASN A O   1 
ATOM   1392 C CB  . ASN A 1 193 ? -14.235 7.360   15.338  1.00 54.41  ? 179  ASN A CB  1 
ATOM   1393 C CG  . ASN A 1 193 ? -14.866 6.018   15.610  1.00 55.32  ? 179  ASN A CG  1 
ATOM   1394 O OD1 . ASN A 1 193 ? -14.520 5.342   16.582  1.00 53.83  ? 179  ASN A OD1 1 
ATOM   1395 N ND2 . ASN A 1 193 ? -15.800 5.619   14.755  1.00 56.28  ? 179  ASN A ND2 1 
ATOM   1396 N N   . PHE A 1 194 ? -11.094 5.991   14.008  1.00 50.27  ? 180  PHE A N   1 
ATOM   1397 C CA  . PHE A 1 194 ? -10.480 5.375   12.833  1.00 50.48  ? 180  PHE A CA  1 
ATOM   1398 C C   . PHE A 1 194 ? -10.752 3.897   12.574  1.00 52.25  ? 180  PHE A C   1 
ATOM   1399 O O   . PHE A 1 194 ? -10.592 3.047   13.457  1.00 54.34  ? 180  PHE A O   1 
ATOM   1400 C CB  . PHE A 1 194 ? -8.955  5.534   12.888  1.00 50.60  ? 180  PHE A CB  1 
ATOM   1401 C CG  . PHE A 1 194 ? -8.465  6.933   12.655  1.00 49.23  ? 180  PHE A CG  1 
ATOM   1402 C CD1 . PHE A 1 194 ? -8.590  7.533   11.407  1.00 51.26  ? 180  PHE A CD1 1 
ATOM   1403 C CD2 . PHE A 1 194 ? -7.836  7.641   13.681  1.00 49.70  ? 180  PHE A CD2 1 
ATOM   1404 C CE1 . PHE A 1 194 ? -8.090  8.823   11.180  1.00 51.77  ? 180  PHE A CE1 1 
ATOM   1405 C CE2 . PHE A 1 194 ? -7.330  8.937   13.468  1.00 50.36  ? 180  PHE A CE2 1 
ATOM   1406 C CZ  . PHE A 1 194 ? -7.455  9.526   12.219  1.00 48.68  ? 180  PHE A CZ  1 
ATOM   1407 N N   . ALA A 1 195 ? -11.133 3.593   11.338  1.00 50.64  ? 181  ALA A N   1 
ATOM   1408 C CA  . ALA A 1 195 ? -11.359 2.218   10.930  1.00 47.41  ? 181  ALA A CA  1 
ATOM   1409 C C   . ALA A 1 195 ? -10.285 2.013   9.874   1.00 46.79  ? 181  ALA A C   1 
ATOM   1410 O O   . ALA A 1 195 ? -9.943  2.960   9.166   1.00 46.41  ? 181  ALA A O   1 
ATOM   1411 C CB  . ALA A 1 195 ? -12.743 2.059   10.327  1.00 45.50  ? 181  ALA A CB  1 
ATOM   1412 N N   . VAL A 1 196 ? -9.731  0.808   9.771   1.00 45.85  ? 182  VAL A N   1 
ATOM   1413 C CA  . VAL A 1 196 ? -8.701  0.581   8.767   1.00 46.55  ? 182  VAL A CA  1 
ATOM   1414 C C   . VAL A 1 196 ? -8.702  -0.813  8.126   1.00 47.69  ? 182  VAL A C   1 
ATOM   1415 O O   . VAL A 1 196 ? -9.087  -1.806  8.749   1.00 48.38  ? 182  VAL A O   1 
ATOM   1416 C CB  . VAL A 1 196 ? -7.273  0.885   9.353   1.00 46.33  ? 182  VAL A CB  1 
ATOM   1417 C CG1 . VAL A 1 196 ? -7.393  1.651   10.663  1.00 42.15  ? 182  VAL A CG1 1 
ATOM   1418 C CG2 . VAL A 1 196 ? -6.479  -0.392  9.546   1.00 46.69  ? 182  VAL A CG2 1 
ATOM   1419 N N   . GLN A 1 197 ? -8.292  -0.873  6.863   1.00 47.15  ? 183  GLN A N   1 
ATOM   1420 C CA  . GLN A 1 197 ? -8.199  -2.147  6.166   1.00 47.19  ? 183  GLN A CA  1 
ATOM   1421 C C   . GLN A 1 197 ? -6.855  -2.194  5.466   1.00 46.56  ? 183  GLN A C   1 
ATOM   1422 O O   . GLN A 1 197 ? -6.528  -1.310  4.681   1.00 49.44  ? 183  GLN A O   1 
ATOM   1423 C CB  . GLN A 1 197 ? -9.313  -2.321  5.130   1.00 47.48  ? 183  GLN A CB  1 
ATOM   1424 C CG  . GLN A 1 197 ? -9.277  -3.696  4.454   1.00 45.10  ? 183  GLN A CG  1 
ATOM   1425 C CD  . GLN A 1 197 ? -10.260 -3.825  3.291   1.00 48.22  ? 183  GLN A CD  1 
ATOM   1426 O OE1 . GLN A 1 197 ? -11.417 -3.424  3.395   1.00 48.93  ? 183  GLN A OE1 1 
ATOM   1427 N NE2 . GLN A 1 197 ? -9.799  -4.398  2.182   1.00 46.84  ? 183  GLN A NE2 1 
ATOM   1428 N N   . ILE A 1 198 ? -6.077  -3.226  5.759   1.00 46.15  ? 184  ILE A N   1 
ATOM   1429 C CA  . ILE A 1 198 ? -4.758  -3.390  5.164   1.00 43.93  ? 184  ILE A CA  1 
ATOM   1430 C C   . ILE A 1 198 ? -4.780  -4.572  4.215   1.00 43.62  ? 184  ILE A C   1 
ATOM   1431 O O   . ILE A 1 198 ? -5.239  -5.649  4.579   1.00 43.00  ? 184  ILE A O   1 
ATOM   1432 C CB  . ILE A 1 198 ? -3.676  -3.691  6.238   1.00 44.41  ? 184  ILE A CB  1 
ATOM   1433 C CG1 . ILE A 1 198 ? -3.851  -2.774  7.454   1.00 45.42  ? 184  ILE A CG1 1 
ATOM   1434 C CG2 . ILE A 1 198 ? -2.300  -3.533  5.645   1.00 38.40  ? 184  ILE A CG2 1 
ATOM   1435 C CD1 . ILE A 1 198 ? -3.906  -1.303  7.129   1.00 49.19  ? 184  ILE A CD1 1 
ATOM   1436 N N   . ASP A 1 199 ? -4.296  -4.370  2.995   1.00 43.43  ? 185  ASP A N   1 
ATOM   1437 C CA  . ASP A 1 199 ? -4.227  -5.445  2.012   1.00 42.46  ? 185  ASP A CA  1 
ATOM   1438 C C   . ASP A 1 199 ? -2.792  -5.499  1.536   1.00 42.43  ? 185  ASP A C   1 
ATOM   1439 O O   . ASP A 1 199 ? -2.260  -4.497  1.047   1.00 43.89  ? 185  ASP A O   1 
ATOM   1440 C CB  . ASP A 1 199 ? -5.143  -5.176  0.813   1.00 45.12  ? 185  ASP A CB  1 
ATOM   1441 C CG  . ASP A 1 199 ? -6.611  -5.432  1.117   1.00 45.46  ? 185  ASP A CG  1 
ATOM   1442 O OD1 . ASP A 1 199 ? -7.255  -4.571  1.753   1.00 48.58  ? 185  ASP A OD1 1 
ATOM   1443 O OD2 . ASP A 1 199 ? -7.122  -6.500  0.714   1.00 47.83  ? 185  ASP A OD2 1 
ATOM   1444 N N   . ALA A 1 200 ? -2.158  -6.655  1.668   1.00 41.38  ? 186  ALA A N   1 
ATOM   1445 C CA  . ALA A 1 200 ? -0.770  -6.779  1.245   1.00 41.13  ? 186  ALA A CA  1 
ATOM   1446 C C   . ALA A 1 200 ? -0.474  -8.123  0.608   1.00 40.28  ? 186  ALA A C   1 
ATOM   1447 O O   . ALA A 1 200 ? -0.821  -9.160  1.156   1.00 39.75  ? 186  ALA A O   1 
ATOM   1448 C CB  . ALA A 1 200 ? 0.151   -6.551  2.440   1.00 40.04  ? 186  ALA A CB  1 
ATOM   1449 N N   . LEU A 1 201 ? 0.169   -8.106  -0.553  1.00 40.09  ? 187  LEU A N   1 
ATOM   1450 C CA  . LEU A 1 201 ? 0.520   -9.345  -1.235  1.00 40.34  ? 187  LEU A CA  1 
ATOM   1451 C C   . LEU A 1 201 ? 2.017   -9.353  -1.504  1.00 42.48  ? 187  LEU A C   1 
ATOM   1452 O O   . LEU A 1 201 ? 2.562   -8.414  -2.090  1.00 42.63  ? 187  LEU A O   1 
ATOM   1453 C CB  . LEU A 1 201 ? -0.250  -9.479  -2.552  1.00 37.82  ? 187  LEU A CB  1 
ATOM   1454 C CG  . LEU A 1 201 ? -0.125  -10.847 -3.238  1.00 40.90  ? 187  LEU A CG  1 
ATOM   1455 C CD1 . LEU A 1 201 ? -1.294  -11.046 -4.196  1.00 39.66  ? 187  LEU A CD1 1 
ATOM   1456 C CD2 . LEU A 1 201 ? 1.214   -10.969 -3.962  1.00 35.96  ? 187  LEU A CD2 1 
ATOM   1457 N N   . GLU A 1 202 ? 2.681   -10.417 -1.069  1.00 43.29  ? 188  GLU A N   1 
ATOM   1458 C CA  . GLU A 1 202 ? 4.118   -10.529 -1.254  1.00 43.76  ? 188  GLU A CA  1 
ATOM   1459 C C   . GLU A 1 202 ? 4.499   -11.437 -2.409  1.00 44.32  ? 188  GLU A C   1 
ATOM   1460 O O   . GLU A 1 202 ? 4.105   -12.602 -2.457  1.00 43.35  ? 188  GLU A O   1 
ATOM   1461 C CB  . GLU A 1 202 ? 4.782   -11.047 0.019   1.00 45.31  ? 188  GLU A CB  1 
ATOM   1462 C CG  . GLU A 1 202 ? 6.291   -10.879 0.005   1.00 49.07  ? 188  GLU A CG  1 
ATOM   1463 C CD  . GLU A 1 202 ? 6.955   -11.391 1.269   1.00 52.57  ? 188  GLU A CD  1 
ATOM   1464 O OE1 . GLU A 1 202 ? 6.947   -12.625 1.477   1.00 52.84  ? 188  GLU A OE1 1 
ATOM   1465 O OE2 . GLU A 1 202 ? 7.478   -10.561 2.053   1.00 53.10  ? 188  GLU A OE2 1 
ATOM   1466 N N   . LEU A 1 203 ? 5.277   -10.891 -3.336  1.00 45.63  ? 189  LEU A N   1 
ATOM   1467 C CA  . LEU A 1 203 ? 5.740   -11.645 -4.492  1.00 48.31  ? 189  LEU A CA  1 
ATOM   1468 C C   . LEU A 1 203 ? 7.245   -11.856 -4.392  1.00 49.84  ? 189  LEU A C   1 
ATOM   1469 O O   . LEU A 1 203 ? 7.944   -11.104 -3.712  1.00 50.95  ? 189  LEU A O   1 
ATOM   1470 C CB  . LEU A 1 203 ? 5.439   -10.876 -5.774  1.00 47.34  ? 189  LEU A CB  1 
ATOM   1471 C CG  . LEU A 1 203 ? 3.983   -10.628 -6.142  1.00 47.27  ? 189  LEU A CG  1 
ATOM   1472 C CD1 . LEU A 1 203 ? 3.890   -9.418  -7.057  1.00 50.96  ? 189  LEU A CD1 1 
ATOM   1473 C CD2 . LEU A 1 203 ? 3.417   -11.865 -6.811  1.00 48.96  ? 189  LEU A CD2 1 
ATOM   1474 N N   . VAL A 1 204 ? 7.738   -12.890 -5.062  1.00 50.39  ? 190  VAL A N   1 
ATOM   1475 C CA  . VAL A 1 204 ? 9.167   -13.175 -5.096  1.00 52.29  ? 190  VAL A CA  1 
ATOM   1476 C C   . VAL A 1 204 ? 9.550   -12.989 -6.563  1.00 53.40  ? 190  VAL A C   1 
ATOM   1477 O O   . VAL A 1 204 ? 9.162   -13.785 -7.427  1.00 53.92  ? 190  VAL A O   1 
ATOM   1478 C CB  . VAL A 1 204 ? 9.472   -14.614 -4.640  1.00 51.90  ? 190  VAL A CB  1 
ATOM   1479 C CG1 . VAL A 1 204 ? 10.938  -14.940 -4.883  1.00 52.51  ? 190  VAL A CG1 1 
ATOM   1480 C CG2 . VAL A 1 204 ? 9.150   -14.758 -3.165  1.00 50.09  ? 190  VAL A CG2 1 
ATOM   1481 N N   . VAL A 1 205 ? 10.302  -11.931 -6.844  1.00 54.08  ? 191  VAL A N   1 
ATOM   1482 C CA  . VAL A 1 205 ? 10.674  -11.627 -8.212  1.00 55.73  ? 191  VAL A CA  1 
ATOM   1483 C C   . VAL A 1 205 ? 12.128  -11.888 -8.573  1.00 58.17  ? 191  VAL A C   1 
ATOM   1484 O O   . VAL A 1 205 ? 13.037  -11.607 -7.794  1.00 59.12  ? 191  VAL A O   1 
ATOM   1485 C CB  . VAL A 1 205 ? 10.350  -10.163 -8.534  1.00 55.76  ? 191  VAL A CB  1 
ATOM   1486 C CG1 . VAL A 1 205 ? 10.189  -9.989  -10.039 1.00 53.60  ? 191  VAL A CG1 1 
ATOM   1487 C CG2 . VAL A 1 205 ? 9.089   -9.733  -7.780  1.00 53.83  ? 191  VAL A CG2 1 
ATOM   1488 N N   . LYS A 1 206 ? 12.328  -12.427 -9.773  1.00 61.11  ? 192  LYS A N   1 
ATOM   1489 C CA  . LYS A 1 206 ? 13.661  -12.723 -10.281 1.00 62.85  ? 192  LYS A CA  1 
ATOM   1490 C C   . LYS A 1 206 ? 14.082  -11.654 -11.273 1.00 63.77  ? 192  LYS A C   1 
ATOM   1491 O O   . LYS A 1 206 ? 13.287  -11.222 -12.109 1.00 61.26  ? 192  LYS A O   1 
ATOM   1492 C CB  . LYS A 1 206 ? 13.695  -14.081 -10.990 1.00 64.19  ? 192  LYS A CB  1 
ATOM   1493 C CG  . LYS A 1 206 ? 15.072  -14.425 -11.545 1.00 64.24  ? 192  LYS A CG  1 
ATOM   1494 C CD  . LYS A 1 206 ? 15.097  -15.760 -12.277 1.00 67.15  ? 192  LYS A CD  1 
ATOM   1495 C CE  . LYS A 1 206 ? 16.524  -16.104 -12.714 1.00 68.29  ? 192  LYS A CE  1 
ATOM   1496 N NZ  . LYS A 1 206 ? 16.622  -17.368 -13.500 1.00 70.81  ? 192  LYS A NZ  1 
ATOM   1497 N N   . LYS A 1 207 ? 15.339  -11.235 -11.175 1.00 65.05  ? 193  LYS A N   1 
ATOM   1498 C CA  . LYS A 1 207 ? 15.883  -10.230 -12.077 1.00 66.68  ? 193  LYS A CA  1 
ATOM   1499 C C   . LYS A 1 207 ? 15.581  -10.643 -13.516 1.00 66.62  ? 193  LYS A C   1 
ATOM   1500 O O   . LYS A 1 207 ? 15.899  -11.758 -13.934 1.00 67.42  ? 193  LYS A O   1 
ATOM   1501 C CB  . LYS A 1 207 ? 17.394  -10.117 -11.873 1.00 68.15  ? 193  LYS A CB  1 
ATOM   1502 C CG  . LYS A 1 207 ? 18.086  -9.092  -12.751 1.00 70.23  ? 193  LYS A CG  1 
ATOM   1503 C CD  . LYS A 1 207 ? 19.541  -8.939  -12.328 1.00 73.35  ? 193  LYS A CD  1 
ATOM   1504 C CE  . LYS A 1 207 ? 20.298  -7.961  -13.225 1.00 74.16  ? 193  LYS A CE  1 
ATOM   1505 N NZ  . LYS A 1 207 ? 21.753  -7.900  -12.881 1.00 71.76  ? 193  LYS A NZ  1 
ATOM   1506 N N   . GLY A 1 208 ? 14.954  -9.745  -14.265 1.00 65.17  ? 194  GLY A N   1 
ATOM   1507 C CA  . GLY A 1 208 ? 14.630  -10.048 -15.642 1.00 63.49  ? 194  GLY A CA  1 
ATOM   1508 C C   . GLY A 1 208 ? 13.145  -9.979  -15.899 1.00 62.78  ? 194  GLY A C   1 
ATOM   1509 O O   . GLY A 1 208 ? 12.714  -9.770  -17.027 1.00 62.77  ? 194  GLY A O   1 
ATOM   1510 N N   . PHE A 1 209 ? 12.363  -10.152 -14.840 1.00 62.80  ? 195  PHE A N   1 
ATOM   1511 C CA  . PHE A 1 209 ? 10.911  -10.114 -14.934 1.00 62.36  ? 195  PHE A CA  1 
ATOM   1512 C C   . PHE A 1 209 ? 10.407  -8.976  -15.818 1.00 64.98  ? 195  PHE A C   1 
ATOM   1513 O O   . PHE A 1 209 ? 10.980  -7.889  -15.832 1.00 65.29  ? 195  PHE A O   1 
ATOM   1514 C CB  . PHE A 1 209 ? 10.296  -9.972  -13.543 1.00 57.73  ? 195  PHE A CB  1 
ATOM   1515 C CG  . PHE A 1 209 ? 8.824   -9.709  -13.575 1.00 54.40  ? 195  PHE A CG  1 
ATOM   1516 C CD1 . PHE A 1 209 ? 7.937   -10.701 -14.000 1.00 54.55  ? 195  PHE A CD1 1 
ATOM   1517 C CD2 . PHE A 1 209 ? 8.326   -8.449  -13.262 1.00 52.06  ? 195  PHE A CD2 1 
ATOM   1518 C CE1 . PHE A 1 209 ? 6.575   -10.437 -14.117 1.00 52.63  ? 195  PHE A CE1 1 
ATOM   1519 C CE2 . PHE A 1 209 ? 6.968   -8.170  -13.377 1.00 50.58  ? 195  PHE A CE2 1 
ATOM   1520 C CZ  . PHE A 1 209 ? 6.090   -9.164  -13.806 1.00 51.78  ? 195  PHE A CZ  1 
ATOM   1521 N N   . LYS A 1 210 ? 9.322   -9.234  -16.544 1.00 68.34  ? 196  LYS A N   1 
ATOM   1522 C CA  . LYS A 1 210 ? 8.726   -8.236  -17.429 1.00 72.80  ? 196  LYS A CA  1 
ATOM   1523 C C   . LYS A 1 210 ? 7.201   -8.230  -17.319 1.00 74.96  ? 196  LYS A C   1 
ATOM   1524 O O   . LYS A 1 210 ? 6.557   -9.273  -17.429 1.00 75.24  ? 196  LYS A O   1 
ATOM   1525 C CB  . LYS A 1 210 ? 9.119   -8.516  -18.884 1.00 73.33  ? 196  LYS A CB  1 
ATOM   1526 C CG  . LYS A 1 210 ? 10.575  -8.262  -19.209 1.00 74.43  ? 196  LYS A CG  1 
ATOM   1527 C CD  . LYS A 1 210 ? 10.881  -6.780  -19.214 1.00 75.44  ? 196  LYS A CD  1 
ATOM   1528 C CE  . LYS A 1 210 ? 12.340  -6.538  -19.552 1.00 78.26  ? 196  LYS A CE  1 
ATOM   1529 N NZ  . LYS A 1 210 ? 12.698  -7.130  -20.873 1.00 80.11  ? 196  LYS A NZ  1 
ATOM   1530 N N   . ALA A 1 211 ? 6.626   -7.053  -17.109 1.00 77.83  ? 197  ALA A N   1 
ATOM   1531 C CA  . ALA A 1 211 ? 5.177   -6.929  -17.006 1.00 81.15  ? 197  ALA A CA  1 
ATOM   1532 C C   . ALA A 1 211 ? 4.546   -7.425  -18.309 1.00 84.55  ? 197  ALA A C   1 
ATOM   1533 O O   . ALA A 1 211 ? 4.730   -6.816  -19.363 1.00 85.64  ? 197  ALA A O   1 
ATOM   1534 C CB  . ALA A 1 211 ? 4.801   -5.478  -16.760 1.00 79.86  ? 197  ALA A CB  1 
ATOM   1535 N N   . PRO A 1 212 ? 3.789   -8.535  -18.253 1.00 87.14  ? 198  PRO A N   1 
ATOM   1536 C CA  . PRO A 1 212 ? 3.138   -9.103  -19.442 1.00 88.68  ? 198  PRO A CA  1 
ATOM   1537 C C   . PRO A 1 212 ? 2.223   -8.116  -20.172 1.00 90.70  ? 198  PRO A C   1 
ATOM   1538 O O   . PRO A 1 212 ? 1.268   -7.598  -19.592 1.00 90.83  ? 198  PRO A O   1 
ATOM   1539 C CB  . PRO A 1 212 ? 2.378   -10.300 -18.877 1.00 88.20  ? 198  PRO A CB  1 
ATOM   1540 C CG  . PRO A 1 212 ? 2.044   -9.859  -17.490 1.00 88.09  ? 198  PRO A CG  1 
ATOM   1541 C CD  . PRO A 1 212 ? 3.344   -9.235  -17.037 1.00 87.54  ? 198  PRO A CD  1 
ATOM   1542 N N   . ASN A 1 213 ? 2.525   -7.868  -21.446 1.00 92.65  ? 199  ASN A N   1 
ATOM   1543 C CA  . ASN A 1 213 ? 1.754   -6.938  -22.276 1.00 94.30  ? 199  ASN A CA  1 
ATOM   1544 C C   . ASN A 1 213 ? 1.715   -5.522  -21.699 1.00 94.65  ? 199  ASN A C   1 
ATOM   1545 O O   . ASN A 1 213 ? 2.364   -5.289  -20.653 1.00 95.18  ? 199  ASN A O   1 
ATOM   1546 C CB  . ASN A 1 213 ? 0.325   -7.453  -22.468 1.00 94.54  ? 199  ASN A CB  1 
ATOM   1547 C CG  . ASN A 1 213 ? 0.281   -8.760  -23.220 1.00 95.44  ? 199  ASN A CG  1 
ATOM   1548 O OD1 . ASN A 1 213 ? 0.760   -8.853  -24.351 1.00 96.12  ? 199  ASN A OD1 1 
ATOM   1549 N ND2 . ASN A 1 213 ? -0.293  -9.782  -22.597 1.00 95.36  ? 199  ASN A ND2 1 
ATOM   1550 O OXT . ASN A 1 213 ? 1.038   -4.660  -22.308 1.00 60.45  ? 199  ASN A OXT 1 
HETATM 1551 C C1  . MLI B 2 .   ? 6.813   -14.709 5.953   1.00 64.01  ? 1001 MLI A C1  1 
HETATM 1552 C C2  . MLI B 2 .   ? 6.679   -14.136 4.520   1.00 64.30  ? 1001 MLI A C2  1 
HETATM 1553 C C3  . MLI B 2 .   ? 6.343   -16.141 6.227   1.00 65.09  ? 1001 MLI A C3  1 
HETATM 1554 O O6  . MLI B 2 .   ? 6.636   -12.980 4.245   1.00 63.37  ? 1001 MLI A O6  1 
HETATM 1555 O O7  . MLI B 2 .   ? 6.610   -15.093 3.574   1.00 62.05  ? 1001 MLI A O7  1 
HETATM 1556 O O8  . MLI B 2 .   ? 5.222   -16.488 6.405   1.00 64.34  ? 1001 MLI A O8  1 
HETATM 1557 O O9  . MLI B 2 .   ? 7.363   -17.005 6.244   1.00 66.82  ? 1001 MLI A O9  1 
HETATM 1558 C C1  . MLI C 2 .   ? -13.252 2.541   -0.111  1.00 77.73  ? 1002 MLI A C1  1 
HETATM 1559 C C2  . MLI C 2 .   ? -13.529 1.555   -1.266  1.00 77.99  ? 1002 MLI A C2  1 
HETATM 1560 C C3  . MLI C 2 .   ? -14.446 3.162   0.630   1.00 79.09  ? 1002 MLI A C3  1 
HETATM 1561 O O6  . MLI C 2 .   ? -14.499 1.553   -1.964  1.00 78.86  ? 1002 MLI A O6  1 
HETATM 1562 O O7  . MLI C 2 .   ? -12.533 0.662   -1.419  1.00 77.53  ? 1002 MLI A O7  1 
HETATM 1563 O O8  . MLI C 2 .   ? -14.727 2.992   1.776   1.00 79.05  ? 1002 MLI A O8  1 
HETATM 1564 O O9  . MLI C 2 .   ? -15.180 3.954   -0.175  1.00 80.90  ? 1002 MLI A O9  1 
HETATM 1565 C C1  . MLI D 2 .   ? -4.431  -15.133 -2.313  1.00 100.23 ? 1003 MLI A C1  1 
HETATM 1566 C C2  . MLI D 2 .   ? -4.046  -15.370 -3.791  1.00 100.00 ? 1003 MLI A C2  1 
HETATM 1567 C C3  . MLI D 2 .   ? -5.921  -15.149 -1.919  1.00 100.77 ? 1003 MLI A C3  1 
HETATM 1568 O O6  . MLI D 2 .   ? -3.756  -14.528 -4.576  1.00 99.91  ? 1003 MLI A O6  1 
HETATM 1569 O O7  . MLI D 2 .   ? -4.064  -16.670 -4.119  1.00 100.42 ? 1003 MLI A O7  1 
HETATM 1570 O O8  . MLI D 2 .   ? -6.569  -14.201 -1.608  1.00 99.82  ? 1003 MLI A O8  1 
HETATM 1571 O O9  . MLI D 2 .   ? -6.449  -16.386 -1.952  1.00 101.51 ? 1003 MLI A O9  1 
HETATM 1572 C C1  . MLI E 2 .   ? -2.562  -20.469 -5.054  1.00 104.55 ? 1004 MLI A C1  1 
HETATM 1573 C C2  . MLI E 2 .   ? -1.362  -19.855 -5.802  1.00 104.42 ? 1004 MLI A C2  1 
HETATM 1574 C C3  . MLI E 2 .   ? -2.510  -20.519 -3.525  1.00 104.84 ? 1004 MLI A C3  1 
HETATM 1575 O O6  . MLI E 2 .   ? -0.448  -20.459 -6.263  1.00 103.94 ? 1004 MLI A O6  1 
HETATM 1576 O O7  . MLI E 2 .   ? -1.450  -18.518 -5.888  1.00 104.31 ? 1004 MLI A O7  1 
HETATM 1577 O O8  . MLI E 2 .   ? -1.964  -21.343 -2.878  1.00 105.18 ? 1004 MLI A O8  1 
HETATM 1578 O O9  . MLI E 2 .   ? -3.167  -19.496 -2.959  1.00 105.37 ? 1004 MLI A O9  1 
HETATM 1579 C C1  . MLI F 2 .   ? -13.859 17.928  11.445  1.00 81.80  ? 1005 MLI A C1  1 
HETATM 1580 C C2  . MLI F 2 .   ? -12.358 18.281  11.285  1.00 83.51  ? 1005 MLI A C2  1 
HETATM 1581 C C3  . MLI F 2 .   ? -14.635 17.376  10.232  1.00 80.76  ? 1005 MLI A C3  1 
HETATM 1582 O O6  . MLI F 2 .   ? -11.873 19.362  11.448  1.00 83.64  ? 1005 MLI A O6  1 
HETATM 1583 O O7  . MLI F 2 .   ? -11.613 17.214  10.937  1.00 83.11  ? 1005 MLI A O7  1 
HETATM 1584 O O8  . MLI F 2 .   ? -14.546 17.758  9.109   1.00 78.24  ? 1005 MLI A O8  1 
HETATM 1585 O O9  . MLI F 2 .   ? -15.466 16.376  10.577  1.00 80.79  ? 1005 MLI A O9  1 
HETATM 1586 O O   . HOH G 3 .   ? 1.298   7.138   -12.617 1.00 37.11  ? 3001 HOH A O   1 
HETATM 1587 O O   . HOH G 3 .   ? 1.592   10.854  -11.151 1.00 39.83  ? 3002 HOH A O   1 
HETATM 1588 O O   . HOH G 3 .   ? -11.381 6.193   -0.313  1.00 23.32  ? 3003 HOH A O   1 
HETATM 1589 O O   . HOH G 3 .   ? 0.757   -13.041 8.727   1.00 43.12  ? 3004 HOH A O   1 
HETATM 1590 O O   . HOH G 3 .   ? 7.350   -18.926 -3.877  1.00 46.22  ? 3005 HOH A O   1 
HETATM 1591 O O   . HOH G 3 .   ? -13.419 2.638   -8.730  1.00 39.65  ? 3006 HOH A O   1 
HETATM 1592 O O   . HOH G 3 .   ? 2.003   7.932   -15.057 1.00 48.45  ? 3007 HOH A O   1 
HETATM 1593 O O   . HOH G 3 .   ? -14.278 10.889  16.745  1.00 32.47  ? 3008 HOH A O   1 
HETATM 1594 O O   . HOH G 3 .   ? -13.074 16.383  16.429  1.00 33.51  ? 3009 HOH A O   1 
HETATM 1595 O O   . HOH G 3 .   ? -5.760  8.563   23.678  1.00 54.30  ? 3010 HOH A O   1 
HETATM 1596 O O   . HOH G 3 .   ? 12.246  -2.492  6.620   1.00 46.76  ? 3011 HOH A O   1 
HETATM 1597 O O   . HOH G 3 .   ? -5.018  11.741  -6.336  1.00 31.42  ? 3012 HOH A O   1 
HETATM 1598 O O   . HOH G 3 .   ? 9.585   -9.508  8.893   1.00 53.29  ? 3013 HOH A O   1 
HETATM 1599 O O   . HOH G 3 .   ? 22.910  0.943   -6.362  1.00 44.52  ? 3014 HOH A O   1 
HETATM 1600 O O   . HOH G 3 .   ? -15.300 16.346  14.819  1.00 61.07  ? 3015 HOH A O   1 
HETATM 1601 O O   . HOH G 3 .   ? 24.838  -11.191 -2.099  1.00 46.42  ? 3016 HOH A O   1 
HETATM 1602 O O   . HOH G 3 .   ? 21.318  -17.157 -0.283  1.00 70.19  ? 3017 HOH A O   1 
# 
loop_
_pdbx_poly_seq_scheme.asym_id 
_pdbx_poly_seq_scheme.entity_id 
_pdbx_poly_seq_scheme.seq_id 
_pdbx_poly_seq_scheme.mon_id 
_pdbx_poly_seq_scheme.ndb_seq_num 
_pdbx_poly_seq_scheme.pdb_seq_num 
_pdbx_poly_seq_scheme.auth_seq_num 
_pdbx_poly_seq_scheme.pdb_mon_id 
_pdbx_poly_seq_scheme.auth_mon_id 
_pdbx_poly_seq_scheme.pdb_strand_id 
_pdbx_poly_seq_scheme.pdb_ins_code 
_pdbx_poly_seq_scheme.hetero 
A 1 1   MET 1   -13 ?   ?   ?   A . n 
A 1 2   SER 2   -12 ?   ?   ?   A . n 
A 1 3   GLU 3   -11 ?   ?   ?   A . n 
A 1 4   SER 4   -10 ?   ?   ?   A . n 
A 1 5   GLU 5   -9  ?   ?   ?   A . n 
A 1 6   LEU 6   -8  ?   ?   ?   A . n 
A 1 7   LYS 7   -7  ?   ?   ?   A . n 
A 1 8   VAL 8   -6  ?   ?   ?   A . n 
A 1 9   ASN 9   -5  ?   ?   ?   A . n 
A 1 10  GLN 10  -4  ?   ?   ?   A . n 
A 1 11  ALA 11  -3  ?   ?   ?   A . n 
A 1 12  VAL 12  -2  ?   ?   ?   A . n 
A 1 13  ALA 13  -1  ?   ?   ?   A . n 
A 1 14  ALA 14  0   ?   ?   ?   A . n 
A 1 15  ALA 15  1   ?   ?   ?   A . n 
A 1 16  SER 16  2   ?   ?   ?   A . n 
A 1 17  ASP 17  3   ?   ?   ?   A . n 
A 1 18  ASP 18  4   ?   ?   ?   A . n 
A 1 19  ASN 19  5   5   ASN ASN A . n 
A 1 20  VAL 20  6   6   VAL VAL A . n 
A 1 21  PHE 21  7   7   PHE PHE A . n 
A 1 22  GLN 22  8   8   GLN GLN A . n 
A 1 23  PRO 23  9   9   PRO PRO A . n 
A 1 24  VAL 24  10  10  VAL VAL A . n 
A 1 25  ASP 25  11  11  ASP ASP A . n 
A 1 26  GLN 26  12  12  GLN GLN A . n 
A 1 27  LEU 27  13  13  LEU LEU A . n 
A 1 28  PRO 28  14  14  PRO PRO A . n 
A 1 29  GLU 29  15  15  GLU GLU A . n 
A 1 30  ASP 30  16  16  ASP ASP A . n 
A 1 31  LEU 31  17  17  LEU LEU A . n 
A 1 32  ILE 32  18  18  ILE ILE A . n 
A 1 33  PRO 33  19  19  PRO PRO A . n 
A 1 34  SER 34  20  20  SER SER A . n 
A 1 35  SER 35  21  21  SER SER A . n 
A 1 36  ILE 36  22  22  ILE ILE A . n 
A 1 37  GLN 37  23  23  GLN GLN A . n 
A 1 38  VAL 38  24  24  VAL VAL A . n 
A 1 39  LEU 39  25  25  LEU LEU A . n 
A 1 40  LYS 40  26  26  LYS LYS A . n 
A 1 41  PHE 41  27  27  PHE PHE A . n 
A 1 42  SER 42  28  28  SER SER A . n 
A 1 43  GLY 43  29  29  GLY GLY A . n 
A 1 44  LYS 44  30  30  LYS LYS A . n 
A 1 45  TYR 45  31  31  TYR TYR A . n 
A 1 46  LEU 46  32  32  LEU LEU A . n 
A 1 47  LYS 47  33  33  LYS LYS A . n 
A 1 48  LEU 48  34  34  LEU LEU A . n 
A 1 49  GLU 49  35  35  GLU GLU A . n 
A 1 50  GLN 50  36  36  GLN GLN A . n 
A 1 51  ASN 51  37  37  ASN ASN A . n 
A 1 52  LYS 52  38  38  LYS LYS A . n 
A 1 53  ALA 53  39  39  ALA ALA A . n 
A 1 54  TYR 54  40  40  TYR TYR A . n 
A 1 55  PHE 55  41  41  PHE PHE A . n 
A 1 56  ASP 56  42  42  ASP ASP A . n 
A 1 57  TRP 57  43  43  TRP TRP A . n 
A 1 58  PRO 58  44  44  PRO PRO A . n 
A 1 59  GLU 59  45  45  GLU GLU A . n 
A 1 60  PHE 60  46  46  PHE PHE A . n 
A 1 61  LYS 61  47  47  LYS LYS A . n 
A 1 62  THR 62  48  48  THR THR A . n 
A 1 63  ALA 63  49  49  ALA ALA A . n 
A 1 64  ILE 64  50  50  ILE ILE A . n 
A 1 65  ASP 65  51  51  ASP ASP A . n 
A 1 66  ASN 66  52  52  ASN ASN A . n 
A 1 67  TYR 67  53  53  TYR TYR A . n 
A 1 68  THR 68  54  54  THR THR A . n 
A 1 69  GLY 69  55  55  GLY GLY A . n 
A 1 70  GLU 70  56  56  GLU GLU A . n 
A 1 71  ASP 71  57  57  ASP ASP A . n 
A 1 72  LEU 72  58  58  LEU LEU A . n 
A 1 73  SER 73  59  59  SER SER A . n 
A 1 74  PHE 74  60  60  PHE PHE A . n 
A 1 75  ASP 75  61  61  ASP ASP A . n 
A 1 76  LYS 76  62  62  LYS LYS A . n 
A 1 77  TYR 77  63  63  TYR TYR A . n 
A 1 78  ASP 78  64  64  ASP ASP A . n 
A 1 79  GLN 79  65  65  GLN GLN A . n 
A 1 80  SER 80  66  66  SER SER A . n 
A 1 81  THR 81  67  67  THR THR A . n 
A 1 82  ILE 82  68  68  ILE ILE A . n 
A 1 83  ASN 83  69  69  ASN ASN A . n 
A 1 84  GLN 84  70  70  GLN GLN A . n 
A 1 85  ARG 85  71  71  ARG ARG A . n 
A 1 86  GLU 86  72  72  GLU GLU A . n 
A 1 87  GLN 87  73  73  GLN GLN A . n 
A 1 88  GLU 88  74  74  GLU GLU A . n 
A 1 89  VAL 89  75  75  VAL VAL A . n 
A 1 90  GLY 90  76  76  GLY GLY A . n 
A 1 91  SER 91  77  77  SER SER A . n 
A 1 92  MET 92  78  78  MET MET A . n 
A 1 93  VAL 93  79  79  VAL VAL A . n 
A 1 94  ASP 94  80  80  ASP ASP A . n 
A 1 95  LYS 95  81  81  LYS LYS A . n 
A 1 96  ILE 96  82  82  ILE ILE A . n 
A 1 97  ALA 97  83  83  ALA ALA A . n 
A 1 98  LYS 98  84  84  LYS LYS A . n 
A 1 99  PHE 99  85  85  PHE PHE A . n 
A 1 100 LEU 100 86  86  LEU LEU A . n 
A 1 101 ARG 101 87  87  ARG ARG A . n 
A 1 102 ASP 102 88  88  ASP ASP A . n 
A 1 103 ALA 103 89  89  ALA ALA A . n 
A 1 104 PHE 104 90  90  PHE PHE A . n 
A 1 105 SER 105 91  91  SER SER A . n 
A 1 106 ALA 106 92  92  ALA ALA A . n 
A 1 107 VAL 107 93  93  VAL VAL A . n 
A 1 108 VAL 108 94  94  VAL VAL A . n 
A 1 109 ASP 109 95  95  ASP ASP A . n 
A 1 110 LEU 110 96  96  LEU LEU A . n 
A 1 111 SER 111 97  97  SER SER A . n 
A 1 112 LYS 112 98  98  LYS LYS A . n 
A 1 113 LEU 113 99  99  LEU LEU A . n 
A 1 114 GLY 114 100 100 GLY GLY A . n 
A 1 115 ALA 115 101 101 ALA ALA A . n 
A 1 116 ILE 116 102 102 ILE ILE A . n 
A 1 117 ILE 117 103 103 ILE ILE A . n 
A 1 118 LEU 118 104 104 LEU LEU A . n 
A 1 119 ASN 119 105 105 ASN ASN A . n 
A 1 120 THR 120 106 106 THR THR A . n 
A 1 121 PHE 121 107 107 PHE PHE A . n 
A 1 122 THR 122 108 108 THR THR A . n 
A 1 123 ASN 123 109 109 ASN ASN A . n 
A 1 124 LEU 124 110 110 LEU LEU A . n 
A 1 125 GLU 125 111 111 GLU GLU A . n 
A 1 126 GLU 126 112 112 GLU GLU A . n 
A 1 127 GLU 127 113 113 GLU GLU A . n 
A 1 128 SER 128 114 114 SER SER A . n 
A 1 129 SER 129 115 115 SER SER A . n 
A 1 130 SER 130 116 116 SER SER A . n 
A 1 131 GLY 131 117 117 GLY GLY A . n 
A 1 132 PHE 132 118 118 PHE PHE A . n 
A 1 133 LEU 133 119 119 LEU LEU A . n 
A 1 134 GLN 134 120 120 GLN GLN A . n 
A 1 135 PHE 135 121 121 PHE PHE A . n 
A 1 136 SER 136 122 122 SER SER A . n 
A 1 137 THR 137 123 123 THR THR A . n 
A 1 138 ASN 138 124 124 ASN ASN A . n 
A 1 139 ASN 139 125 125 ASN ASN A . n 
A 1 140 VAL 140 126 126 VAL VAL A . n 
A 1 141 LYS 141 127 127 LYS LYS A . n 
A 1 142 LYS 142 128 128 LYS LYS A . n 
A 1 143 ASN 143 129 129 ASN ASN A . n 
A 1 144 SER 144 130 130 SER SER A . n 
A 1 145 SER 145 131 131 SER SER A . n 
A 1 146 TRP 146 132 132 TRP TRP A . n 
A 1 147 GLU 147 133 133 GLU GLU A . n 
A 1 148 TYR 148 134 134 TYR TYR A . n 
A 1 149 ARG 149 135 135 ARG ARG A . n 
A 1 150 VAL 150 136 136 VAL VAL A . n 
A 1 151 LEU 151 137 137 LEU LEU A . n 
A 1 152 PHE 152 138 138 PHE PHE A . n 
A 1 153 SER 153 139 139 SER SER A . n 
A 1 154 VAL 154 140 140 VAL VAL A . n 
A 1 155 PRO 155 141 141 PRO PRO A . n 
A 1 156 PHE 156 142 142 PHE PHE A . n 
A 1 157 GLY 157 143 143 GLY GLY A . n 
A 1 158 ASP 158 144 ?   ?   ?   A . n 
A 1 159 ASN 159 145 ?   ?   ?   A . n 
A 1 160 ALA 160 146 146 ALA ALA A . n 
A 1 161 PRO 161 147 147 PRO PRO A . n 
A 1 162 SER 162 148 148 SER SER A . n 
A 1 163 TYR 163 149 149 TYR TYR A . n 
A 1 164 PHE 164 150 150 PHE PHE A . n 
A 1 165 TYR 165 151 151 TYR TYR A . n 
A 1 166 SER 166 152 152 SER SER A . n 
A 1 167 LEU 167 153 153 LEU LEU A . n 
A 1 168 VAL 168 154 154 VAL VAL A . n 
A 1 169 THR 169 155 155 THR THR A . n 
A 1 170 THR 170 156 156 THR THR A . n 
A 1 171 ILE 171 157 157 ILE ILE A . n 
A 1 172 LEU 172 158 158 LEU LEU A . n 
A 1 173 ILE 173 159 159 ILE ILE A . n 
A 1 174 THR 174 160 160 THR THR A . n 
A 1 175 ALA 175 161 161 ALA ALA A . n 
A 1 176 ASP 176 162 162 ASP ASP A . n 
A 1 177 ILE 177 163 163 ILE ILE A . n 
A 1 178 GLU 178 164 164 GLU GLU A . n 
A 1 179 GLU 179 165 165 GLU GLU A . n 
A 1 180 LYS 180 166 166 LYS LYS A . n 
A 1 181 THR 181 167 167 THR THR A . n 
A 1 182 GLY 182 168 168 GLY GLY A . n 
A 1 183 TRP 183 169 169 TRP TRP A . n 
A 1 184 TRP 184 170 170 TRP TRP A . n 
A 1 185 GLY 185 171 171 GLY GLY A . n 
A 1 186 LEU 186 172 172 LEU LEU A . n 
A 1 187 THR 187 173 173 THR THR A . n 
A 1 188 SER 188 174 174 SER SER A . n 
A 1 189 SER 189 175 175 SER SER A . n 
A 1 190 THR 190 176 176 THR THR A . n 
A 1 191 LYS 191 177 177 LYS LYS A . n 
A 1 192 LYS 192 178 178 LYS LYS A . n 
A 1 193 ASN 193 179 179 ASN ASN A . n 
A 1 194 PHE 194 180 180 PHE PHE A . n 
A 1 195 ALA 195 181 181 ALA ALA A . n 
A 1 196 VAL 196 182 182 VAL VAL A . n 
A 1 197 GLN 197 183 183 GLN GLN A . n 
A 1 198 ILE 198 184 184 ILE ILE A . n 
A 1 199 ASP 199 185 185 ASP ASP A . n 
A 1 200 ALA 200 186 186 ALA ALA A . n 
A 1 201 LEU 201 187 187 LEU LEU A . n 
A 1 202 GLU 202 188 188 GLU GLU A . n 
A 1 203 LEU 203 189 189 LEU LEU A . n 
A 1 204 VAL 204 190 190 VAL VAL A . n 
A 1 205 VAL 205 191 191 VAL VAL A . n 
A 1 206 LYS 206 192 192 LYS LYS A . n 
A 1 207 LYS 207 193 193 LYS LYS A . n 
A 1 208 GLY 208 194 194 GLY GLY A . n 
A 1 209 PHE 209 195 195 PHE PHE A . n 
A 1 210 LYS 210 196 196 LYS LYS A . n 
A 1 211 ALA 211 197 197 ALA ALA A . n 
A 1 212 PRO 212 198 198 PRO PRO A . n 
A 1 213 ASN 213 199 199 ASN ASN A . n 
# 
loop_
_pdbx_nonpoly_scheme.asym_id 
_pdbx_nonpoly_scheme.entity_id 
_pdbx_nonpoly_scheme.mon_id 
_pdbx_nonpoly_scheme.ndb_seq_num 
_pdbx_nonpoly_scheme.pdb_seq_num 
_pdbx_nonpoly_scheme.auth_seq_num 
_pdbx_nonpoly_scheme.pdb_mon_id 
_pdbx_nonpoly_scheme.auth_mon_id 
_pdbx_nonpoly_scheme.pdb_strand_id 
_pdbx_nonpoly_scheme.pdb_ins_code 
B 2 MLI 1  1001 1001 MLI MLA A . 
C 2 MLI 1  1002 1002 MLI MLA A . 
D 2 MLI 1  1003 1003 MLI MLA A . 
E 2 MLI 1  1004 1004 MLI MLA A . 
F 2 MLI 1  1005 1005 MLI MLA A . 
G 3 HOH 1  3001 3001 HOH TIP A . 
G 3 HOH 2  3002 3002 HOH TIP A . 
G 3 HOH 3  3003 3003 HOH TIP A . 
G 3 HOH 4  3004 3004 HOH TIP A . 
G 3 HOH 5  3005 3005 HOH TIP A . 
G 3 HOH 6  3006 3006 HOH TIP A . 
G 3 HOH 7  3007 3007 HOH TIP A . 
G 3 HOH 8  3008 3008 HOH TIP A . 
G 3 HOH 9  3009 3009 HOH TIP A . 
G 3 HOH 10 3010 3010 HOH TIP A . 
G 3 HOH 11 3011 3011 HOH TIP A . 
G 3 HOH 12 3012 3012 HOH TIP A . 
G 3 HOH 13 3013 3013 HOH TIP A . 
G 3 HOH 14 3014 3014 HOH TIP A . 
G 3 HOH 15 3015 3015 HOH TIP A . 
G 3 HOH 16 3016 3016 HOH TIP A . 
G 3 HOH 17 3017 3017 HOH TIP A . 
# 
_pdbx_struct_assembly.id                   1 
_pdbx_struct_assembly.details              author_defined_assembly 
_pdbx_struct_assembly.method_details       ? 
_pdbx_struct_assembly.oligomeric_details   monomeric 
_pdbx_struct_assembly.oligomeric_count     1 
# 
_pdbx_struct_assembly_gen.assembly_id       1 
_pdbx_struct_assembly_gen.oper_expression   1 
_pdbx_struct_assembly_gen.asym_id_list      A,B,C,D,E,F,G 
# 
_pdbx_struct_oper_list.id                   1 
_pdbx_struct_oper_list.type                 'identity operation' 
_pdbx_struct_oper_list.name                 1_555 
_pdbx_struct_oper_list.symmetry_operation   x,y,z 
_pdbx_struct_oper_list.matrix[1][1]         1.0000000000 
_pdbx_struct_oper_list.matrix[1][2]         0.0000000000 
_pdbx_struct_oper_list.matrix[1][3]         0.0000000000 
_pdbx_struct_oper_list.vector[1]            0.0000000000 
_pdbx_struct_oper_list.matrix[2][1]         0.0000000000 
_pdbx_struct_oper_list.matrix[2][2]         1.0000000000 
_pdbx_struct_oper_list.matrix[2][3]         0.0000000000 
_pdbx_struct_oper_list.vector[2]            0.0000000000 
_pdbx_struct_oper_list.matrix[3][1]         0.0000000000 
_pdbx_struct_oper_list.matrix[3][2]         0.0000000000 
_pdbx_struct_oper_list.matrix[3][3]         1.0000000000 
_pdbx_struct_oper_list.vector[3]            0.0000000000 
# 
loop_
_pdbx_audit_revision_history.ordinal 
_pdbx_audit_revision_history.data_content_type 
_pdbx_audit_revision_history.major_revision 
_pdbx_audit_revision_history.minor_revision 
_pdbx_audit_revision_history.revision_date 
1 'Structure model' 1 0 2004-10-05 
2 'Structure model' 1 1 2008-04-27 
3 'Structure model' 1 2 2011-07-13 
4 'Structure model' 1 3 2017-10-04 
5 'Structure model' 1 4 2023-10-25 
# 
_pdbx_audit_revision_details.ordinal             1 
_pdbx_audit_revision_details.revision_ordinal    1 
_pdbx_audit_revision_details.data_content_type   'Structure model' 
_pdbx_audit_revision_details.provider            repository 
_pdbx_audit_revision_details.type                'Initial release' 
_pdbx_audit_revision_details.description         ? 
_pdbx_audit_revision_details.details             ? 
# 
loop_
_pdbx_audit_revision_group.ordinal 
_pdbx_audit_revision_group.revision_ordinal 
_pdbx_audit_revision_group.data_content_type 
_pdbx_audit_revision_group.group 
1 2 'Structure model' 'Version format compliance' 
2 3 'Structure model' 'Version format compliance' 
3 4 'Structure model' 'Refinement description'    
4 5 'Structure model' 'Data collection'           
5 5 'Structure model' 'Database references'       
6 5 'Structure model' 'Derived calculations'      
7 5 'Structure model' 'Refinement description'    
# 
loop_
_pdbx_audit_revision_category.ordinal 
_pdbx_audit_revision_category.revision_ordinal 
_pdbx_audit_revision_category.data_content_type 
_pdbx_audit_revision_category.category 
1 4 'Structure model' software                      
2 5 'Structure model' chem_comp_atom                
3 5 'Structure model' chem_comp_bond                
4 5 'Structure model' database_2                    
5 5 'Structure model' pdbx_initial_refinement_model 
6 5 'Structure model' struct_site                   
# 
loop_
_pdbx_audit_revision_item.ordinal 
_pdbx_audit_revision_item.revision_ordinal 
_pdbx_audit_revision_item.data_content_type 
_pdbx_audit_revision_item.item 
1 5 'Structure model' '_database_2.pdbx_DOI'                
2 5 'Structure model' '_database_2.pdbx_database_accession' 
3 5 'Structure model' '_struct_site.pdbx_auth_asym_id'      
4 5 'Structure model' '_struct_site.pdbx_auth_comp_id'      
5 5 'Structure model' '_struct_site.pdbx_auth_seq_id'       
# 
loop_
_software.name 
_software.version 
_software.date 
_software.type 
_software.contact_author 
_software.contact_author_email 
_software.location 
_software.classification 
_software.language 
_software.citation_id 
_software.pdbx_ordinal 
CNS       1.0 1998 package 'Axel T. Brunger' axel.brunger@yale.edu . refinement     Fortran ? 1 
SCALEPACK .   ?    ?       ?                 ?                     ? 'data scaling' ?       ? 2 
CNS       .   ?    ?       ?                 ?                     ? phasing        ?       ? 3 
# 
loop_
_pdbx_validate_torsion.id 
_pdbx_validate_torsion.PDB_model_num 
_pdbx_validate_torsion.auth_comp_id 
_pdbx_validate_torsion.auth_asym_id 
_pdbx_validate_torsion.auth_seq_id 
_pdbx_validate_torsion.PDB_ins_code 
_pdbx_validate_torsion.label_alt_id 
_pdbx_validate_torsion.phi 
_pdbx_validate_torsion.psi 
1 1 VAL A 10  ? ? -165.12 98.51   
2 1 ASP A 16  ? ? -68.75  5.29    
3 1 ASN A 37  ? ? 70.16   -0.16   
4 1 LEU A 99  ? ? -62.44  -72.34  
5 1 PRO A 141 ? ? -65.24  -168.65 
6 1 PHE A 142 ? ? -124.74 -56.84  
7 1 PRO A 147 ? ? -49.14  -10.61  
# 
loop_
_pdbx_unobs_or_zero_occ_residues.id 
_pdbx_unobs_or_zero_occ_residues.PDB_model_num 
_pdbx_unobs_or_zero_occ_residues.polymer_flag 
_pdbx_unobs_or_zero_occ_residues.occupancy_flag 
_pdbx_unobs_or_zero_occ_residues.auth_asym_id 
_pdbx_unobs_or_zero_occ_residues.auth_comp_id 
_pdbx_unobs_or_zero_occ_residues.auth_seq_id 
_pdbx_unobs_or_zero_occ_residues.PDB_ins_code 
_pdbx_unobs_or_zero_occ_residues.label_asym_id 
_pdbx_unobs_or_zero_occ_residues.label_comp_id 
_pdbx_unobs_or_zero_occ_residues.label_seq_id 
1  1 Y 1 A MET -13 ? A MET 1   
2  1 Y 1 A SER -12 ? A SER 2   
3  1 Y 1 A GLU -11 ? A GLU 3   
4  1 Y 1 A SER -10 ? A SER 4   
5  1 Y 1 A GLU -9  ? A GLU 5   
6  1 Y 1 A LEU -8  ? A LEU 6   
7  1 Y 1 A LYS -7  ? A LYS 7   
8  1 Y 1 A VAL -6  ? A VAL 8   
9  1 Y 1 A ASN -5  ? A ASN 9   
10 1 Y 1 A GLN -4  ? A GLN 10  
11 1 Y 1 A ALA -3  ? A ALA 11  
12 1 Y 1 A VAL -2  ? A VAL 12  
13 1 Y 1 A ALA -1  ? A ALA 13  
14 1 Y 1 A ALA 0   ? A ALA 14  
15 1 Y 1 A ALA 1   ? A ALA 15  
16 1 Y 1 A SER 2   ? A SER 16  
17 1 Y 1 A ASP 3   ? A ASP 17  
18 1 Y 1 A ASP 4   ? A ASP 18  
19 1 Y 1 A ASP 144 ? A ASP 158 
20 1 Y 1 A ASN 145 ? A ASN 159 
# 
loop_
_chem_comp_atom.comp_id 
_chem_comp_atom.atom_id 
_chem_comp_atom.type_symbol 
_chem_comp_atom.pdbx_aromatic_flag 
_chem_comp_atom.pdbx_stereo_config 
_chem_comp_atom.pdbx_ordinal 
ALA N    N N N 1   
ALA CA   C N S 2   
ALA C    C N N 3   
ALA O    O N N 4   
ALA CB   C N N 5   
ALA OXT  O N N 6   
ALA H    H N N 7   
ALA H2   H N N 8   
ALA HA   H N N 9   
ALA HB1  H N N 10  
ALA HB2  H N N 11  
ALA HB3  H N N 12  
ALA HXT  H N N 13  
ARG N    N N N 14  
ARG CA   C N S 15  
ARG C    C N N 16  
ARG O    O N N 17  
ARG CB   C N N 18  
ARG CG   C N N 19  
ARG CD   C N N 20  
ARG NE   N N N 21  
ARG CZ   C N N 22  
ARG NH1  N N N 23  
ARG NH2  N N N 24  
ARG OXT  O N N 25  
ARG H    H N N 26  
ARG H2   H N N 27  
ARG HA   H N N 28  
ARG HB2  H N N 29  
ARG HB3  H N N 30  
ARG HG2  H N N 31  
ARG HG3  H N N 32  
ARG HD2  H N N 33  
ARG HD3  H N N 34  
ARG HE   H N N 35  
ARG HH11 H N N 36  
ARG HH12 H N N 37  
ARG HH21 H N N 38  
ARG HH22 H N N 39  
ARG HXT  H N N 40  
ASN N    N N N 41  
ASN CA   C N S 42  
ASN C    C N N 43  
ASN O    O N N 44  
ASN CB   C N N 45  
ASN CG   C N N 46  
ASN OD1  O N N 47  
ASN ND2  N N N 48  
ASN OXT  O N N 49  
ASN H    H N N 50  
ASN H2   H N N 51  
ASN HA   H N N 52  
ASN HB2  H N N 53  
ASN HB3  H N N 54  
ASN HD21 H N N 55  
ASN HD22 H N N 56  
ASN HXT  H N N 57  
ASP N    N N N 58  
ASP CA   C N S 59  
ASP C    C N N 60  
ASP O    O N N 61  
ASP CB   C N N 62  
ASP CG   C N N 63  
ASP OD1  O N N 64  
ASP OD2  O N N 65  
ASP OXT  O N N 66  
ASP H    H N N 67  
ASP H2   H N N 68  
ASP HA   H N N 69  
ASP HB2  H N N 70  
ASP HB3  H N N 71  
ASP HD2  H N N 72  
ASP HXT  H N N 73  
GLN N    N N N 74  
GLN CA   C N S 75  
GLN C    C N N 76  
GLN O    O N N 77  
GLN CB   C N N 78  
GLN CG   C N N 79  
GLN CD   C N N 80  
GLN OE1  O N N 81  
GLN NE2  N N N 82  
GLN OXT  O N N 83  
GLN H    H N N 84  
GLN H2   H N N 85  
GLN HA   H N N 86  
GLN HB2  H N N 87  
GLN HB3  H N N 88  
GLN HG2  H N N 89  
GLN HG3  H N N 90  
GLN HE21 H N N 91  
GLN HE22 H N N 92  
GLN HXT  H N N 93  
GLU N    N N N 94  
GLU CA   C N S 95  
GLU C    C N N 96  
GLU O    O N N 97  
GLU CB   C N N 98  
GLU CG   C N N 99  
GLU CD   C N N 100 
GLU OE1  O N N 101 
GLU OE2  O N N 102 
GLU OXT  O N N 103 
GLU H    H N N 104 
GLU H2   H N N 105 
GLU HA   H N N 106 
GLU HB2  H N N 107 
GLU HB3  H N N 108 
GLU HG2  H N N 109 
GLU HG3  H N N 110 
GLU HE2  H N N 111 
GLU HXT  H N N 112 
GLY N    N N N 113 
GLY CA   C N N 114 
GLY C    C N N 115 
GLY O    O N N 116 
GLY OXT  O N N 117 
GLY H    H N N 118 
GLY H2   H N N 119 
GLY HA2  H N N 120 
GLY HA3  H N N 121 
GLY HXT  H N N 122 
HOH O    O N N 123 
HOH H1   H N N 124 
HOH H2   H N N 125 
ILE N    N N N 126 
ILE CA   C N S 127 
ILE C    C N N 128 
ILE O    O N N 129 
ILE CB   C N S 130 
ILE CG1  C N N 131 
ILE CG2  C N N 132 
ILE CD1  C N N 133 
ILE OXT  O N N 134 
ILE H    H N N 135 
ILE H2   H N N 136 
ILE HA   H N N 137 
ILE HB   H N N 138 
ILE HG12 H N N 139 
ILE HG13 H N N 140 
ILE HG21 H N N 141 
ILE HG22 H N N 142 
ILE HG23 H N N 143 
ILE HD11 H N N 144 
ILE HD12 H N N 145 
ILE HD13 H N N 146 
ILE HXT  H N N 147 
LEU N    N N N 148 
LEU CA   C N S 149 
LEU C    C N N 150 
LEU O    O N N 151 
LEU CB   C N N 152 
LEU CG   C N N 153 
LEU CD1  C N N 154 
LEU CD2  C N N 155 
LEU OXT  O N N 156 
LEU H    H N N 157 
LEU H2   H N N 158 
LEU HA   H N N 159 
LEU HB2  H N N 160 
LEU HB3  H N N 161 
LEU HG   H N N 162 
LEU HD11 H N N 163 
LEU HD12 H N N 164 
LEU HD13 H N N 165 
LEU HD21 H N N 166 
LEU HD22 H N N 167 
LEU HD23 H N N 168 
LEU HXT  H N N 169 
LYS N    N N N 170 
LYS CA   C N S 171 
LYS C    C N N 172 
LYS O    O N N 173 
LYS CB   C N N 174 
LYS CG   C N N 175 
LYS CD   C N N 176 
LYS CE   C N N 177 
LYS NZ   N N N 178 
LYS OXT  O N N 179 
LYS H    H N N 180 
LYS H2   H N N 181 
LYS HA   H N N 182 
LYS HB2  H N N 183 
LYS HB3  H N N 184 
LYS HG2  H N N 185 
LYS HG3  H N N 186 
LYS HD2  H N N 187 
LYS HD3  H N N 188 
LYS HE2  H N N 189 
LYS HE3  H N N 190 
LYS HZ1  H N N 191 
LYS HZ2  H N N 192 
LYS HZ3  H N N 193 
LYS HXT  H N N 194 
MET N    N N N 195 
MET CA   C N S 196 
MET C    C N N 197 
MET O    O N N 198 
MET CB   C N N 199 
MET CG   C N N 200 
MET SD   S N N 201 
MET CE   C N N 202 
MET OXT  O N N 203 
MET H    H N N 204 
MET H2   H N N 205 
MET HA   H N N 206 
MET HB2  H N N 207 
MET HB3  H N N 208 
MET HG2  H N N 209 
MET HG3  H N N 210 
MET HE1  H N N 211 
MET HE2  H N N 212 
MET HE3  H N N 213 
MET HXT  H N N 214 
MLI C1   C N N 215 
MLI C2   C N N 216 
MLI C3   C N N 217 
MLI O6   O N N 218 
MLI O7   O N N 219 
MLI O8   O N N 220 
MLI O9   O N N 221 
MLI H11  H N N 222 
MLI H12  H N N 223 
PHE N    N N N 224 
PHE CA   C N S 225 
PHE C    C N N 226 
PHE O    O N N 227 
PHE CB   C N N 228 
PHE CG   C Y N 229 
PHE CD1  C Y N 230 
PHE CD2  C Y N 231 
PHE CE1  C Y N 232 
PHE CE2  C Y N 233 
PHE CZ   C Y N 234 
PHE OXT  O N N 235 
PHE H    H N N 236 
PHE H2   H N N 237 
PHE HA   H N N 238 
PHE HB2  H N N 239 
PHE HB3  H N N 240 
PHE HD1  H N N 241 
PHE HD2  H N N 242 
PHE HE1  H N N 243 
PHE HE2  H N N 244 
PHE HZ   H N N 245 
PHE HXT  H N N 246 
PRO N    N N N 247 
PRO CA   C N S 248 
PRO C    C N N 249 
PRO O    O N N 250 
PRO CB   C N N 251 
PRO CG   C N N 252 
PRO CD   C N N 253 
PRO OXT  O N N 254 
PRO H    H N N 255 
PRO HA   H N N 256 
PRO HB2  H N N 257 
PRO HB3  H N N 258 
PRO HG2  H N N 259 
PRO HG3  H N N 260 
PRO HD2  H N N 261 
PRO HD3  H N N 262 
PRO HXT  H N N 263 
SER N    N N N 264 
SER CA   C N S 265 
SER C    C N N 266 
SER O    O N N 267 
SER CB   C N N 268 
SER OG   O N N 269 
SER OXT  O N N 270 
SER H    H N N 271 
SER H2   H N N 272 
SER HA   H N N 273 
SER HB2  H N N 274 
SER HB3  H N N 275 
SER HG   H N N 276 
SER HXT  H N N 277 
THR N    N N N 278 
THR CA   C N S 279 
THR C    C N N 280 
THR O    O N N 281 
THR CB   C N R 282 
THR OG1  O N N 283 
THR CG2  C N N 284 
THR OXT  O N N 285 
THR H    H N N 286 
THR H2   H N N 287 
THR HA   H N N 288 
THR HB   H N N 289 
THR HG1  H N N 290 
THR HG21 H N N 291 
THR HG22 H N N 292 
THR HG23 H N N 293 
THR HXT  H N N 294 
TRP N    N N N 295 
TRP CA   C N S 296 
TRP C    C N N 297 
TRP O    O N N 298 
TRP CB   C N N 299 
TRP CG   C Y N 300 
TRP CD1  C Y N 301 
TRP CD2  C Y N 302 
TRP NE1  N Y N 303 
TRP CE2  C Y N 304 
TRP CE3  C Y N 305 
TRP CZ2  C Y N 306 
TRP CZ3  C Y N 307 
TRP CH2  C Y N 308 
TRP OXT  O N N 309 
TRP H    H N N 310 
TRP H2   H N N 311 
TRP HA   H N N 312 
TRP HB2  H N N 313 
TRP HB3  H N N 314 
TRP HD1  H N N 315 
TRP HE1  H N N 316 
TRP HE3  H N N 317 
TRP HZ2  H N N 318 
TRP HZ3  H N N 319 
TRP HH2  H N N 320 
TRP HXT  H N N 321 
TYR N    N N N 322 
TYR CA   C N S 323 
TYR C    C N N 324 
TYR O    O N N 325 
TYR CB   C N N 326 
TYR CG   C Y N 327 
TYR CD1  C Y N 328 
TYR CD2  C Y N 329 
TYR CE1  C Y N 330 
TYR CE2  C Y N 331 
TYR CZ   C Y N 332 
TYR OH   O N N 333 
TYR OXT  O N N 334 
TYR H    H N N 335 
TYR H2   H N N 336 
TYR HA   H N N 337 
TYR HB2  H N N 338 
TYR HB3  H N N 339 
TYR HD1  H N N 340 
TYR HD2  H N N 341 
TYR HE1  H N N 342 
TYR HE2  H N N 343 
TYR HH   H N N 344 
TYR HXT  H N N 345 
VAL N    N N N 346 
VAL CA   C N S 347 
VAL C    C N N 348 
VAL O    O N N 349 
VAL CB   C N N 350 
VAL CG1  C N N 351 
VAL CG2  C N N 352 
VAL OXT  O N N 353 
VAL H    H N N 354 
VAL H2   H N N 355 
VAL HA   H N N 356 
VAL HB   H N N 357 
VAL HG11 H N N 358 
VAL HG12 H N N 359 
VAL HG13 H N N 360 
VAL HG21 H N N 361 
VAL HG22 H N N 362 
VAL HG23 H N N 363 
VAL HXT  H N N 364 
# 
loop_
_chem_comp_bond.comp_id 
_chem_comp_bond.atom_id_1 
_chem_comp_bond.atom_id_2 
_chem_comp_bond.value_order 
_chem_comp_bond.pdbx_aromatic_flag 
_chem_comp_bond.pdbx_stereo_config 
_chem_comp_bond.pdbx_ordinal 
ALA N   CA   sing N N 1   
ALA N   H    sing N N 2   
ALA N   H2   sing N N 3   
ALA CA  C    sing N N 4   
ALA CA  CB   sing N N 5   
ALA CA  HA   sing N N 6   
ALA C   O    doub N N 7   
ALA C   OXT  sing N N 8   
ALA CB  HB1  sing N N 9   
ALA CB  HB2  sing N N 10  
ALA CB  HB3  sing N N 11  
ALA OXT HXT  sing N N 12  
ARG N   CA   sing N N 13  
ARG N   H    sing N N 14  
ARG N   H2   sing N N 15  
ARG CA  C    sing N N 16  
ARG CA  CB   sing N N 17  
ARG CA  HA   sing N N 18  
ARG C   O    doub N N 19  
ARG C   OXT  sing N N 20  
ARG CB  CG   sing N N 21  
ARG CB  HB2  sing N N 22  
ARG CB  HB3  sing N N 23  
ARG CG  CD   sing N N 24  
ARG CG  HG2  sing N N 25  
ARG CG  HG3  sing N N 26  
ARG CD  NE   sing N N 27  
ARG CD  HD2  sing N N 28  
ARG CD  HD3  sing N N 29  
ARG NE  CZ   sing N N 30  
ARG NE  HE   sing N N 31  
ARG CZ  NH1  sing N N 32  
ARG CZ  NH2  doub N N 33  
ARG NH1 HH11 sing N N 34  
ARG NH1 HH12 sing N N 35  
ARG NH2 HH21 sing N N 36  
ARG NH2 HH22 sing N N 37  
ARG OXT HXT  sing N N 38  
ASN N   CA   sing N N 39  
ASN N   H    sing N N 40  
ASN N   H2   sing N N 41  
ASN CA  C    sing N N 42  
ASN CA  CB   sing N N 43  
ASN CA  HA   sing N N 44  
ASN C   O    doub N N 45  
ASN C   OXT  sing N N 46  
ASN CB  CG   sing N N 47  
ASN CB  HB2  sing N N 48  
ASN CB  HB3  sing N N 49  
ASN CG  OD1  doub N N 50  
ASN CG  ND2  sing N N 51  
ASN ND2 HD21 sing N N 52  
ASN ND2 HD22 sing N N 53  
ASN OXT HXT  sing N N 54  
ASP N   CA   sing N N 55  
ASP N   H    sing N N 56  
ASP N   H2   sing N N 57  
ASP CA  C    sing N N 58  
ASP CA  CB   sing N N 59  
ASP CA  HA   sing N N 60  
ASP C   O    doub N N 61  
ASP C   OXT  sing N N 62  
ASP CB  CG   sing N N 63  
ASP CB  HB2  sing N N 64  
ASP CB  HB3  sing N N 65  
ASP CG  OD1  doub N N 66  
ASP CG  OD2  sing N N 67  
ASP OD2 HD2  sing N N 68  
ASP OXT HXT  sing N N 69  
GLN N   CA   sing N N 70  
GLN N   H    sing N N 71  
GLN N   H2   sing N N 72  
GLN CA  C    sing N N 73  
GLN CA  CB   sing N N 74  
GLN CA  HA   sing N N 75  
GLN C   O    doub N N 76  
GLN C   OXT  sing N N 77  
GLN CB  CG   sing N N 78  
GLN CB  HB2  sing N N 79  
GLN CB  HB3  sing N N 80  
GLN CG  CD   sing N N 81  
GLN CG  HG2  sing N N 82  
GLN CG  HG3  sing N N 83  
GLN CD  OE1  doub N N 84  
GLN CD  NE2  sing N N 85  
GLN NE2 HE21 sing N N 86  
GLN NE2 HE22 sing N N 87  
GLN OXT HXT  sing N N 88  
GLU N   CA   sing N N 89  
GLU N   H    sing N N 90  
GLU N   H2   sing N N 91  
GLU CA  C    sing N N 92  
GLU CA  CB   sing N N 93  
GLU CA  HA   sing N N 94  
GLU C   O    doub N N 95  
GLU C   OXT  sing N N 96  
GLU CB  CG   sing N N 97  
GLU CB  HB2  sing N N 98  
GLU CB  HB3  sing N N 99  
GLU CG  CD   sing N N 100 
GLU CG  HG2  sing N N 101 
GLU CG  HG3  sing N N 102 
GLU CD  OE1  doub N N 103 
GLU CD  OE2  sing N N 104 
GLU OE2 HE2  sing N N 105 
GLU OXT HXT  sing N N 106 
GLY N   CA   sing N N 107 
GLY N   H    sing N N 108 
GLY N   H2   sing N N 109 
GLY CA  C    sing N N 110 
GLY CA  HA2  sing N N 111 
GLY CA  HA3  sing N N 112 
GLY C   O    doub N N 113 
GLY C   OXT  sing N N 114 
GLY OXT HXT  sing N N 115 
HOH O   H1   sing N N 116 
HOH O   H2   sing N N 117 
ILE N   CA   sing N N 118 
ILE N   H    sing N N 119 
ILE N   H2   sing N N 120 
ILE CA  C    sing N N 121 
ILE CA  CB   sing N N 122 
ILE CA  HA   sing N N 123 
ILE C   O    doub N N 124 
ILE C   OXT  sing N N 125 
ILE CB  CG1  sing N N 126 
ILE CB  CG2  sing N N 127 
ILE CB  HB   sing N N 128 
ILE CG1 CD1  sing N N 129 
ILE CG1 HG12 sing N N 130 
ILE CG1 HG13 sing N N 131 
ILE CG2 HG21 sing N N 132 
ILE CG2 HG22 sing N N 133 
ILE CG2 HG23 sing N N 134 
ILE CD1 HD11 sing N N 135 
ILE CD1 HD12 sing N N 136 
ILE CD1 HD13 sing N N 137 
ILE OXT HXT  sing N N 138 
LEU N   CA   sing N N 139 
LEU N   H    sing N N 140 
LEU N   H2   sing N N 141 
LEU CA  C    sing N N 142 
LEU CA  CB   sing N N 143 
LEU CA  HA   sing N N 144 
LEU C   O    doub N N 145 
LEU C   OXT  sing N N 146 
LEU CB  CG   sing N N 147 
LEU CB  HB2  sing N N 148 
LEU CB  HB3  sing N N 149 
LEU CG  CD1  sing N N 150 
LEU CG  CD2  sing N N 151 
LEU CG  HG   sing N N 152 
LEU CD1 HD11 sing N N 153 
LEU CD1 HD12 sing N N 154 
LEU CD1 HD13 sing N N 155 
LEU CD2 HD21 sing N N 156 
LEU CD2 HD22 sing N N 157 
LEU CD2 HD23 sing N N 158 
LEU OXT HXT  sing N N 159 
LYS N   CA   sing N N 160 
LYS N   H    sing N N 161 
LYS N   H2   sing N N 162 
LYS CA  C    sing N N 163 
LYS CA  CB   sing N N 164 
LYS CA  HA   sing N N 165 
LYS C   O    doub N N 166 
LYS C   OXT  sing N N 167 
LYS CB  CG   sing N N 168 
LYS CB  HB2  sing N N 169 
LYS CB  HB3  sing N N 170 
LYS CG  CD   sing N N 171 
LYS CG  HG2  sing N N 172 
LYS CG  HG3  sing N N 173 
LYS CD  CE   sing N N 174 
LYS CD  HD2  sing N N 175 
LYS CD  HD3  sing N N 176 
LYS CE  NZ   sing N N 177 
LYS CE  HE2  sing N N 178 
LYS CE  HE3  sing N N 179 
LYS NZ  HZ1  sing N N 180 
LYS NZ  HZ2  sing N N 181 
LYS NZ  HZ3  sing N N 182 
LYS OXT HXT  sing N N 183 
MET N   CA   sing N N 184 
MET N   H    sing N N 185 
MET N   H2   sing N N 186 
MET CA  C    sing N N 187 
MET CA  CB   sing N N 188 
MET CA  HA   sing N N 189 
MET C   O    doub N N 190 
MET C   OXT  sing N N 191 
MET CB  CG   sing N N 192 
MET CB  HB2  sing N N 193 
MET CB  HB3  sing N N 194 
MET CG  SD   sing N N 195 
MET CG  HG2  sing N N 196 
MET CG  HG3  sing N N 197 
MET SD  CE   sing N N 198 
MET CE  HE1  sing N N 199 
MET CE  HE2  sing N N 200 
MET CE  HE3  sing N N 201 
MET OXT HXT  sing N N 202 
MLI C1  C2   sing N N 203 
MLI C1  C3   sing N N 204 
MLI C1  H11  sing N N 205 
MLI C1  H12  sing N N 206 
MLI C2  O6   doub N N 207 
MLI C2  O7   sing N N 208 
MLI C3  O8   doub N N 209 
MLI C3  O9   sing N N 210 
PHE N   CA   sing N N 211 
PHE N   H    sing N N 212 
PHE N   H2   sing N N 213 
PHE CA  C    sing N N 214 
PHE CA  CB   sing N N 215 
PHE CA  HA   sing N N 216 
PHE C   O    doub N N 217 
PHE C   OXT  sing N N 218 
PHE CB  CG   sing N N 219 
PHE CB  HB2  sing N N 220 
PHE CB  HB3  sing N N 221 
PHE CG  CD1  doub Y N 222 
PHE CG  CD2  sing Y N 223 
PHE CD1 CE1  sing Y N 224 
PHE CD1 HD1  sing N N 225 
PHE CD2 CE2  doub Y N 226 
PHE CD2 HD2  sing N N 227 
PHE CE1 CZ   doub Y N 228 
PHE CE1 HE1  sing N N 229 
PHE CE2 CZ   sing Y N 230 
PHE CE2 HE2  sing N N 231 
PHE CZ  HZ   sing N N 232 
PHE OXT HXT  sing N N 233 
PRO N   CA   sing N N 234 
PRO N   CD   sing N N 235 
PRO N   H    sing N N 236 
PRO CA  C    sing N N 237 
PRO CA  CB   sing N N 238 
PRO CA  HA   sing N N 239 
PRO C   O    doub N N 240 
PRO C   OXT  sing N N 241 
PRO CB  CG   sing N N 242 
PRO CB  HB2  sing N N 243 
PRO CB  HB3  sing N N 244 
PRO CG  CD   sing N N 245 
PRO CG  HG2  sing N N 246 
PRO CG  HG3  sing N N 247 
PRO CD  HD2  sing N N 248 
PRO CD  HD3  sing N N 249 
PRO OXT HXT  sing N N 250 
SER N   CA   sing N N 251 
SER N   H    sing N N 252 
SER N   H2   sing N N 253 
SER CA  C    sing N N 254 
SER CA  CB   sing N N 255 
SER CA  HA   sing N N 256 
SER C   O    doub N N 257 
SER C   OXT  sing N N 258 
SER CB  OG   sing N N 259 
SER CB  HB2  sing N N 260 
SER CB  HB3  sing N N 261 
SER OG  HG   sing N N 262 
SER OXT HXT  sing N N 263 
THR N   CA   sing N N 264 
THR N   H    sing N N 265 
THR N   H2   sing N N 266 
THR CA  C    sing N N 267 
THR CA  CB   sing N N 268 
THR CA  HA   sing N N 269 
THR C   O    doub N N 270 
THR C   OXT  sing N N 271 
THR CB  OG1  sing N N 272 
THR CB  CG2  sing N N 273 
THR CB  HB   sing N N 274 
THR OG1 HG1  sing N N 275 
THR CG2 HG21 sing N N 276 
THR CG2 HG22 sing N N 277 
THR CG2 HG23 sing N N 278 
THR OXT HXT  sing N N 279 
TRP N   CA   sing N N 280 
TRP N   H    sing N N 281 
TRP N   H2   sing N N 282 
TRP CA  C    sing N N 283 
TRP CA  CB   sing N N 284 
TRP CA  HA   sing N N 285 
TRP C   O    doub N N 286 
TRP C   OXT  sing N N 287 
TRP CB  CG   sing N N 288 
TRP CB  HB2  sing N N 289 
TRP CB  HB3  sing N N 290 
TRP CG  CD1  doub Y N 291 
TRP CG  CD2  sing Y N 292 
TRP CD1 NE1  sing Y N 293 
TRP CD1 HD1  sing N N 294 
TRP CD2 CE2  doub Y N 295 
TRP CD2 CE3  sing Y N 296 
TRP NE1 CE2  sing Y N 297 
TRP NE1 HE1  sing N N 298 
TRP CE2 CZ2  sing Y N 299 
TRP CE3 CZ3  doub Y N 300 
TRP CE3 HE3  sing N N 301 
TRP CZ2 CH2  doub Y N 302 
TRP CZ2 HZ2  sing N N 303 
TRP CZ3 CH2  sing Y N 304 
TRP CZ3 HZ3  sing N N 305 
TRP CH2 HH2  sing N N 306 
TRP OXT HXT  sing N N 307 
TYR N   CA   sing N N 308 
TYR N   H    sing N N 309 
TYR N   H2   sing N N 310 
TYR CA  C    sing N N 311 
TYR CA  CB   sing N N 312 
TYR CA  HA   sing N N 313 
TYR C   O    doub N N 314 
TYR C   OXT  sing N N 315 
TYR CB  CG   sing N N 316 
TYR CB  HB2  sing N N 317 
TYR CB  HB3  sing N N 318 
TYR CG  CD1  doub Y N 319 
TYR CG  CD2  sing Y N 320 
TYR CD1 CE1  sing Y N 321 
TYR CD1 HD1  sing N N 322 
TYR CD2 CE2  doub Y N 323 
TYR CD2 HD2  sing N N 324 
TYR CE1 CZ   doub Y N 325 
TYR CE1 HE1  sing N N 326 
TYR CE2 CZ   sing Y N 327 
TYR CE2 HE2  sing N N 328 
TYR CZ  OH   sing N N 329 
TYR OH  HH   sing N N 330 
TYR OXT HXT  sing N N 331 
VAL N   CA   sing N N 332 
VAL N   H    sing N N 333 
VAL N   H2   sing N N 334 
VAL CA  C    sing N N 335 
VAL CA  CB   sing N N 336 
VAL CA  HA   sing N N 337 
VAL C   O    doub N N 338 
VAL C   OXT  sing N N 339 
VAL CB  CG1  sing N N 340 
VAL CB  CG2  sing N N 341 
VAL CB  HB   sing N N 342 
VAL CG1 HG11 sing N N 343 
VAL CG1 HG12 sing N N 344 
VAL CG1 HG13 sing N N 345 
VAL CG2 HG21 sing N N 346 
VAL CG2 HG22 sing N N 347 
VAL CG2 HG23 sing N N 348 
VAL OXT HXT  sing N N 349 
# 
loop_
_pdbx_entity_nonpoly.entity_id 
_pdbx_entity_nonpoly.name 
_pdbx_entity_nonpoly.comp_id 
2 'MALONATE ION' MLI 
3 water          HOH 
# 
_pdbx_initial_refinement_model.id               1 
_pdbx_initial_refinement_model.entity_id_list   ? 
_pdbx_initial_refinement_model.type             'experimental model' 
_pdbx_initial_refinement_model.source_name      PDB 
_pdbx_initial_refinement_model.accession_code   1PP0 
_pdbx_initial_refinement_model.details          ? 
# 
